data_6OM3
#
_entry.id   6OM3
#
_cell.length_a   100.254
_cell.length_b   166.428
_cell.length_c   168.277
_cell.angle_alpha   90.000
_cell.angle_beta   90.280
_cell.angle_gamma   90.000
#
_symmetry.space_group_name_H-M   'P 1 21 1'
#
loop_
_entity.id
_entity.type
_entity.pdbx_description
1 polymer 'Histone H3.2'
2 polymer 'Histone H4'
3 polymer 'Histone H2A'
4 polymer 'Histone H2B 1.1'
5 polymer 'DNA (146-MER)'
6 polymer 'DNA (147-MER)'
7 polymer 'Origin recognition complex subunit 1'
#
loop_
_entity_poly.entity_id
_entity_poly.type
_entity_poly.pdbx_seq_one_letter_code
_entity_poly.pdbx_strand_id
1 'polypeptide(L)'
;ARTKQTARKSTGGKAPRKQLATKAARKSAPATGGVKKPHRYRPGTVALREIRRYQKSTELLIRKLPFQRLVREIAQDFKT
DLRFQSSAVMALQEASEAYLVALFEDTNLCAIHAKRVTIMPKDIQLARRIRGERA
;
A,E,M,Q
2 'polypeptide(L)'
;MSGRGKGGKGLGKGGAKRHRKVLRDNIQGITKPAIRRLARRGGVKRISGLIYEETRGVLKVFLENVIRDAVTYTEHAKRK
TVTAMDVVYALKRQGRTLYGFGG
;
B,F,N,R
3 'polypeptide(L)'
;MSGRGKQGGKTRAKAKTRSSRAGLQFPVGRVHRLLRKGNYAERVGAGAPVYLAAVLEYLTAEILELAGNAARDNKKTRII
PRHLQLAVRNDEELNKLLGRVTIAQGGVLPNIQSVLLPKKTESSKSAKSK
;
C,G,O,S
4 'polypeptide(L)'
;MPEPAKSAPAPKKGSKKAVTKTQKKDGKKRRKTRKESYAIYVYKVLKQVHPDTGISSKAMSIMNSFVNDVFERIAGEASR
LAHYNKRSTITSREIQTAVRLLLPGELAKHAVSEGTKAVTKYTSAK
;
D,H,P,T
5 'polydeoxyribonucleotide'
;(DT)(DC)(DG)(DA)(DG)(DA)(DA)(DT)(DC)(DC)(DC)(DG)(DG)(DT)(DG)(DC)(DC)(DG)(DA)(DG)
(DG)(DC)(DC)(DG)(DC)(DT)(DC)(DA)(DA)(DT)(DT)(DG)(DG)(DT)(DC)(DG)(DT)(DA)(DG)(DA)
(DC)(DA)(DG)(DC)(DT)(DC)(DT)(DA)(DG)(DC)(DA)(DC)(DC)(DG)(DC)(DT)(DT)(DA)(DA)(DA)
(DC)(DG)(DC)(DA)(DC)(DG)(DT)(DA)(DC)(DG)(DG)(DA)(DT)(DT)(DC)(DT)(DC)(DC)(DC)(DC)
(DC)(DG)(DC)(DG)(DT)(DT)(DT)(DT)(DA)(DA)(DC)(DC)(DG)(DC)(DC)(DA)(DA)(DG)(DG)(DG)
(DG)(DA)(DT)(DT)(DA)(DC)(DT)(DC)(DC)(DC)(DT)(DA)(DG)(DT)(DC)(DT)(DC)(DC)(DA)(DG)
(DG)(DC)(DA)(DC)(DG)(DT)(DG)(DT)(DC)(DA)(DG)(DA)(DT)(DA)(DT)(DA)(DT)(DA)(DC)(DA)
(DT)(DC)(DC)(DG)(DA)(DT)
;
I,U
6 'polydeoxyribonucleotide'
;(DA)(DT)(DC)(DG)(DG)(DA)(DT)(DG)(DT)(DA)(DT)(DA)(DT)(DA)(DT)(DC)(DT)(DG)(DA)(DC)
(DA)(DC)(DG)(DT)(DG)(DC)(DC)(DT)(DG)(DG)(DA)(DG)(DA)(DC)(DT)(DA)(DG)(DG)(DG)(DA)
(DG)(DT)(DA)(DA)(DT)(DC)(DC)(DC)(DC)(DT)(DT)(DG)(DG)(DC)(DG)(DG)(DT)(DT)(DA)(DA)
(DA)(DA)(DC)(DG)(DC)(DG)(DG)(DG)(DG)(DG)(DA)(DG)(DA)(DA)(DT)(DC)(DC)(DG)(DT)(DA)
(DC)(DG)(DT)(DG)(DC)(DG)(DT)(DT)(DT)(DA)(DA)(DG)(DC)(DG)(DG)(DT)(DG)(DC)(DT)(DA)
(DG)(DA)(DG)(DC)(DT)(DG)(DT)(DC)(DT)(DA)(DC)(DG)(DA)(DC)(DC)(DA)(DA)(DT)(DT)(DG)
(DA)(DG)(DC)(DG)(DG)(DC)(DC)(DT)(DC)(DG)(DG)(DC)(DA)(DC)(DC)(DG)(DG)(DG)(DA)(DT)
(DT)(DC)(DT)(DC)(DG)(DA)(DT)
;
J,V
7 'polypeptide(L)'
;(ACE)AKTLKDLQGWEIITTDEQGNIIDGGQKRLRRRGAKTEHYLKRSSDGIKLGRGDSVVMHNEAAGTYSVYMIQELRL
NTINNVVELWALTYLRWFEVNPLAHYRQFNPDANILNRPLNYYNKLFSETANKNELYLTAELAELQLFNFIRVANVMDGS
KWEVLKGNVDPERDFTVRYICEPTGEKFVDINIEDVKAYIKKVEPREAQEYLKDLTLPAAHHHHHHHH
;
K,L,W,X
#
loop_
_chem_comp.id
_chem_comp.type
_chem_comp.name
_chem_comp.formula
ACE non-polymer 'ACETYL GROUP' 'C2 H4 O'
DA DNA linking 2'-DEOXYADENOSINE-5'-MONOPHOSPHATE 'C10 H14 N5 O6 P'
DC DNA linking 2'-DEOXYCYTIDINE-5'-MONOPHOSPHATE 'C9 H14 N3 O7 P'
DG DNA linking 2'-DEOXYGUANOSINE-5'-MONOPHOSPHATE 'C10 H14 N5 O7 P'
DT DNA linking THYMIDINE-5'-MONOPHOSPHATE 'C10 H15 N2 O8 P'
#
# COMPACT_ATOMS: atom_id res chain seq x y z
N PRO A 38 59.66 -51.14 58.33
CA PRO A 38 58.56 -50.22 58.65
C PRO A 38 57.96 -49.59 57.39
N HIS A 39 56.84 -50.13 56.92
CA HIS A 39 56.20 -49.59 55.72
C HIS A 39 55.77 -48.15 55.95
N ARG A 40 56.00 -47.30 54.95
CA ARG A 40 55.76 -45.87 55.10
C ARG A 40 55.46 -45.28 53.73
N TYR A 41 54.33 -44.58 53.63
CA TYR A 41 53.93 -43.97 52.37
C TYR A 41 54.63 -42.64 52.17
N ARG A 42 54.92 -42.33 50.91
CA ARG A 42 55.63 -41.10 50.58
C ARG A 42 54.70 -39.90 50.77
N PRO A 43 55.27 -38.73 51.04
CA PRO A 43 54.43 -37.52 51.19
C PRO A 43 53.59 -37.27 49.95
N GLY A 44 52.28 -37.19 50.14
CA GLY A 44 51.33 -36.93 49.07
C GLY A 44 50.42 -38.10 48.76
N THR A 45 50.86 -39.32 49.06
CA THR A 45 50.04 -40.49 48.79
C THR A 45 48.80 -40.51 49.67
N VAL A 46 48.99 -40.39 50.98
CA VAL A 46 47.85 -40.37 51.89
C VAL A 46 46.98 -39.14 51.63
N ALA A 47 47.58 -38.06 51.16
CA ALA A 47 46.79 -36.87 50.81
C ALA A 47 45.83 -37.17 49.66
N LEU A 48 46.33 -37.80 48.60
CA LEU A 48 45.47 -38.17 47.48
C LEU A 48 44.43 -39.20 47.90
N ARG A 49 44.81 -40.13 48.78
CA ARG A 49 43.86 -41.12 49.27
C ARG A 49 42.74 -40.45 50.07
N GLU A 50 43.08 -39.44 50.88
CA GLU A 50 42.07 -38.69 51.60
C GLU A 50 41.19 -37.88 50.64
N ILE A 51 41.78 -37.35 49.57
CA ILE A 51 40.98 -36.66 48.54
C ILE A 51 39.94 -37.61 47.97
N ARG A 52 40.38 -38.81 47.56
CA ARG A 52 39.45 -39.77 46.99
C ARG A 52 38.42 -40.23 48.03
N ARG A 53 38.84 -40.35 49.29
CA ARG A 53 37.94 -40.84 50.34
C ARG A 53 36.86 -39.81 50.68
N TYR A 54 37.22 -38.53 50.70
CA TYR A 54 36.27 -37.48 51.05
C TYR A 54 35.61 -36.84 49.83
N GLN A 55 35.91 -37.32 48.62
CA GLN A 55 35.17 -36.86 47.45
C GLN A 55 34.07 -37.81 47.02
N LYS A 56 34.09 -39.06 47.49
CA LYS A 56 33.07 -40.05 47.14
C LYS A 56 31.98 -40.15 48.18
N SER A 57 31.99 -39.31 49.21
CA SER A 57 31.01 -39.35 50.29
C SER A 57 30.40 -37.97 50.47
N THR A 58 29.30 -37.91 51.21
CA THR A 58 28.53 -36.68 51.38
C THR A 58 28.32 -36.28 52.84
N GLU A 59 28.99 -36.94 53.78
CA GLU A 59 28.78 -36.63 55.18
C GLU A 59 29.41 -35.28 55.53
N LEU A 60 28.89 -34.66 56.59
CA LEU A 60 29.45 -33.39 57.02
C LEU A 60 30.81 -33.63 57.67
N LEU A 61 31.79 -32.79 57.29
CA LEU A 61 33.17 -32.97 57.70
C LEU A 61 33.57 -32.16 58.92
N ILE A 62 32.70 -31.26 59.40
CA ILE A 62 32.93 -30.53 60.63
C ILE A 62 32.15 -31.20 61.75
N ARG A 63 32.71 -31.16 62.95
CA ARG A 63 32.03 -31.72 64.11
C ARG A 63 30.75 -30.92 64.39
N LYS A 64 29.68 -31.65 64.75
CA LYS A 64 28.35 -31.04 64.78
C LYS A 64 28.20 -30.08 65.96
N LEU A 65 28.49 -30.56 67.17
CA LEU A 65 28.27 -29.74 68.37
C LEU A 65 29.15 -28.50 68.43
N PRO A 66 30.45 -28.56 68.12
CA PRO A 66 31.22 -27.30 68.02
C PRO A 66 30.60 -26.32 67.04
N PHE A 67 30.09 -26.81 65.90
CA PHE A 67 29.47 -25.91 64.93
C PHE A 67 28.18 -25.30 65.47
N GLN A 68 27.36 -26.11 66.16
CA GLN A 68 26.12 -25.58 66.72
C GLN A 68 26.42 -24.51 67.77
N ARG A 69 27.40 -24.77 68.64
CA ARG A 69 27.79 -23.77 69.61
C ARG A 69 28.35 -22.52 68.93
N LEU A 70 29.09 -22.67 67.83
CA LEU A 70 29.58 -21.50 67.10
C LEU A 70 28.43 -20.68 66.54
N VAL A 71 27.43 -21.36 65.94
CA VAL A 71 26.28 -20.65 65.41
C VAL A 71 25.56 -19.89 66.51
N ARG A 72 25.39 -20.52 67.68
CA ARG A 72 24.73 -19.84 68.78
C ARG A 72 25.54 -18.65 69.28
N GLU A 73 26.87 -18.80 69.33
CA GLU A 73 27.72 -17.69 69.76
C GLU A 73 27.66 -16.53 68.79
N ILE A 74 27.55 -16.82 67.49
CA ILE A 74 27.42 -15.75 66.51
C ILE A 74 26.05 -15.10 66.60
N ALA A 75 25.01 -15.88 66.88
CA ALA A 75 23.67 -15.34 66.88
C ALA A 75 23.35 -14.57 68.15
N GLN A 76 24.04 -14.88 69.26
CA GLN A 76 23.74 -14.19 70.51
C GLN A 76 24.10 -12.70 70.46
N ASP A 77 24.82 -12.25 69.42
CA ASP A 77 25.10 -10.84 69.26
C ASP A 77 23.98 -10.08 68.55
N PHE A 78 22.98 -10.78 68.03
CA PHE A 78 21.86 -10.17 67.31
C PHE A 78 20.60 -10.11 68.14
N LYS A 79 20.22 -11.23 68.76
CA LYS A 79 19.11 -11.28 69.71
C LYS A 79 19.48 -12.22 70.82
N THR A 80 19.21 -11.80 72.05
CA THR A 80 19.54 -12.62 73.21
C THR A 80 18.54 -13.76 73.37
N ASP A 81 19.04 -14.91 73.83
CA ASP A 81 18.22 -16.06 74.19
C ASP A 81 17.37 -16.54 73.00
N LEU A 82 18.07 -16.86 71.92
CA LEU A 82 17.43 -17.40 70.73
C LEU A 82 17.41 -18.91 70.77
N ARG A 83 16.44 -19.49 70.06
CA ARG A 83 16.33 -20.94 69.91
C ARG A 83 16.47 -21.29 68.44
N PHE A 84 16.87 -22.53 68.18
CA PHE A 84 17.16 -22.99 66.83
C PHE A 84 16.50 -24.34 66.59
N GLN A 85 15.83 -24.48 65.44
CA GLN A 85 15.41 -25.80 64.99
C GLN A 85 16.64 -26.61 64.61
N SER A 86 16.59 -27.91 64.88
CA SER A 86 17.68 -28.78 64.44
C SER A 86 17.96 -28.61 62.96
N SER A 87 16.90 -28.53 62.15
CA SER A 87 17.05 -28.30 60.73
C SER A 87 17.72 -26.98 60.42
N ALA A 88 17.56 -25.97 61.29
CA ALA A 88 18.20 -24.68 61.03
C ALA A 88 19.73 -24.81 61.08
N VAL A 89 20.25 -25.36 62.17
CA VAL A 89 21.71 -25.49 62.26
C VAL A 89 22.22 -26.53 61.27
N MET A 90 21.42 -27.55 60.94
CA MET A 90 21.86 -28.51 59.94
C MET A 90 21.95 -27.87 58.55
N ALA A 91 20.98 -27.03 58.18
CA ALA A 91 21.06 -26.32 56.91
C ALA A 91 22.23 -25.32 56.93
N LEU A 92 22.45 -24.66 58.06
CA LEU A 92 23.60 -23.77 58.17
C LEU A 92 24.90 -24.53 57.92
N GLN A 93 25.04 -25.72 58.51
CA GLN A 93 26.28 -26.50 58.33
C GLN A 93 26.40 -27.00 56.90
N GLU A 94 25.30 -27.44 56.30
CA GLU A 94 25.35 -27.85 54.91
C GLU A 94 25.84 -26.71 54.02
N ALA A 95 25.22 -25.53 54.14
CA ALA A 95 25.63 -24.39 53.32
C ALA A 95 27.07 -23.98 53.62
N SER A 96 27.48 -24.03 54.88
CA SER A 96 28.83 -23.62 55.24
C SER A 96 29.86 -24.55 54.62
N GLU A 97 29.67 -25.85 54.78
CA GLU A 97 30.63 -26.79 54.21
C GLU A 97 30.64 -26.72 52.69
N ALA A 98 29.47 -26.51 52.06
CA ALA A 98 29.45 -26.33 50.61
C ALA A 98 30.27 -25.12 50.20
N TYR A 99 30.04 -23.97 50.84
CA TYR A 99 30.79 -22.76 50.52
C TYR A 99 32.28 -22.97 50.71
N LEU A 100 32.67 -23.64 51.80
CA LEU A 100 34.09 -23.85 52.05
C LEU A 100 34.71 -24.80 51.02
N VAL A 101 33.99 -25.84 50.60
CA VAL A 101 34.53 -26.74 49.59
C VAL A 101 34.71 -26.03 48.27
N ALA A 102 33.73 -25.20 47.88
CA ALA A 102 33.85 -24.45 46.62
C ALA A 102 35.01 -23.46 46.69
N LEU A 103 35.12 -22.73 47.80
CA LEU A 103 36.24 -21.80 47.97
C LEU A 103 37.57 -22.53 47.96
N PHE A 104 37.62 -23.75 48.49
CA PHE A 104 38.87 -24.51 48.48
C PHE A 104 39.22 -24.97 47.08
N GLU A 105 38.21 -25.32 46.27
CA GLU A 105 38.47 -25.66 44.88
C GLU A 105 39.06 -24.45 44.14
N ASP A 106 38.44 -23.28 44.31
CA ASP A 106 38.97 -22.08 43.66
C ASP A 106 40.37 -21.72 44.18
N THR A 107 40.60 -21.92 45.48
CA THR A 107 41.89 -21.62 46.08
C THR A 107 42.97 -22.57 45.56
N ASN A 108 42.64 -23.84 45.40
CA ASN A 108 43.59 -24.79 44.83
C ASN A 108 43.89 -24.45 43.37
N LEU A 109 42.87 -23.99 42.62
CA LEU A 109 43.15 -23.52 41.26
C LEU A 109 44.07 -22.32 41.27
N CYS A 110 43.89 -21.40 42.23
CA CYS A 110 44.77 -20.24 42.33
C CYS A 110 46.20 -20.64 42.73
N ALA A 111 46.34 -21.65 43.58
CA ALA A 111 47.67 -22.12 43.96
C ALA A 111 48.36 -22.82 42.79
N ILE A 112 47.62 -23.62 42.03
CA ILE A 112 48.19 -24.25 40.84
C ILE A 112 48.56 -23.19 39.80
N HIS A 113 47.77 -22.12 39.71
CA HIS A 113 48.08 -21.05 38.75
C HIS A 113 49.44 -20.43 39.03
N ALA A 114 49.86 -20.38 40.29
CA ALA A 114 51.19 -19.92 40.66
C ALA A 114 52.23 -21.03 40.61
N LYS A 115 51.95 -22.12 39.89
CA LYS A 115 52.86 -23.25 39.77
C LYS A 115 53.21 -23.84 41.13
N ARG A 116 52.20 -23.93 42.00
CA ARG A 116 52.36 -24.48 43.34
C ARG A 116 51.27 -25.51 43.60
N VAL A 117 51.55 -26.41 44.54
CA VAL A 117 50.60 -27.43 44.96
C VAL A 117 50.08 -27.19 46.37
N THR A 118 50.57 -26.17 47.05
CA THR A 118 50.21 -25.87 48.43
C THR A 118 49.34 -24.62 48.45
N ILE A 119 48.11 -24.75 48.95
CA ILE A 119 47.25 -23.58 49.06
C ILE A 119 47.81 -22.64 50.12
N MET A 120 47.71 -21.34 49.85
CA MET A 120 48.22 -20.32 50.77
C MET A 120 47.17 -19.24 50.98
N PRO A 121 47.23 -18.52 52.11
CA PRO A 121 46.26 -17.44 52.33
C PRO A 121 46.17 -16.45 51.20
N LYS A 122 47.26 -16.21 50.47
CA LYS A 122 47.20 -15.35 49.29
C LYS A 122 46.25 -15.92 48.24
N ASP A 123 46.21 -17.25 48.09
CA ASP A 123 45.30 -17.87 47.13
C ASP A 123 43.84 -17.67 47.55
N ILE A 124 43.54 -17.85 48.84
CA ILE A 124 42.18 -17.59 49.32
C ILE A 124 41.80 -16.14 49.11
N GLN A 125 42.73 -15.22 49.42
CA GLN A 125 42.46 -13.81 49.23
C GLN A 125 42.17 -13.49 47.77
N LEU A 126 42.97 -14.04 46.85
CA LEU A 126 42.72 -13.82 45.43
C LEU A 126 41.37 -14.39 45.01
N ALA A 127 41.07 -15.61 45.46
CA ALA A 127 39.80 -16.25 45.09
C ALA A 127 38.61 -15.41 45.54
N ARG A 128 38.66 -14.90 46.78
CA ARG A 128 37.56 -14.08 47.27
C ARG A 128 37.57 -12.68 46.68
N ARG A 129 38.70 -12.23 46.14
CA ARG A 129 38.75 -10.95 45.44
C ARG A 129 38.10 -11.03 44.06
N ILE A 130 38.33 -12.15 43.34
CA ILE A 130 37.71 -12.29 42.02
C ILE A 130 36.21 -12.53 42.15
N ARG A 131 35.80 -13.34 43.13
CA ARG A 131 34.38 -13.58 43.36
C ARG A 131 33.64 -12.30 43.74
N GLY A 132 34.35 -11.29 44.23
CA GLY A 132 33.72 -10.06 44.67
C GLY A 132 33.41 -10.00 46.15
N GLU A 133 33.92 -10.96 46.95
CA GLU A 133 33.66 -11.01 48.37
C GLU A 133 34.58 -10.11 49.18
N ARG A 134 35.52 -9.44 48.53
CA ARG A 134 36.43 -8.52 49.21
C ARG A 134 37.06 -7.54 48.24
N HIS B 19 20.79 -17.65 83.66
CA HIS B 19 22.19 -17.86 83.37
C HIS B 19 22.54 -19.04 82.51
N ARG B 20 22.52 -18.80 81.20
CA ARG B 20 22.85 -19.82 80.24
C ARG B 20 24.32 -20.00 80.13
N LYS B 21 24.72 -21.06 79.50
CA LYS B 21 26.13 -21.40 79.45
C LYS B 21 26.88 -20.43 78.54
N VAL B 22 27.95 -19.84 79.05
CA VAL B 22 28.72 -18.87 78.29
C VAL B 22 29.46 -19.57 77.17
N LEU B 23 29.27 -19.07 75.94
CA LEU B 23 29.88 -19.63 74.75
C LEU B 23 31.04 -18.72 74.32
N ARG B 24 32.26 -19.24 74.42
CA ARG B 24 33.45 -18.48 74.09
C ARG B 24 34.41 -19.36 73.30
N ASP B 25 35.19 -18.72 72.42
CA ASP B 25 36.22 -19.39 71.63
C ASP B 25 35.67 -20.60 70.88
N ASN B 26 34.42 -20.50 70.42
CA ASN B 26 33.82 -21.59 69.66
C ASN B 26 34.27 -21.62 68.21
N ILE B 27 34.92 -20.55 67.73
CA ILE B 27 35.52 -20.60 66.40
C ILE B 27 36.68 -21.59 66.38
N GLN B 28 37.32 -21.82 67.53
CA GLN B 28 38.34 -22.85 67.61
C GLN B 28 37.76 -24.25 67.44
N GLY B 29 36.44 -24.41 67.56
CA GLY B 29 35.83 -25.71 67.35
C GLY B 29 36.01 -26.24 65.95
N ILE B 30 36.13 -25.34 64.97
CA ILE B 30 36.52 -25.72 63.61
C ILE B 30 37.98 -26.16 63.66
N THR B 31 38.20 -27.44 64.00
CA THR B 31 39.55 -27.92 64.26
C THR B 31 40.37 -27.95 62.97
N LYS B 32 41.69 -28.05 63.15
CA LYS B 32 42.59 -28.21 62.01
C LYS B 32 42.23 -29.42 61.15
N PRO B 33 41.98 -30.61 61.69
CA PRO B 33 41.59 -31.74 60.82
C PRO B 33 40.28 -31.50 60.09
N ALA B 34 39.37 -30.70 60.66
CA ALA B 34 38.11 -30.41 59.96
C ALA B 34 38.36 -29.60 58.70
N ILE B 35 39.13 -28.52 58.82
CA ILE B 35 39.51 -27.75 57.64
C ILE B 35 40.29 -28.60 56.65
N ARG B 36 41.13 -29.51 57.17
CA ARG B 36 41.87 -30.42 56.31
C ARG B 36 40.93 -31.30 55.49
N ARG B 37 39.91 -31.85 56.13
CA ARG B 37 38.93 -32.68 55.42
C ARG B 37 38.18 -31.86 54.39
N LEU B 38 37.76 -30.64 54.76
CA LEU B 38 37.06 -29.78 53.81
C LEU B 38 37.92 -29.49 52.59
N ALA B 39 39.22 -29.27 52.79
CA ALA B 39 40.11 -29.02 51.65
C ALA B 39 40.33 -30.28 50.83
N ARG B 40 40.41 -31.44 51.49
CA ARG B 40 40.58 -32.70 50.77
C ARG B 40 39.38 -32.98 49.87
N ARG B 41 38.18 -32.62 50.33
CA ARG B 41 37.01 -32.75 49.46
C ARG B 41 37.09 -31.79 48.29
N GLY B 42 37.68 -30.62 48.49
CA GLY B 42 37.93 -29.67 47.42
C GLY B 42 39.11 -29.98 46.54
N GLY B 43 39.74 -31.13 46.73
CA GLY B 43 40.88 -31.54 45.91
C GLY B 43 42.13 -30.73 46.17
N VAL B 44 42.54 -30.63 47.44
CA VAL B 44 43.74 -29.92 47.84
C VAL B 44 44.76 -30.92 48.36
N LYS B 45 45.96 -30.92 47.77
CA LYS B 45 46.97 -31.90 48.12
C LYS B 45 47.86 -31.45 49.28
N ARG B 46 48.29 -30.20 49.28
CA ARG B 46 49.14 -29.66 50.33
C ARG B 46 48.51 -28.41 50.92
N ILE B 47 48.57 -28.28 52.24
CA ILE B 47 47.92 -27.20 52.97
C ILE B 47 48.98 -26.45 53.79
N SER B 48 49.09 -25.15 53.57
CA SER B 48 50.02 -24.33 54.33
C SER B 48 49.54 -24.19 55.78
N GLY B 49 50.46 -23.77 56.65
CA GLY B 49 50.13 -23.67 58.06
C GLY B 49 49.14 -22.56 58.36
N LEU B 50 49.37 -21.38 57.80
CA LEU B 50 48.53 -20.22 58.03
C LEU B 50 47.14 -20.33 57.41
N ILE B 51 46.87 -21.40 56.66
CA ILE B 51 45.60 -21.51 55.94
C ILE B 51 44.44 -21.67 56.92
N TYR B 52 44.65 -22.39 58.02
CA TYR B 52 43.54 -22.75 58.90
C TYR B 52 42.94 -21.53 59.57
N GLU B 53 43.79 -20.60 60.05
CA GLU B 53 43.28 -19.37 60.66
C GLU B 53 42.50 -18.53 59.66
N GLU B 54 43.03 -18.39 58.44
CA GLU B 54 42.32 -17.68 57.37
C GLU B 54 40.96 -18.31 57.12
N THR B 55 40.90 -19.64 57.06
CA THR B 55 39.62 -20.31 56.83
C THR B 55 38.65 -20.06 57.98
N ARG B 56 39.14 -20.08 59.22
CA ARG B 56 38.27 -19.78 60.35
C ARG B 56 37.69 -18.38 60.21
N GLY B 57 38.52 -17.39 59.87
CA GLY B 57 38.02 -16.04 59.67
C GLY B 57 36.97 -15.94 58.57
N VAL B 58 37.25 -16.57 57.43
CA VAL B 58 36.31 -16.50 56.31
C VAL B 58 34.98 -17.15 56.66
N LEU B 59 35.04 -18.30 57.34
CA LEU B 59 33.81 -18.96 57.75
C LEU B 59 33.04 -18.10 58.74
N LYS B 60 33.75 -17.40 59.64
CA LYS B 60 33.06 -16.51 60.57
C LYS B 60 32.33 -15.41 59.82
N VAL B 61 32.97 -14.82 58.80
CA VAL B 61 32.30 -13.78 58.02
C VAL B 61 31.05 -14.32 57.36
N PHE B 62 31.17 -15.47 56.69
CA PHE B 62 30.03 -16.07 55.99
C PHE B 62 28.87 -16.33 56.95
N LEU B 63 29.16 -16.99 58.08
CA LEU B 63 28.11 -17.30 59.03
C LEU B 63 27.51 -16.04 59.63
N GLU B 64 28.32 -15.01 59.86
CA GLU B 64 27.78 -13.76 60.39
C GLU B 64 26.76 -13.18 59.44
N ASN B 65 27.09 -13.08 58.16
CA ASN B 65 26.13 -12.55 57.19
C ASN B 65 24.86 -13.39 57.17
N VAL B 66 24.99 -14.70 56.97
CA VAL B 66 23.81 -15.55 56.83
C VAL B 66 22.95 -15.49 58.08
N ILE B 67 23.57 -15.57 59.27
CA ILE B 67 22.81 -15.61 60.51
C ILE B 67 22.17 -14.27 60.80
N ARG B 68 22.83 -13.16 60.45
CA ARG B 68 22.20 -11.86 60.64
C ARG B 68 20.94 -11.75 59.79
N ASP B 69 21.00 -12.20 58.54
CA ASP B 69 19.80 -12.14 57.71
C ASP B 69 18.71 -13.10 58.21
N ALA B 70 19.11 -14.28 58.69
CA ALA B 70 18.13 -15.23 59.19
C ALA B 70 17.45 -14.74 60.46
N VAL B 71 18.21 -14.11 61.35
CA VAL B 71 17.63 -13.53 62.55
C VAL B 71 16.76 -12.33 62.20
N THR B 72 17.09 -11.60 61.13
CA THR B 72 16.18 -10.56 60.66
C THR B 72 14.86 -11.16 60.23
N TYR B 73 14.90 -12.27 59.47
CA TYR B 73 13.66 -12.92 59.06
C TYR B 73 12.87 -13.42 60.26
N THR B 74 13.55 -14.04 61.24
CA THR B 74 12.87 -14.55 62.43
C THR B 74 12.26 -13.42 63.24
N GLU B 75 12.99 -12.33 63.42
CA GLU B 75 12.48 -11.18 64.16
C GLU B 75 11.29 -10.55 63.46
N HIS B 76 11.31 -10.51 62.13
CA HIS B 76 10.17 -9.96 61.39
C HIS B 76 8.91 -10.76 61.68
N ALA B 77 9.04 -12.08 61.77
CA ALA B 77 7.91 -12.94 62.06
C ALA B 77 7.49 -12.91 63.52
N LYS B 78 8.12 -12.06 64.33
CA LYS B 78 7.83 -11.96 65.77
C LYS B 78 7.98 -13.32 66.45
N ARG B 79 9.07 -14.02 66.13
CA ARG B 79 9.37 -15.33 66.69
C ARG B 79 10.68 -15.28 67.47
N LYS B 80 10.86 -16.27 68.34
CA LYS B 80 12.08 -16.42 69.11
C LYS B 80 12.88 -17.65 68.71
N THR B 81 12.35 -18.49 67.83
CA THR B 81 13.02 -19.70 67.37
C THR B 81 13.41 -19.53 65.91
N VAL B 82 14.71 -19.58 65.63
CA VAL B 82 15.19 -19.49 64.25
C VAL B 82 14.88 -20.82 63.56
N THR B 83 14.01 -20.78 62.56
CA THR B 83 13.59 -21.98 61.85
C THR B 83 14.47 -22.21 60.63
N ALA B 84 14.28 -23.38 60.00
CA ALA B 84 15.04 -23.69 58.79
C ALA B 84 14.66 -22.78 57.63
N MET B 85 13.38 -22.39 57.55
CA MET B 85 12.95 -21.52 56.47
C MET B 85 13.64 -20.16 56.53
N ASP B 86 14.01 -19.70 57.73
CA ASP B 86 14.75 -18.45 57.82
C ASP B 86 16.13 -18.58 57.20
N VAL B 87 16.83 -19.68 57.50
CA VAL B 87 18.14 -19.92 56.88
C VAL B 87 17.99 -20.04 55.38
N VAL B 88 16.95 -20.74 54.91
CA VAL B 88 16.75 -20.91 53.48
C VAL B 88 16.49 -19.58 52.81
N TYR B 89 15.66 -18.73 53.43
CA TYR B 89 15.37 -17.42 52.85
C TYR B 89 16.61 -16.54 52.83
N ALA B 90 17.41 -16.57 53.90
CA ALA B 90 18.62 -15.76 53.93
C ALA B 90 19.60 -16.20 52.86
N LEU B 91 19.82 -17.52 52.74
CA LEU B 91 20.70 -18.03 51.70
C LEU B 91 20.21 -17.64 50.31
N LYS B 92 18.92 -17.83 50.04
CA LYS B 92 18.39 -17.48 48.73
C LYS B 92 18.49 -15.99 48.47
N ARG B 93 18.37 -15.17 49.51
CA ARG B 93 18.61 -13.74 49.36
C ARG B 93 20.06 -13.46 48.99
N GLN B 94 20.99 -14.23 49.53
CA GLN B 94 22.42 -14.06 49.21
C GLN B 94 22.84 -14.78 47.93
N GLY B 95 21.89 -15.25 47.13
CA GLY B 95 22.26 -15.99 45.94
C GLY B 95 22.88 -17.35 46.23
N ARG B 96 22.63 -17.92 47.41
CA ARG B 96 23.15 -19.24 47.77
C ARG B 96 21.99 -20.20 47.98
N THR B 97 21.15 -20.38 46.96
CA THR B 97 19.95 -21.19 47.10
C THR B 97 20.30 -22.59 47.57
N LEU B 98 19.60 -23.04 48.61
CA LEU B 98 19.83 -24.34 49.22
C LEU B 98 18.57 -25.19 49.11
N TYR B 99 18.75 -26.44 48.72
CA TYR B 99 17.66 -27.40 48.64
C TYR B 99 17.70 -28.37 49.82
N GLY B 100 16.56 -28.99 50.08
CA GLY B 100 16.47 -30.01 51.12
C GLY B 100 15.89 -29.55 52.43
N PHE B 101 15.40 -28.31 52.52
CA PHE B 101 14.81 -27.82 53.76
C PHE B 101 13.54 -27.00 53.56
N GLY B 102 13.07 -26.84 52.33
CA GLY B 102 11.87 -26.07 52.06
C GLY B 102 12.13 -24.75 51.37
N LYS C 16 -3.18 19.91 49.80
CA LYS C 16 -2.10 19.49 50.69
C LYS C 16 -1.73 18.03 50.44
N THR C 17 -0.67 17.82 49.66
CA THR C 17 -0.24 16.47 49.30
C THR C 17 0.41 15.78 50.49
N ARG C 18 0.45 14.44 50.42
CA ARG C 18 1.02 13.66 51.51
C ARG C 18 2.53 13.88 51.62
N SER C 19 3.21 14.15 50.51
CA SER C 19 4.62 14.50 50.57
C SER C 19 4.83 15.81 51.32
N SER C 20 3.88 16.74 51.20
CA SER C 20 3.97 17.99 51.94
C SER C 20 3.68 17.78 53.43
N ARG C 21 2.77 16.87 53.76
CA ARG C 21 2.44 16.61 55.16
C ARG C 21 3.56 15.89 55.89
N ALA C 22 4.35 15.09 55.18
CA ALA C 22 5.42 14.32 55.79
C ALA C 22 6.77 15.01 55.72
N GLY C 23 6.83 16.20 55.14
CA GLY C 23 8.08 16.93 55.04
C GLY C 23 9.12 16.22 54.20
N LEU C 24 8.75 15.86 52.97
CA LEU C 24 9.68 15.23 52.04
C LEU C 24 9.58 15.92 50.69
N GLN C 25 10.51 15.56 49.80
CA GLN C 25 10.49 16.05 48.43
C GLN C 25 10.08 15.00 47.41
N PHE C 26 10.17 13.71 47.73
CA PHE C 26 9.77 12.67 46.80
C PHE C 26 8.26 12.43 46.87
N PRO C 27 7.65 12.00 45.76
CA PRO C 27 6.18 11.90 45.71
C PRO C 27 5.68 10.65 46.45
N VAL C 28 5.05 10.91 47.60
CA VAL C 28 4.44 9.81 48.35
C VAL C 28 3.27 9.23 47.57
N GLY C 29 2.51 10.09 46.88
CA GLY C 29 1.41 9.60 46.08
C GLY C 29 1.85 8.71 44.93
N ARG C 30 2.92 9.11 44.24
CA ARG C 30 3.41 8.30 43.13
C ARG C 30 4.00 6.99 43.61
N VAL C 31 4.74 7.02 44.73
CA VAL C 31 5.27 5.79 45.29
C VAL C 31 4.14 4.86 45.70
N HIS C 32 3.07 5.42 46.26
CA HIS C 32 1.91 4.60 46.61
C HIS C 32 1.28 3.99 45.37
N ARG C 33 1.15 4.77 44.30
CA ARG C 33 0.61 4.24 43.06
C ARG C 33 1.47 3.10 42.52
N LEU C 34 2.78 3.27 42.55
CA LEU C 34 3.68 2.25 42.02
C LEU C 34 3.63 0.99 42.88
N LEU C 35 3.52 1.14 44.19
CA LEU C 35 3.42 -0.03 45.06
C LEU C 35 2.10 -0.75 44.86
N ARG C 36 1.01 -0.01 44.63
CA ARG C 36 -0.29 -0.64 44.50
C ARG C 36 -0.41 -1.39 43.17
N LYS C 37 0.12 -0.83 42.09
CA LYS C 37 -0.04 -1.41 40.76
C LYS C 37 1.22 -2.12 40.27
N GLY C 38 2.21 -2.32 41.14
CA GLY C 38 3.42 -3.00 40.77
C GLY C 38 3.41 -4.50 40.98
N ASN C 39 2.26 -5.07 41.38
CA ASN C 39 2.11 -6.51 41.65
C ASN C 39 3.12 -6.97 42.72
N TYR C 40 3.06 -6.32 43.87
CA TYR C 40 3.87 -6.70 45.02
C TYR C 40 3.08 -7.37 46.13
N ALA C 41 1.82 -6.99 46.32
CA ALA C 41 0.95 -7.60 47.32
C ALA C 41 -0.48 -7.17 47.04
N GLU C 42 -1.41 -7.89 47.65
CA GLU C 42 -2.83 -7.60 47.47
C GLU C 42 -3.17 -6.22 48.01
N ARG C 43 -2.71 -5.90 49.22
CA ARG C 43 -2.99 -4.63 49.88
C ARG C 43 -1.68 -3.92 50.21
N VAL C 44 -1.74 -2.60 50.30
CA VAL C 44 -0.60 -1.76 50.61
C VAL C 44 -1.02 -0.74 51.66
N GLY C 45 -0.35 -0.77 52.81
CA GLY C 45 -0.66 0.19 53.85
C GLY C 45 -0.24 1.60 53.46
N ALA C 46 -0.92 2.58 54.06
CA ALA C 46 -0.69 3.98 53.74
C ALA C 46 0.56 4.53 54.42
N GLY C 47 1.26 3.71 55.18
CA GLY C 47 2.50 4.13 55.80
C GLY C 47 3.73 3.66 55.05
N ALA C 48 3.56 2.69 54.15
CA ALA C 48 4.70 2.21 53.37
C ALA C 48 5.22 3.25 52.39
N PRO C 49 4.38 3.97 51.61
CA PRO C 49 4.96 4.96 50.68
C PRO C 49 5.72 6.08 51.38
N VAL C 50 5.26 6.53 52.55
CA VAL C 50 5.98 7.57 53.29
C VAL C 50 7.39 7.10 53.64
N TYR C 51 7.47 5.95 54.31
CA TYR C 51 8.78 5.39 54.69
C TYR C 51 9.67 5.16 53.48
N LEU C 52 9.11 4.59 52.40
CA LEU C 52 9.91 4.29 51.22
C LEU C 52 10.44 5.55 50.55
N ALA C 53 9.59 6.57 50.42
CA ALA C 53 10.03 7.83 49.84
C ALA C 53 11.09 8.51 50.70
N ALA C 54 10.94 8.43 52.03
CA ALA C 54 11.96 9.00 52.91
C ALA C 54 13.31 8.32 52.72
N VAL C 55 13.31 6.99 52.64
CA VAL C 55 14.56 6.27 52.42
C VAL C 55 15.17 6.66 51.07
N LEU C 56 14.34 6.73 50.02
CA LEU C 56 14.85 7.14 48.71
C LEU C 56 15.43 8.54 48.76
N GLU C 57 14.80 9.43 49.52
CA GLU C 57 15.31 10.79 49.63
C GLU C 57 16.67 10.79 50.31
N TYR C 58 16.84 10.01 51.39
CA TYR C 58 18.13 9.94 52.04
C TYR C 58 19.21 9.43 51.10
N LEU C 59 18.90 8.39 50.31
CA LEU C 59 19.91 7.82 49.41
C LEU C 59 20.28 8.81 48.32
N THR C 60 19.28 9.45 47.71
CA THR C 60 19.56 10.49 46.72
C THR C 60 20.41 11.60 47.31
N ALA C 61 20.10 12.01 48.56
CA ALA C 61 20.88 13.05 49.21
C ALA C 61 22.33 12.63 49.41
N GLU C 62 22.54 11.41 49.90
CA GLU C 62 23.91 10.92 50.13
C GLU C 62 24.71 10.94 48.83
N ILE C 63 24.15 10.34 47.78
CA ILE C 63 24.89 10.26 46.52
C ILE C 63 25.14 11.65 45.96
N LEU C 64 24.13 12.53 46.01
CA LEU C 64 24.31 13.84 45.42
C LEU C 64 25.29 14.68 46.22
N GLU C 65 25.32 14.54 47.54
CA GLU C 65 26.28 15.33 48.31
C GLU C 65 27.71 14.85 48.08
N LEU C 66 27.92 13.53 48.08
CA LEU C 66 29.27 13.04 47.77
C LEU C 66 29.69 13.39 46.35
N ALA C 67 28.75 13.36 45.39
CA ALA C 67 29.07 13.71 44.02
C ALA C 67 29.36 15.20 43.88
N GLY C 68 28.65 16.04 44.63
CA GLY C 68 28.95 17.45 44.61
C GLY C 68 30.30 17.76 45.21
N ASN C 69 30.67 17.05 46.27
CA ASN C 69 32.02 17.19 46.82
C ASN C 69 33.06 16.82 45.78
N ALA C 70 32.90 15.65 45.14
CA ALA C 70 33.85 15.23 44.11
C ALA C 70 33.87 16.17 42.92
N ALA C 71 32.74 16.82 42.61
CA ALA C 71 32.69 17.74 41.48
C ALA C 71 33.39 19.05 41.81
N ARG C 72 33.19 19.57 43.02
CA ARG C 72 33.93 20.75 43.44
C ARG C 72 35.43 20.45 43.52
N ASP C 73 35.81 19.24 43.91
CA ASP C 73 37.21 18.88 43.87
C ASP C 73 37.73 18.79 42.44
N ASN C 74 36.85 18.59 41.46
CA ASN C 74 37.22 18.62 40.05
C ASN C 74 36.99 19.99 39.42
N LYS C 75 36.72 21.02 40.25
CA LYS C 75 36.54 22.39 39.79
C LYS C 75 35.41 22.52 38.78
N LYS C 76 34.37 21.70 38.92
CA LYS C 76 33.23 21.73 38.01
C LYS C 76 31.96 21.89 38.84
N THR C 77 31.10 22.83 38.44
CA THR C 77 29.86 23.11 39.14
C THR C 77 28.71 22.22 38.70
N ARG C 78 28.86 21.50 37.58
CA ARG C 78 27.84 20.58 37.09
C ARG C 78 28.29 19.14 37.33
N ILE C 79 27.37 18.31 37.80
CA ILE C 79 27.67 16.92 38.10
C ILE C 79 27.55 16.09 36.83
N ILE C 80 28.65 15.50 36.40
CA ILE C 80 28.64 14.57 35.26
C ILE C 80 28.67 13.16 35.83
N PRO C 81 28.44 12.12 35.01
CA PRO C 81 28.51 10.75 35.55
C PRO C 81 29.83 10.40 36.21
N ARG C 82 30.94 11.01 35.78
CA ARG C 82 32.23 10.71 36.39
C ARG C 82 32.24 11.05 37.88
N HIS C 83 31.61 12.16 38.24
CA HIS C 83 31.52 12.53 39.65
C HIS C 83 30.71 11.50 40.43
N LEU C 84 29.63 11.00 39.84
CA LEU C 84 28.83 9.94 40.47
C LEU C 84 29.67 8.68 40.69
N GLN C 85 30.39 8.24 39.66
CA GLN C 85 31.20 7.05 39.79
C GLN C 85 32.27 7.23 40.85
N LEU C 86 32.92 8.40 40.89
CA LEU C 86 33.92 8.66 41.92
C LEU C 86 33.31 8.61 43.31
N ALA C 87 32.18 9.30 43.50
CA ALA C 87 31.54 9.33 44.83
C ALA C 87 31.11 7.94 45.27
N VAL C 88 30.57 7.14 44.34
CA VAL C 88 30.07 5.82 44.70
C VAL C 88 31.23 4.88 45.01
N ARG C 89 32.23 4.82 44.13
CA ARG C 89 33.32 3.87 44.33
C ARG C 89 34.25 4.28 45.45
N ASN C 90 34.26 5.57 45.83
CA ASN C 90 35.09 5.97 46.97
C ASN C 90 34.39 5.75 48.30
N ASP C 91 33.07 5.65 48.31
CA ASP C 91 32.32 5.36 49.53
C ASP C 91 32.09 3.86 49.63
N GLU C 92 32.49 3.28 50.77
CA GLU C 92 32.46 1.83 50.93
C GLU C 92 31.04 1.28 50.83
N GLU C 93 30.13 1.83 51.63
CA GLU C 93 28.78 1.27 51.71
C GLU C 93 27.99 1.52 50.43
N LEU C 94 28.21 2.66 49.77
CA LEU C 94 27.55 2.89 48.49
C LEU C 94 28.05 1.93 47.43
N ASN C 95 29.36 1.70 47.38
CA ASN C 95 29.92 0.73 46.43
C ASN C 95 29.39 -0.67 46.71
N LYS C 96 29.26 -1.02 47.99
CA LYS C 96 28.64 -2.30 48.34
C LYS C 96 27.17 -2.34 47.93
N LEU C 97 26.52 -1.18 47.91
CA LEU C 97 25.12 -1.12 47.47
C LEU C 97 25.01 -1.31 45.97
N LEU C 98 25.94 -0.75 45.21
CA LEU C 98 25.90 -0.88 43.76
C LEU C 98 27.01 -1.80 43.26
N GLY C 99 27.17 -2.94 43.90
CA GLY C 99 28.19 -3.91 43.51
C GLY C 99 28.02 -4.40 42.09
N ARG C 100 26.94 -5.12 41.83
CA ARG C 100 26.64 -5.62 40.49
C ARG C 100 25.94 -4.58 39.62
N VAL C 101 26.36 -3.32 39.71
CA VAL C 101 25.74 -2.23 38.97
C VAL C 101 26.82 -1.45 38.25
N THR C 102 26.55 -1.11 36.99
CA THR C 102 27.50 -0.40 36.14
C THR C 102 26.99 0.99 35.84
N ILE C 103 27.77 2.01 36.21
CA ILE C 103 27.45 3.39 35.92
C ILE C 103 28.04 3.75 34.57
N ALA C 104 27.18 4.08 33.61
CA ALA C 104 27.66 4.46 32.29
C ALA C 104 28.38 5.81 32.35
N GLN C 105 29.37 5.97 31.46
CA GLN C 105 30.16 7.19 31.35
C GLN C 105 30.85 7.56 32.67
N GLY C 106 31.19 6.55 33.46
CA GLY C 106 31.77 6.79 34.77
C GLY C 106 33.24 6.43 34.86
N GLY C 107 33.71 5.60 33.94
CA GLY C 107 35.10 5.19 33.99
C GLY C 107 35.39 4.34 35.21
N VAL C 108 36.65 4.42 35.67
CA VAL C 108 37.10 3.64 36.81
C VAL C 108 37.93 4.53 37.73
N LEU C 109 38.12 4.05 38.95
CA LEU C 109 38.97 4.76 39.90
C LEU C 109 40.44 4.61 39.50
N PRO C 110 41.25 5.66 39.65
CA PRO C 110 42.68 5.53 39.37
C PRO C 110 43.38 4.67 40.40
N ASN C 111 43.81 3.47 39.99
CA ASN C 111 44.54 2.57 40.88
C ASN C 111 45.47 1.70 40.07
N ILE C 112 46.77 1.80 40.35
CA ILE C 112 47.79 0.99 39.71
C ILE C 112 48.49 0.17 40.79
N GLN C 113 48.68 -1.12 40.53
CA GLN C 113 49.28 -2.01 41.52
C GLN C 113 50.71 -1.57 41.83
N SER C 114 51.12 -1.81 43.07
CA SER C 114 52.44 -1.40 43.51
C SER C 114 53.56 -2.19 42.85
N VAL C 115 53.24 -3.34 42.24
CA VAL C 115 54.25 -4.13 41.55
C VAL C 115 54.70 -3.43 40.27
N LEU C 116 53.79 -2.72 39.61
CA LEU C 116 54.03 -2.16 38.30
C LEU C 116 54.64 -0.76 38.33
N LEU C 117 55.02 -0.28 39.51
CA LEU C 117 55.67 1.03 39.59
C LEU C 117 57.13 0.91 39.16
N PRO C 118 57.67 1.91 38.47
CA PRO C 118 59.04 1.82 37.96
C PRO C 118 60.06 1.84 39.10
N LYS C 119 61.26 1.34 38.78
CA LYS C 119 62.34 1.25 39.75
C LYS C 119 63.43 2.29 39.44
N THR D 33 2.83 10.68 24.32
CA THR D 33 2.21 10.63 25.63
C THR D 33 3.23 11.03 26.70
N ARG D 34 2.76 11.18 27.94
CA ARG D 34 3.61 11.56 29.06
C ARG D 34 4.26 10.34 29.67
N LYS D 35 5.59 10.38 29.79
CA LYS D 35 6.36 9.33 30.45
C LYS D 35 7.17 9.98 31.57
N GLU D 36 6.74 9.76 32.81
CA GLU D 36 7.26 10.47 33.97
C GLU D 36 8.59 9.88 34.44
N SER D 37 9.21 10.58 35.39
CA SER D 37 10.49 10.16 35.95
C SER D 37 10.58 10.76 37.36
N TYR D 38 11.83 10.87 37.86
CA TYR D 38 12.10 11.42 39.17
C TYR D 38 13.00 12.65 39.07
N ALA D 39 12.88 13.40 37.98
CA ALA D 39 13.82 14.48 37.69
C ALA D 39 13.65 15.65 38.67
N ILE D 40 12.43 16.13 38.82
CA ILE D 40 12.21 17.35 39.61
C ILE D 40 12.57 17.11 41.07
N TYR D 41 12.31 15.91 41.58
CA TYR D 41 12.57 15.60 42.98
C TYR D 41 14.07 15.48 43.25
N VAL D 42 14.81 14.83 42.35
CA VAL D 42 16.26 14.77 42.47
C VAL D 42 16.84 16.17 42.35
N TYR D 43 16.24 17.03 41.54
CA TYR D 43 16.73 18.39 41.42
C TYR D 43 16.52 19.16 42.72
N LYS D 44 15.34 19.01 43.33
CA LYS D 44 15.09 19.63 44.63
C LYS D 44 16.10 19.15 45.66
N VAL D 45 16.34 17.83 45.72
CA VAL D 45 17.27 17.28 46.69
C VAL D 45 18.67 17.82 46.44
N LEU D 46 19.08 17.91 45.17
CA LEU D 46 20.41 18.43 44.86
C LEU D 46 20.54 19.89 45.29
N LYS D 47 19.53 20.70 44.99
CA LYS D 47 19.55 22.10 45.43
C LYS D 47 19.50 22.22 46.94
N GLN D 48 18.98 21.21 47.63
CA GLN D 48 18.99 21.25 49.09
C GLN D 48 20.38 20.92 49.65
N VAL D 49 21.02 19.88 49.13
CA VAL D 49 22.33 19.50 49.67
C VAL D 49 23.44 20.36 49.10
N HIS D 50 23.33 20.79 47.84
CA HIS D 50 24.31 21.66 47.21
C HIS D 50 23.57 22.72 46.42
N PRO D 51 23.37 23.92 46.99
CA PRO D 51 22.53 24.92 46.32
C PRO D 51 23.11 25.44 45.02
N ASP D 52 24.44 25.44 44.87
CA ASP D 52 25.05 25.96 43.65
C ASP D 52 25.71 24.84 42.85
N THR D 53 24.94 23.81 42.51
CA THR D 53 25.46 22.66 41.77
C THR D 53 24.40 22.13 40.83
N GLY D 54 24.73 22.07 39.54
CA GLY D 54 23.86 21.47 38.54
C GLY D 54 24.22 20.01 38.29
N ILE D 55 23.45 19.40 37.39
CA ILE D 55 23.63 17.99 37.04
C ILE D 55 23.38 17.82 35.54
N SER D 56 24.19 16.98 34.92
CA SER D 56 24.05 16.72 33.49
C SER D 56 22.85 15.79 33.23
N SER D 57 22.39 15.80 31.98
CA SER D 57 21.25 14.96 31.62
C SER D 57 21.59 13.48 31.73
N LYS D 58 22.82 13.10 31.38
CA LYS D 58 23.23 11.71 31.53
C LYS D 58 23.29 11.32 33.01
N ALA D 59 23.89 12.17 33.84
CA ALA D 59 23.88 11.92 35.28
C ALA D 59 22.46 11.95 35.83
N MET D 60 21.59 12.78 35.25
CA MET D 60 20.18 12.78 35.63
C MET D 60 19.53 11.42 35.37
N SER D 61 19.77 10.87 34.18
CA SER D 61 19.22 9.55 33.85
C SER D 61 19.82 8.48 34.76
N ILE D 62 21.11 8.63 35.10
CA ILE D 62 21.75 7.67 36.02
C ILE D 62 21.07 7.71 37.38
N MET D 63 20.80 8.92 37.88
CA MET D 63 20.14 9.06 39.18
C MET D 63 18.73 8.47 39.13
N ASN D 64 18.02 8.70 38.03
CA ASN D 64 16.68 8.14 37.88
C ASN D 64 16.70 6.62 37.88
N SER D 65 17.65 6.02 37.14
CA SER D 65 17.80 4.57 37.14
C SER D 65 18.13 4.05 38.53
N PHE D 66 19.01 4.75 39.26
CA PHE D 66 19.35 4.36 40.62
C PHE D 66 18.12 4.37 41.52
N VAL D 67 17.32 5.43 41.44
CA VAL D 67 16.11 5.52 42.26
C VAL D 67 15.18 4.35 41.95
N ASN D 68 14.90 4.11 40.66
CA ASN D 68 13.99 3.03 40.30
C ASN D 68 14.53 1.67 40.72
N ASP D 69 15.84 1.47 40.59
CA ASP D 69 16.45 0.20 40.98
C ASP D 69 16.30 -0.05 42.47
N VAL D 70 16.66 0.95 43.29
CA VAL D 70 16.50 0.78 44.73
C VAL D 70 15.03 0.55 45.08
N PHE D 71 14.13 1.26 44.41
CA PHE D 71 12.70 1.08 44.66
C PHE D 71 12.27 -0.35 44.41
N GLU D 72 12.62 -0.90 43.24
CA GLU D 72 12.16 -2.25 42.94
C GLU D 72 12.82 -3.28 43.85
N ARG D 73 14.07 -3.04 44.26
CA ARG D 73 14.70 -3.96 45.21
C ARG D 73 13.95 -3.98 46.54
N ILE D 74 13.74 -2.79 47.12
CA ILE D 74 13.06 -2.72 48.42
C ILE D 74 11.64 -3.27 48.32
N ALA D 75 10.95 -2.98 47.21
CA ALA D 75 9.57 -3.44 47.07
C ALA D 75 9.51 -4.96 46.91
N GLY D 76 10.43 -5.53 46.14
CA GLY D 76 10.48 -6.99 46.05
C GLY D 76 10.79 -7.64 47.38
N GLU D 77 11.73 -7.07 48.14
CA GLU D 77 12.05 -7.66 49.43
C GLU D 77 10.86 -7.58 50.40
N ALA D 78 10.18 -6.42 50.43
CA ALA D 78 8.99 -6.29 51.27
C ALA D 78 7.89 -7.26 50.82
N SER D 79 7.73 -7.44 49.51
CA SER D 79 6.77 -8.40 49.01
C SER D 79 7.09 -9.80 49.50
N ARG D 80 8.37 -10.19 49.42
CA ARG D 80 8.76 -11.51 49.90
C ARG D 80 8.50 -11.65 51.39
N LEU D 81 8.77 -10.58 52.16
CA LEU D 81 8.52 -10.63 53.59
C LEU D 81 7.05 -10.86 53.89
N ALA D 82 6.17 -10.11 53.22
CA ALA D 82 4.73 -10.30 53.42
C ALA D 82 4.29 -11.68 52.98
N HIS D 83 4.86 -12.19 51.87
CA HIS D 83 4.45 -13.48 51.35
C HIS D 83 4.90 -14.62 52.25
N TYR D 84 6.05 -14.47 52.89
CA TYR D 84 6.55 -15.53 53.77
C TYR D 84 5.68 -15.68 55.01
N ASN D 85 5.22 -14.56 55.58
CA ASN D 85 4.42 -14.57 56.78
C ASN D 85 2.92 -14.66 56.51
N LYS D 86 2.55 -15.06 55.29
CA LYS D 86 1.14 -15.31 54.93
C LYS D 86 0.29 -14.07 55.15
N ARG D 87 0.87 -12.90 54.90
CA ARG D 87 0.17 -11.64 55.02
C ARG D 87 -0.10 -11.05 53.64
N SER D 88 -1.06 -10.12 53.58
CA SER D 88 -1.53 -9.56 52.33
C SER D 88 -1.29 -8.06 52.23
N THR D 89 -0.47 -7.48 53.11
CA THR D 89 -0.29 -6.04 53.16
C THR D 89 1.20 -5.70 53.26
N ILE D 90 1.64 -4.73 52.45
CA ILE D 90 2.99 -4.18 52.56
C ILE D 90 2.88 -2.98 53.51
N THR D 91 3.07 -3.23 54.80
CA THR D 91 3.08 -2.15 55.76
C THR D 91 4.47 -1.49 55.77
N SER D 92 4.56 -0.38 56.51
CA SER D 92 5.85 0.28 56.67
C SER D 92 6.84 -0.60 57.41
N ARG D 93 6.36 -1.53 58.23
CA ARG D 93 7.23 -2.45 58.93
C ARG D 93 8.00 -3.34 57.95
N GLU D 94 7.31 -3.83 56.91
CA GLU D 94 7.98 -4.62 55.88
C GLU D 94 9.01 -3.77 55.13
N ILE D 95 8.71 -2.49 54.91
CA ILE D 95 9.67 -1.61 54.23
C ILE D 95 10.92 -1.44 55.09
N GLN D 96 10.73 -1.24 56.40
CA GLN D 96 11.88 -1.06 57.29
C GLN D 96 12.71 -2.33 57.37
N THR D 97 12.07 -3.49 57.45
CA THR D 97 12.82 -4.74 57.47
C THR D 97 13.56 -4.96 56.15
N ALA D 98 12.93 -4.62 55.02
CA ALA D 98 13.60 -4.74 53.74
C ALA D 98 14.79 -3.79 53.65
N VAL D 99 14.68 -2.59 54.21
CA VAL D 99 15.81 -1.67 54.20
C VAL D 99 16.94 -2.21 55.05
N ARG D 100 16.62 -2.75 56.24
CA ARG D 100 17.67 -3.34 57.05
C ARG D 100 18.29 -4.56 56.40
N LEU D 101 17.56 -5.24 55.51
CA LEU D 101 18.14 -6.35 54.76
C LEU D 101 19.03 -5.86 53.62
N LEU D 102 18.63 -4.79 52.93
CA LEU D 102 19.27 -4.40 51.68
C LEU D 102 20.36 -3.35 51.86
N LEU D 103 20.06 -2.28 52.60
CA LEU D 103 21.06 -1.22 52.75
C LEU D 103 22.11 -1.64 53.77
N PRO D 104 23.40 -1.38 53.49
CA PRO D 104 24.45 -1.89 54.39
C PRO D 104 25.09 -0.81 55.25
N GLY D 105 25.49 -1.21 56.47
CA GLY D 105 26.29 -0.34 57.30
C GLY D 105 25.51 0.87 57.79
N GLU D 106 26.22 2.01 57.91
CA GLU D 106 25.60 3.21 58.45
C GLU D 106 24.45 3.69 57.58
N LEU D 107 24.49 3.43 56.27
CA LEU D 107 23.35 3.74 55.41
C LEU D 107 22.07 3.13 55.96
N ALA D 108 22.14 1.89 56.44
CA ALA D 108 20.97 1.24 57.03
C ALA D 108 20.48 2.00 58.26
N LYS D 109 21.41 2.51 59.08
CA LYS D 109 21.02 3.31 60.23
C LYS D 109 20.25 4.56 59.80
N HIS D 110 20.97 5.53 59.22
CA HIS D 110 20.38 6.82 58.89
C HIS D 110 19.08 6.67 58.12
N ALA D 111 19.08 5.83 57.07
CA ALA D 111 17.86 5.58 56.30
C ALA D 111 16.69 5.23 57.21
N VAL D 112 16.85 4.19 58.04
CA VAL D 112 15.79 3.85 58.99
C VAL D 112 15.36 5.09 59.75
N SER D 113 16.34 5.81 60.34
CA SER D 113 16.02 7.06 61.03
C SER D 113 15.16 7.97 60.18
N GLU D 114 15.60 8.25 58.95
CA GLU D 114 14.81 9.12 58.08
C GLU D 114 13.41 8.56 57.86
N GLY D 115 13.32 7.25 57.58
CA GLY D 115 12.02 6.64 57.42
C GLY D 115 11.11 6.85 58.61
N THR D 116 11.68 6.85 59.82
CA THR D 116 10.88 7.05 61.01
C THR D 116 10.46 8.51 61.18
N LYS D 117 11.29 9.46 60.72
CA LYS D 117 10.91 10.87 60.84
C LYS D 117 9.68 11.18 59.99
N ALA D 118 9.75 10.88 58.69
CA ALA D 118 8.63 11.14 57.79
C ALA D 118 7.33 10.59 58.35
N VAL D 119 7.30 9.29 58.67
CA VAL D 119 6.11 8.69 59.27
C VAL D 119 5.62 9.54 60.45
N THR D 120 6.54 9.88 61.36
CA THR D 120 6.16 10.69 62.53
C THR D 120 5.49 11.99 62.12
N LYS D 121 6.02 12.67 61.09
CA LYS D 121 5.36 13.88 60.61
C LYS D 121 4.04 13.55 59.92
N TYR D 122 4.01 12.48 59.12
CA TYR D 122 2.82 12.17 58.34
C TYR D 122 1.63 11.85 59.23
N THR D 123 1.84 11.09 60.31
CA THR D 123 0.76 10.83 61.26
C THR D 123 0.39 12.05 62.07
N SER D 124 1.24 13.08 62.10
CA SER D 124 0.92 14.30 62.81
C SER D 124 0.13 15.28 61.96
N ALA D 125 0.39 15.33 60.66
CA ALA D 125 -0.33 16.22 59.76
C ALA D 125 -1.39 15.47 58.98
N ARG E 40 64.28 8.25 23.77
CA ARG E 40 63.29 7.18 23.87
C ARG E 40 63.19 6.68 25.31
N TYR E 41 61.97 6.45 25.78
CA TYR E 41 61.75 5.96 27.13
C TYR E 41 61.92 4.45 27.18
N ARG E 42 62.18 3.97 28.40
CA ARG E 42 62.25 2.53 28.63
C ARG E 42 60.90 1.89 28.32
N PRO E 43 60.89 0.60 27.94
CA PRO E 43 59.62 -0.10 27.73
C PRO E 43 58.83 -0.22 29.03
N GLY E 44 57.70 0.46 29.11
CA GLY E 44 56.89 0.43 30.31
C GLY E 44 56.43 1.79 30.76
N THR E 45 57.22 2.82 30.45
CA THR E 45 56.86 4.18 30.84
C THR E 45 55.65 4.69 30.07
N VAL E 46 55.68 4.54 28.75
CA VAL E 46 54.55 4.95 27.93
C VAL E 46 53.30 4.17 28.32
N ALA E 47 53.47 2.90 28.69
CA ALA E 47 52.33 2.09 29.12
C ALA E 47 51.70 2.65 30.39
N LEU E 48 52.53 3.05 31.37
CA LEU E 48 51.99 3.61 32.60
C LEU E 48 51.32 4.97 32.34
N ARG E 49 51.88 5.77 31.42
CA ARG E 49 51.22 7.01 31.06
C ARG E 49 49.86 6.74 30.41
N GLU E 50 49.79 5.72 29.55
CA GLU E 50 48.52 5.30 29.00
C GLU E 50 47.54 4.89 30.10
N ILE E 51 48.04 4.16 31.11
CA ILE E 51 47.17 3.74 32.21
C ILE E 51 46.57 4.95 32.90
N ARG E 52 47.41 5.93 33.26
CA ARG E 52 46.91 7.10 33.97
C ARG E 52 45.94 7.90 33.09
N ARG E 53 46.28 8.11 31.82
CA ARG E 53 45.40 8.82 30.91
C ARG E 53 44.03 8.16 30.81
N TYR E 54 44.01 6.84 30.57
CA TYR E 54 42.75 6.14 30.37
C TYR E 54 42.02 5.87 31.68
N GLN E 55 42.66 6.06 32.82
CA GLN E 55 41.95 5.99 34.09
C GLN E 55 41.36 7.33 34.50
N LYS E 56 41.95 8.46 34.08
CA LYS E 56 41.34 9.74 34.43
C LYS E 56 40.19 10.11 33.50
N SER E 57 40.04 9.43 32.37
CA SER E 57 39.02 9.77 31.38
C SER E 57 37.96 8.68 31.31
N THR E 58 36.82 9.03 30.69
CA THR E 58 35.66 8.14 30.63
C THR E 58 35.12 7.96 29.23
N GLU E 59 35.89 8.30 28.20
CA GLU E 59 35.42 8.11 26.84
C GLU E 59 35.47 6.63 26.45
N LEU E 60 34.63 6.25 25.48
CA LEU E 60 34.64 4.88 24.99
C LEU E 60 35.91 4.62 24.20
N LEU E 61 36.51 3.45 24.45
CA LEU E 61 37.82 3.12 23.87
C LEU E 61 37.72 2.30 22.59
N ILE E 62 36.52 1.91 22.18
CA ILE E 62 36.31 1.16 20.95
C ILE E 62 35.61 2.07 19.94
N ARG E 63 35.96 1.91 18.67
CA ARG E 63 35.30 2.67 17.62
C ARG E 63 33.83 2.27 17.51
N LYS E 64 32.99 3.24 17.17
CA LYS E 64 31.54 3.04 17.20
C LYS E 64 31.06 2.17 16.04
N LEU E 65 31.52 2.48 14.82
CA LEU E 65 30.98 1.80 13.65
C LEU E 65 31.39 0.32 13.58
N PRO E 66 32.65 -0.06 13.81
CA PRO E 66 32.96 -1.50 13.85
C PRO E 66 32.17 -2.24 14.91
N PHE E 67 31.97 -1.64 16.08
CA PHE E 67 31.20 -2.31 17.13
C PHE E 67 29.74 -2.47 16.71
N GLN E 68 29.17 -1.45 16.08
CA GLN E 68 27.80 -1.57 15.61
C GLN E 68 27.67 -2.67 14.56
N ARG E 69 28.64 -2.77 13.65
CA ARG E 69 28.65 -3.86 12.68
C ARG E 69 28.74 -5.21 13.38
N LEU E 70 29.57 -5.32 14.43
CA LEU E 70 29.68 -6.56 15.16
C LEU E 70 28.35 -6.94 15.82
N VAL E 71 27.68 -5.96 16.43
CA VAL E 71 26.38 -6.21 17.06
C VAL E 71 25.38 -6.71 16.04
N ARG E 72 25.34 -6.07 14.86
CA ARG E 72 24.37 -6.46 13.85
C ARG E 72 24.70 -7.83 13.28
N GLU E 73 25.97 -8.14 13.08
CA GLU E 73 26.35 -9.48 12.64
C GLU E 73 25.91 -10.54 13.65
N ILE E 74 26.17 -10.29 14.94
CA ILE E 74 25.76 -11.25 15.96
C ILE E 74 24.25 -11.43 15.96
N ALA E 75 23.51 -10.32 15.89
CA ALA E 75 22.06 -10.41 15.90
C ALA E 75 21.50 -11.05 14.63
N GLN E 76 22.26 -11.03 13.54
CA GLN E 76 21.78 -11.62 12.29
C GLN E 76 21.51 -13.11 12.45
N ASP E 77 22.27 -13.79 13.31
CA ASP E 77 22.06 -15.21 13.58
C ASP E 77 20.90 -15.47 14.53
N PHE E 78 20.23 -14.42 15.02
CA PHE E 78 19.09 -14.56 15.91
C PHE E 78 17.78 -14.20 15.24
N LYS E 79 17.75 -13.07 14.53
CA LYS E 79 16.58 -12.64 13.79
C LYS E 79 17.03 -11.86 12.57
N THR E 80 16.31 -12.02 11.47
CA THR E 80 16.67 -11.40 10.21
C THR E 80 16.07 -9.99 10.12
N ASP E 81 16.87 -9.06 9.61
CA ASP E 81 16.42 -7.69 9.30
C ASP E 81 16.00 -6.94 10.56
N LEU E 82 16.89 -6.95 11.55
CA LEU E 82 16.64 -6.24 12.80
C LEU E 82 17.17 -4.81 12.73
N ARG E 83 16.53 -3.92 13.48
CA ARG E 83 16.94 -2.54 13.59
C ARG E 83 17.30 -2.21 15.03
N PHE E 84 18.19 -1.23 15.19
CA PHE E 84 18.69 -0.85 16.51
C PHE E 84 18.65 0.66 16.65
N GLN E 85 18.07 1.14 17.74
CA GLN E 85 18.23 2.54 18.11
C GLN E 85 19.69 2.83 18.41
N SER E 86 20.09 4.09 18.20
CA SER E 86 21.45 4.48 18.56
C SER E 86 21.72 4.21 20.04
N SER E 87 20.76 4.54 20.90
CA SER E 87 20.93 4.32 22.33
C SER E 87 21.10 2.84 22.67
N ALA E 88 20.47 1.95 21.91
CA ALA E 88 20.60 0.53 22.19
C ALA E 88 22.03 0.06 21.97
N VAL E 89 22.59 0.34 20.79
CA VAL E 89 23.98 -0.04 20.51
C VAL E 89 24.93 0.66 21.46
N MET E 90 24.62 1.90 21.84
CA MET E 90 25.49 2.63 22.77
C MET E 90 25.48 1.97 24.16
N ALA E 91 24.31 1.54 24.63
CA ALA E 91 24.24 0.82 25.90
C ALA E 91 24.98 -0.51 25.82
N LEU E 92 24.86 -1.19 24.66
CA LEU E 92 25.60 -2.43 24.47
C LEU E 92 27.11 -2.19 24.57
N GLN E 93 27.59 -1.11 23.96
CA GLN E 93 29.03 -0.83 23.98
C GLN E 93 29.51 -0.45 25.37
N GLU E 94 28.73 0.38 26.08
CA GLU E 94 29.09 0.71 27.45
C GLU E 94 29.17 -0.53 28.32
N ALA E 95 28.16 -1.41 28.23
CA ALA E 95 28.17 -2.64 29.01
C ALA E 95 29.37 -3.50 28.67
N SER E 96 29.67 -3.66 27.37
CA SER E 96 30.79 -4.50 26.97
C SER E 96 32.12 -3.94 27.46
N GLU E 97 32.31 -2.63 27.34
CA GLU E 97 33.55 -2.02 27.79
C GLU E 97 33.73 -2.15 29.29
N ALA E 98 32.67 -1.92 30.07
CA ALA E 98 32.76 -2.12 31.52
C ALA E 98 33.13 -3.56 31.84
N TYR E 99 32.43 -4.53 31.21
CA TYR E 99 32.73 -5.94 31.42
C TYR E 99 34.20 -6.23 31.15
N LEU E 100 34.70 -5.79 29.99
CA LEU E 100 36.06 -6.13 29.62
C LEU E 100 37.09 -5.46 30.53
N VAL E 101 36.84 -4.22 30.95
CA VAL E 101 37.81 -3.54 31.80
C VAL E 101 37.87 -4.20 33.17
N ALA E 102 36.71 -4.56 33.74
CA ALA E 102 36.71 -5.29 35.01
C ALA E 102 37.40 -6.64 34.87
N LEU E 103 37.14 -7.34 33.78
CA LEU E 103 37.80 -8.62 33.53
C LEU E 103 39.31 -8.42 33.43
N PHE E 104 39.75 -7.30 32.86
CA PHE E 104 41.18 -7.05 32.75
C PHE E 104 41.81 -6.71 34.09
N GLU E 105 41.09 -6.03 34.97
CA GLU E 105 41.59 -5.83 36.33
C GLU E 105 41.79 -7.16 37.03
N ASP E 106 40.78 -8.04 36.97
CA ASP E 106 40.92 -9.34 37.59
C ASP E 106 42.01 -10.19 36.93
N THR E 107 42.20 -10.04 35.62
CA THR E 107 43.27 -10.76 34.92
C THR E 107 44.64 -10.24 35.31
N ASN E 108 44.76 -8.93 35.51
CA ASN E 108 46.02 -8.37 36.00
C ASN E 108 46.35 -8.91 37.39
N LEU E 109 45.34 -9.01 38.24
CA LEU E 109 45.57 -9.64 39.54
C LEU E 109 45.99 -11.11 39.38
N CYS E 110 45.35 -11.82 38.44
CA CYS E 110 45.72 -13.21 38.17
C CYS E 110 47.16 -13.33 37.69
N ALA E 111 47.64 -12.35 36.92
CA ALA E 111 49.01 -12.39 36.44
C ALA E 111 50.00 -12.04 37.54
N ILE E 112 49.66 -11.06 38.38
CA ILE E 112 50.56 -10.69 39.47
C ILE E 112 50.65 -11.79 40.51
N HIS E 113 49.56 -12.55 40.72
CA HIS E 113 49.59 -13.62 41.69
C HIS E 113 50.64 -14.67 41.34
N ALA E 114 50.90 -14.88 40.05
CA ALA E 114 51.91 -15.82 39.59
C ALA E 114 53.28 -15.18 39.44
N LYS E 115 53.55 -14.08 40.15
CA LYS E 115 54.83 -13.38 40.10
C LYS E 115 55.18 -12.95 38.68
N ARG E 116 54.19 -12.41 37.97
CA ARG E 116 54.37 -11.91 36.62
C ARG E 116 53.79 -10.51 36.50
N VAL E 117 54.21 -9.80 35.46
CA VAL E 117 53.71 -8.48 35.14
C VAL E 117 53.04 -8.42 33.78
N THR E 118 52.90 -9.57 33.12
CA THR E 118 52.29 -9.65 31.80
C THR E 118 51.06 -10.56 31.88
N ILE E 119 49.94 -10.10 31.33
CA ILE E 119 48.74 -10.91 31.31
C ILE E 119 48.84 -11.95 30.20
N MET E 120 48.36 -13.14 30.48
CA MET E 120 48.40 -14.27 29.57
C MET E 120 47.00 -14.87 29.45
N PRO E 121 46.72 -15.62 28.38
CA PRO E 121 45.38 -16.20 28.25
C PRO E 121 44.96 -17.08 29.43
N LYS E 122 45.90 -17.78 30.05
CA LYS E 122 45.54 -18.57 31.22
C LYS E 122 45.05 -17.69 32.37
N ASP E 123 45.54 -16.46 32.48
CA ASP E 123 45.03 -15.53 33.48
C ASP E 123 43.56 -15.20 33.25
N ILE E 124 43.20 -14.86 32.01
CA ILE E 124 41.80 -14.58 31.70
C ILE E 124 40.95 -15.81 31.95
N GLN E 125 41.44 -16.99 31.56
CA GLN E 125 40.67 -18.21 31.74
C GLN E 125 40.44 -18.50 33.22
N LEU E 126 41.48 -18.33 34.05
CA LEU E 126 41.31 -18.53 35.49
C LEU E 126 40.36 -17.52 36.09
N ALA E 127 40.45 -16.25 35.67
CA ALA E 127 39.55 -15.23 36.21
C ALA E 127 38.11 -15.54 35.88
N ARG E 128 37.84 -15.93 34.63
CA ARG E 128 36.47 -16.30 34.24
C ARG E 128 36.03 -17.60 34.90
N ARG E 129 36.97 -18.48 35.25
CA ARG E 129 36.60 -19.70 35.98
C ARG E 129 36.19 -19.37 37.41
N ILE E 130 36.99 -18.57 38.11
CA ILE E 130 36.64 -18.17 39.47
C ILE E 130 35.32 -17.42 39.48
N ARG E 131 35.14 -16.50 38.52
CA ARG E 131 33.91 -15.74 38.44
C ARG E 131 32.68 -16.64 38.28
N GLY E 132 32.86 -17.82 37.68
CA GLY E 132 31.77 -18.71 37.41
C GLY E 132 31.29 -18.72 35.97
N GLU E 133 31.91 -17.93 35.10
CA GLU E 133 31.59 -17.90 33.68
C GLU E 133 32.14 -19.11 32.93
N ARG E 134 32.73 -20.07 33.63
CA ARG E 134 33.42 -21.19 33.00
C ARG E 134 33.07 -22.51 33.65
N HIS F 19 19.95 -6.03 -0.73
CA HIS F 19 21.13 -6.82 -0.37
C HIS F 19 22.25 -5.95 0.22
N ARG F 20 22.48 -6.10 1.51
CA ARG F 20 23.54 -5.38 2.19
C ARG F 20 24.84 -6.19 2.14
N LYS F 21 25.96 -5.47 2.08
CA LYS F 21 27.27 -6.12 2.04
C LYS F 21 27.44 -7.03 3.26
N VAL F 22 27.94 -8.24 3.02
CA VAL F 22 28.00 -9.25 4.07
C VAL F 22 28.93 -8.79 5.18
N LEU F 23 28.41 -8.70 6.40
CA LEU F 23 29.20 -8.39 7.58
C LEU F 23 29.92 -9.67 8.00
N ARG F 24 31.22 -9.75 7.74
CA ARG F 24 31.99 -10.97 7.96
C ARG F 24 33.23 -10.67 8.79
N ASP F 25 33.44 -11.49 9.83
CA ASP F 25 34.62 -11.39 10.70
C ASP F 25 34.81 -9.97 11.23
N ASN F 26 33.70 -9.37 11.66
CA ASN F 26 33.75 -8.06 12.30
C ASN F 26 34.31 -8.11 13.71
N ILE F 27 34.49 -9.32 14.26
CA ILE F 27 35.17 -9.43 15.54
C ILE F 27 36.61 -8.96 15.42
N GLN F 28 37.19 -9.09 14.22
CA GLN F 28 38.52 -8.55 13.95
C GLN F 28 38.54 -7.02 14.00
N GLY F 29 37.37 -6.38 13.92
CA GLY F 29 37.30 -4.94 14.04
C GLY F 29 37.64 -4.43 15.42
N ILE F 30 37.54 -5.27 16.44
CA ILE F 30 38.04 -4.92 17.77
C ILE F 30 39.56 -4.89 17.68
N THR F 31 40.12 -3.75 17.28
CA THR F 31 41.52 -3.67 16.91
C THR F 31 42.43 -3.93 18.12
N LYS F 32 43.70 -4.17 17.81
CA LYS F 32 44.69 -4.33 18.87
C LYS F 32 44.86 -3.09 19.73
N PRO F 33 44.94 -1.87 19.17
CA PRO F 33 45.03 -0.69 20.04
C PRO F 33 43.82 -0.51 20.94
N ALA F 34 42.63 -0.92 20.50
CA ALA F 34 41.45 -0.78 21.34
C ALA F 34 41.50 -1.73 22.53
N ILE F 35 41.87 -2.99 22.31
CA ILE F 35 42.03 -3.92 23.42
C ILE F 35 43.15 -3.45 24.34
N ARG F 36 44.21 -2.87 23.77
CA ARG F 36 45.30 -2.34 24.59
C ARG F 36 44.80 -1.20 25.47
N ARG F 37 43.98 -0.31 24.92
CA ARG F 37 43.42 0.78 25.71
C ARG F 37 42.54 0.23 26.84
N LEU F 38 41.68 -0.74 26.52
CA LEU F 38 40.85 -1.34 27.55
C LEU F 38 41.69 -1.92 28.67
N ALA F 39 42.77 -2.63 28.33
CA ALA F 39 43.63 -3.21 29.36
C ALA F 39 44.36 -2.13 30.16
N ARG F 40 44.79 -1.06 29.48
CA ARG F 40 45.42 0.06 30.19
C ARG F 40 44.47 0.67 31.21
N ARG F 41 43.19 0.79 30.84
CA ARG F 41 42.19 1.25 31.80
C ARG F 41 42.07 0.29 32.98
N GLY F 42 42.16 -1.01 32.71
CA GLY F 42 42.11 -2.02 33.74
C GLY F 42 43.38 -2.18 34.54
N GLY F 43 44.40 -1.38 34.26
CA GLY F 43 45.65 -1.46 35.01
C GLY F 43 46.61 -2.53 34.54
N VAL F 44 46.72 -2.72 33.23
CA VAL F 44 47.60 -3.72 32.64
C VAL F 44 48.80 -3.01 32.06
N LYS F 45 50.01 -3.48 32.41
CA LYS F 45 51.24 -2.88 31.93
C LYS F 45 51.84 -3.63 30.73
N ARG F 46 51.84 -4.96 30.77
CA ARG F 46 52.39 -5.76 29.68
C ARG F 46 51.33 -6.76 29.22
N ILE F 47 51.20 -6.92 27.91
CA ILE F 47 50.17 -7.77 27.31
C ILE F 47 50.82 -8.79 26.39
N SER F 48 50.37 -10.04 26.49
CA SER F 48 50.87 -11.11 25.64
C SER F 48 50.18 -11.07 24.28
N GLY F 49 50.61 -11.97 23.39
CA GLY F 49 50.09 -12.01 22.04
C GLY F 49 48.73 -12.67 21.91
N LEU F 50 48.55 -13.80 22.59
CA LEU F 50 47.28 -14.53 22.54
C LEU F 50 46.14 -13.77 23.22
N ILE F 51 46.46 -12.75 24.01
CA ILE F 51 45.45 -11.98 24.74
C ILE F 51 44.42 -11.38 23.79
N TYR F 52 44.86 -10.97 22.60
CA TYR F 52 43.95 -10.26 21.69
C TYR F 52 42.87 -11.19 21.16
N GLU F 53 43.26 -12.37 20.68
CA GLU F 53 42.27 -13.33 20.19
C GLU F 53 41.42 -13.87 21.34
N GLU F 54 42.04 -14.11 22.50
CA GLU F 54 41.27 -14.52 23.67
C GLU F 54 40.19 -13.49 24.00
N THR F 55 40.54 -12.21 23.96
CA THR F 55 39.59 -11.16 24.28
C THR F 55 38.50 -11.06 23.24
N ARG F 56 38.86 -11.24 21.96
CA ARG F 56 37.84 -11.26 20.91
C ARG F 56 36.83 -12.36 21.18
N GLY F 57 37.29 -13.57 21.50
CA GLY F 57 36.37 -14.64 21.82
C GLY F 57 35.50 -14.35 23.02
N VAL F 58 36.09 -13.85 24.11
CA VAL F 58 35.33 -13.53 25.31
C VAL F 58 34.24 -12.52 24.99
N LEU F 59 34.60 -11.44 24.29
CA LEU F 59 33.62 -10.42 23.94
C LEU F 59 32.54 -10.98 23.03
N LYS F 60 32.90 -11.89 22.13
CA LYS F 60 31.90 -12.49 21.25
C LYS F 60 30.87 -13.28 22.04
N VAL F 61 31.33 -14.09 23.00
CA VAL F 61 30.38 -14.87 23.81
C VAL F 61 29.49 -13.93 24.62
N PHE F 62 30.10 -12.90 25.23
CA PHE F 62 29.35 -11.95 26.03
C PHE F 62 28.23 -11.30 25.22
N LEU F 63 28.59 -10.74 24.06
CA LEU F 63 27.60 -10.10 23.21
C LEU F 63 26.57 -11.10 22.68
N GLU F 64 26.98 -12.34 22.39
CA GLU F 64 26.00 -13.35 21.97
C GLU F 64 24.91 -13.49 23.02
N ASN F 65 25.29 -13.75 24.27
CA ASN F 65 24.29 -13.95 25.31
C ASN F 65 23.42 -12.71 25.49
N VAL F 66 24.05 -11.54 25.66
CA VAL F 66 23.28 -10.32 25.93
C VAL F 66 22.33 -10.01 24.78
N ILE F 67 22.80 -10.12 23.54
CA ILE F 67 21.99 -9.76 22.39
C ILE F 67 20.89 -10.78 22.16
N ARG F 68 21.16 -12.06 22.45
CA ARG F 68 20.09 -13.05 22.34
C ARG F 68 18.95 -12.72 23.29
N ASP F 69 19.29 -12.36 24.54
CA ASP F 69 18.23 -11.99 25.48
C ASP F 69 17.51 -10.72 25.03
N ALA F 70 18.25 -9.74 24.52
CA ALA F 70 17.62 -8.48 24.09
C ALA F 70 16.69 -8.71 22.91
N VAL F 71 17.08 -9.59 21.99
CA VAL F 71 16.22 -9.90 20.84
C VAL F 71 15.00 -10.70 21.28
N THR F 72 15.16 -11.56 22.30
CA THR F 72 14.00 -12.24 22.85
C THR F 72 13.00 -11.22 23.41
N TYR F 73 13.51 -10.22 24.14
CA TYR F 73 12.64 -9.17 24.66
C TYR F 73 11.97 -8.38 23.54
N THR F 74 12.72 -8.10 22.47
CA THR F 74 12.17 -7.35 21.34
C THR F 74 11.07 -8.14 20.63
N GLU F 75 11.31 -9.42 20.37
CA GLU F 75 10.33 -10.27 19.71
C GLU F 75 9.10 -10.48 20.59
N HIS F 76 9.27 -10.55 21.91
CA HIS F 76 8.11 -10.72 22.78
C HIS F 76 7.22 -9.49 22.75
N ALA F 77 7.79 -8.31 22.51
CA ALA F 77 7.01 -7.09 22.34
C ALA F 77 6.46 -6.93 20.93
N LYS F 78 6.62 -7.93 20.07
CA LYS F 78 6.15 -7.89 18.69
C LYS F 78 6.68 -6.64 17.99
N ARG F 79 7.99 -6.45 18.07
CA ARG F 79 8.67 -5.34 17.42
C ARG F 79 9.79 -5.86 16.54
N LYS F 80 10.22 -5.02 15.61
CA LYS F 80 11.36 -5.30 14.75
C LYS F 80 12.58 -4.47 15.09
N THR F 81 12.46 -3.54 16.03
CA THR F 81 13.55 -2.66 16.42
C THR F 81 13.98 -3.00 17.84
N VAL F 82 15.26 -3.29 18.01
CA VAL F 82 15.83 -3.53 19.33
C VAL F 82 16.07 -2.17 19.98
N THR F 83 15.32 -1.87 21.04
CA THR F 83 15.43 -0.59 21.71
C THR F 83 16.37 -0.69 22.90
N ALA F 84 16.66 0.47 23.51
CA ALA F 84 17.57 0.50 24.64
C ALA F 84 17.01 -0.27 25.83
N MET F 85 15.69 -0.25 25.99
CA MET F 85 15.06 -0.94 27.12
C MET F 85 15.28 -2.44 27.05
N ASP F 86 15.28 -3.01 25.85
CA ASP F 86 15.56 -4.44 25.71
C ASP F 86 16.97 -4.77 26.20
N VAL F 87 17.96 -3.95 25.83
CA VAL F 87 19.33 -4.19 26.27
C VAL F 87 19.45 -4.01 27.78
N VAL F 88 18.81 -2.98 28.33
CA VAL F 88 18.87 -2.79 29.79
C VAL F 88 18.22 -3.96 30.51
N TYR F 89 17.11 -4.46 29.99
CA TYR F 89 16.44 -5.59 30.63
C TYR F 89 17.28 -6.86 30.55
N ALA F 90 17.93 -7.11 29.39
CA ALA F 90 18.82 -8.27 29.28
C ALA F 90 19.99 -8.15 30.26
N LEU F 91 20.64 -6.98 30.30
CA LEU F 91 21.77 -6.80 31.20
C LEU F 91 21.35 -6.98 32.66
N LYS F 92 20.20 -6.44 33.05
CA LYS F 92 19.70 -6.67 34.40
C LYS F 92 19.44 -8.15 34.64
N ARG F 93 18.87 -8.85 33.65
CA ARG F 93 18.59 -10.26 33.80
C ARG F 93 19.85 -11.09 33.93
N GLN F 94 20.99 -10.59 33.46
CA GLN F 94 22.24 -11.31 33.60
C GLN F 94 23.11 -10.80 34.74
N GLY F 95 22.52 -10.08 35.69
CA GLY F 95 23.27 -9.62 36.84
C GLY F 95 24.31 -8.58 36.53
N ARG F 96 24.14 -7.79 35.47
CA ARG F 96 25.04 -6.71 35.11
C ARG F 96 24.19 -5.46 34.86
N THR F 97 23.54 -4.98 35.92
CA THR F 97 22.62 -3.85 35.80
C THR F 97 23.35 -2.60 35.31
N LEU F 98 22.74 -1.92 34.34
CA LEU F 98 23.34 -0.75 33.71
C LEU F 98 22.44 0.47 33.90
N TYR F 99 23.04 1.56 34.39
CA TYR F 99 22.35 2.83 34.57
C TYR F 99 22.63 3.75 33.39
N GLY F 100 21.88 4.86 33.34
CA GLY F 100 22.09 5.91 32.37
C GLY F 100 21.18 5.83 31.15
N PHE F 101 20.63 4.67 30.85
CA PHE F 101 19.76 4.52 29.69
C PHE F 101 18.32 4.22 30.12
N ALA G 13 -22.77 -31.36 34.96
CA ALA G 13 -22.51 -32.74 34.59
C ALA G 13 -21.45 -33.36 35.49
N LYS G 14 -20.53 -34.12 34.88
CA LYS G 14 -19.44 -34.75 35.61
C LYS G 14 -18.17 -33.91 35.50
N ALA G 15 -17.36 -33.96 36.56
CA ALA G 15 -16.13 -33.18 36.61
C ALA G 15 -15.03 -33.85 35.80
N LYS G 16 -14.02 -33.05 35.45
CA LYS G 16 -12.88 -33.55 34.69
C LYS G 16 -11.72 -32.60 34.93
N THR G 17 -10.66 -33.11 35.57
CA THR G 17 -9.51 -32.27 35.90
C THR G 17 -8.76 -31.86 34.63
N ARG G 18 -8.23 -30.64 34.65
CA ARG G 18 -7.50 -30.12 33.49
C ARG G 18 -6.23 -30.90 33.22
N SER G 19 -5.65 -31.52 34.26
CA SER G 19 -4.48 -32.36 34.06
C SER G 19 -4.77 -33.55 33.16
N SER G 20 -6.01 -34.03 33.17
CA SER G 20 -6.38 -35.10 32.25
C SER G 20 -6.55 -34.57 30.83
N ARG G 21 -7.08 -33.37 30.68
CA ARG G 21 -7.20 -32.77 29.34
C ARG G 21 -5.84 -32.46 28.74
N ALA G 22 -4.86 -32.12 29.56
CA ALA G 22 -3.52 -31.84 29.06
C ALA G 22 -2.64 -33.08 28.98
N GLY G 23 -3.01 -34.17 29.65
CA GLY G 23 -2.22 -35.38 29.65
C GLY G 23 -0.96 -35.26 30.48
N LEU G 24 -1.08 -34.70 31.68
CA LEU G 24 0.06 -34.44 32.55
C LEU G 24 -0.17 -35.06 33.92
N GLN G 25 0.92 -35.14 34.69
CA GLN G 25 0.85 -35.61 36.06
C GLN G 25 0.85 -34.48 37.08
N PHE G 26 1.50 -33.36 36.78
CA PHE G 26 1.53 -32.22 37.69
C PHE G 26 0.18 -31.51 37.72
N PRO G 27 -0.17 -30.91 38.86
CA PRO G 27 -1.52 -30.34 39.03
C PRO G 27 -1.68 -29.04 38.24
N VAL G 28 -2.67 -29.00 37.35
CA VAL G 28 -2.91 -27.79 36.59
C VAL G 28 -3.73 -26.80 37.39
N GLY G 29 -4.68 -27.30 38.19
CA GLY G 29 -5.45 -26.41 39.05
C GLY G 29 -4.60 -25.76 40.12
N ARG G 30 -3.69 -26.52 40.74
CA ARG G 30 -2.82 -25.95 41.75
C ARG G 30 -1.86 -24.93 41.15
N VAL G 31 -1.34 -25.20 39.96
CA VAL G 31 -0.46 -24.22 39.30
C VAL G 31 -1.25 -22.96 38.94
N HIS G 32 -2.48 -23.12 38.46
CA HIS G 32 -3.32 -21.97 38.16
C HIS G 32 -3.57 -21.13 39.42
N ARG G 33 -3.87 -21.79 40.54
CA ARG G 33 -4.10 -21.06 41.79
C ARG G 33 -2.83 -20.36 42.26
N LEU G 34 -1.70 -21.05 42.23
CA LEU G 34 -0.44 -20.43 42.66
C LEU G 34 -0.07 -19.26 41.77
N LEU G 35 -0.46 -19.30 40.49
CA LEU G 35 -0.16 -18.18 39.60
C LEU G 35 -1.10 -17.01 39.82
N ARG G 36 -2.38 -17.27 40.05
CA ARG G 36 -3.32 -16.16 40.23
C ARG G 36 -3.11 -15.47 41.57
N LYS G 37 -2.87 -16.24 42.63
CA LYS G 37 -2.73 -15.67 43.96
C LYS G 37 -1.27 -15.47 44.38
N GLY G 38 -0.33 -15.78 43.50
CA GLY G 38 1.08 -15.58 43.81
C GLY G 38 1.59 -14.17 43.60
N ASN G 39 0.69 -13.21 43.38
CA ASN G 39 1.06 -11.80 43.17
C ASN G 39 2.02 -11.63 41.99
N TYR G 40 1.72 -12.33 40.90
CA TYR G 40 2.53 -12.23 39.69
C TYR G 40 1.96 -11.26 38.66
N ALA G 41 0.63 -11.19 38.55
CA ALA G 41 -0.01 -10.28 37.62
C ALA G 41 -1.46 -10.07 38.08
N GLU G 42 -2.17 -9.19 37.37
CA GLU G 42 -3.57 -8.96 37.70
C GLU G 42 -4.41 -10.19 37.39
N ARG G 43 -4.18 -10.80 36.23
CA ARG G 43 -4.93 -11.98 35.82
C ARG G 43 -4.00 -13.00 35.20
N VAL G 44 -4.50 -14.22 35.06
CA VAL G 44 -3.74 -15.36 34.53
C VAL G 44 -4.59 -16.05 33.49
N GLY G 45 -4.07 -16.16 32.27
CA GLY G 45 -4.77 -16.87 31.23
C GLY G 45 -4.84 -18.36 31.49
N ALA G 46 -5.83 -19.01 30.87
CA ALA G 46 -6.07 -20.43 31.08
C ALA G 46 -5.02 -21.32 30.42
N GLY G 47 -4.08 -20.75 29.69
CA GLY G 47 -3.05 -21.54 29.05
C GLY G 47 -1.74 -21.54 29.83
N ALA G 48 -1.57 -20.54 30.68
CA ALA G 48 -0.35 -20.46 31.49
C ALA G 48 -0.20 -21.63 32.45
N PRO G 49 -1.21 -22.05 33.22
CA PRO G 49 -1.00 -23.17 34.14
C PRO G 49 -0.63 -24.47 33.45
N VAL G 50 -1.25 -24.77 32.31
CA VAL G 50 -0.94 -25.99 31.57
C VAL G 50 0.52 -25.97 31.11
N TYR G 51 0.93 -24.87 30.47
CA TYR G 51 2.30 -24.75 29.98
C TYR G 51 3.30 -24.86 31.13
N LEU G 52 3.04 -24.16 32.23
CA LEU G 52 3.97 -24.17 33.36
C LEU G 52 4.07 -25.57 33.97
N ALA G 53 2.92 -26.23 34.19
CA ALA G 53 2.94 -27.56 34.76
C ALA G 53 3.66 -28.53 33.84
N ALA G 54 3.49 -28.40 32.53
CA ALA G 54 4.19 -29.25 31.58
C ALA G 54 5.70 -29.05 31.69
N VAL G 55 6.16 -27.80 31.76
CA VAL G 55 7.60 -27.55 31.85
C VAL G 55 8.15 -28.11 33.15
N LEU G 56 7.42 -27.91 34.26
CA LEU G 56 7.87 -28.45 35.54
C LEU G 56 7.95 -29.96 35.50
N GLU G 57 6.94 -30.62 34.93
CA GLU G 57 6.96 -32.08 34.83
C GLU G 57 8.12 -32.56 33.97
N TYR G 58 8.41 -31.86 32.87
CA TYR G 58 9.51 -32.28 32.02
C TYR G 58 10.84 -32.17 32.75
N LEU G 59 11.07 -31.06 33.45
CA LEU G 59 12.33 -30.90 34.16
C LEU G 59 12.46 -31.91 35.28
N THR G 60 11.36 -32.18 35.99
CA THR G 60 11.36 -33.22 37.01
C THR G 60 11.69 -34.58 36.41
N ALA G 61 11.14 -34.88 35.23
CA ALA G 61 11.43 -36.15 34.59
C ALA G 61 12.89 -36.26 34.18
N GLU G 62 13.47 -35.16 33.68
CA GLU G 62 14.89 -35.18 33.33
C GLU G 62 15.76 -35.47 34.55
N ILE G 63 15.55 -34.69 35.62
CA ILE G 63 16.30 -34.90 36.86
C ILE G 63 16.13 -36.33 37.35
N LEU G 64 14.89 -36.85 37.33
CA LEU G 64 14.64 -38.17 37.88
C LEU G 64 15.24 -39.27 37.01
N GLU G 65 15.25 -39.09 35.69
CA GLU G 65 15.89 -40.09 34.84
C GLU G 65 17.38 -40.16 35.11
N LEU G 66 18.05 -39.00 35.12
CA LEU G 66 19.49 -39.04 35.36
C LEU G 66 19.80 -39.57 36.76
N ALA G 67 18.99 -39.20 37.76
CA ALA G 67 19.23 -39.66 39.11
C ALA G 67 18.92 -41.14 39.28
N GLY G 68 17.94 -41.67 38.56
CA GLY G 68 17.68 -43.09 38.60
C GLY G 68 18.77 -43.90 37.94
N ASN G 69 19.32 -43.38 36.84
CA ASN G 69 20.52 -44.01 36.28
C ASN G 69 21.66 -44.00 37.31
N ALA G 70 21.86 -42.87 37.99
CA ALA G 70 22.92 -42.79 39.00
C ALA G 70 22.67 -43.75 40.16
N ALA G 71 21.39 -43.97 40.52
CA ALA G 71 21.06 -44.89 41.60
C ALA G 71 21.27 -46.33 41.17
N ARG G 72 20.92 -46.66 39.92
CA ARG G 72 21.14 -48.01 39.41
C ARG G 72 22.62 -48.32 39.27
N ASP G 73 23.44 -47.29 39.00
CA ASP G 73 24.88 -47.53 38.89
C ASP G 73 25.49 -47.95 40.21
N ASN G 74 24.92 -47.50 41.33
CA ASN G 74 25.32 -47.97 42.65
C ASN G 74 24.52 -49.18 43.10
N LYS G 75 23.68 -49.73 42.22
CA LYS G 75 22.84 -50.90 42.53
C LYS G 75 21.96 -50.65 43.73
N LYS G 76 21.37 -49.45 43.80
CA LYS G 76 20.42 -49.09 44.85
C LYS G 76 19.06 -48.80 44.21
N THR G 77 18.00 -49.23 44.87
CA THR G 77 16.66 -49.08 44.35
C THR G 77 15.97 -47.80 44.80
N ARG G 78 16.66 -46.95 45.54
CA ARG G 78 16.08 -45.70 46.05
C ARG G 78 17.01 -44.54 45.73
N ILE G 79 16.43 -43.42 45.32
CA ILE G 79 17.20 -42.23 44.99
C ILE G 79 17.55 -41.48 46.26
N ILE G 80 18.84 -41.22 46.46
CA ILE G 80 19.32 -40.42 47.58
C ILE G 80 19.82 -39.09 47.02
N PRO G 81 20.05 -38.07 47.85
CA PRO G 81 20.56 -36.79 47.31
C PRO G 81 21.86 -36.89 46.56
N ARG G 82 22.76 -37.81 46.96
CA ARG G 82 24.01 -37.99 46.24
C ARG G 82 23.75 -38.29 44.76
N HIS G 83 22.76 -39.13 44.48
CA HIS G 83 22.40 -39.42 43.09
C HIS G 83 21.93 -38.16 42.37
N LEU G 84 21.17 -37.31 43.06
CA LEU G 84 20.72 -36.05 42.46
C LEU G 84 21.90 -35.16 42.14
N GLN G 85 22.88 -35.08 43.04
CA GLN G 85 24.05 -34.25 42.76
C GLN G 85 24.84 -34.80 41.59
N LEU G 86 25.04 -36.11 41.54
CA LEU G 86 25.72 -36.71 40.38
C LEU G 86 24.97 -36.39 39.10
N ALA G 87 23.64 -36.58 39.11
CA ALA G 87 22.84 -36.35 37.91
C ALA G 87 22.88 -34.89 37.46
N VAL G 88 22.87 -33.96 38.41
CA VAL G 88 22.84 -32.55 38.05
C VAL G 88 24.21 -32.10 37.55
N ARG G 89 25.28 -32.49 38.26
CA ARG G 89 26.59 -31.99 37.94
C ARG G 89 27.24 -32.72 36.76
N ASN G 90 26.76 -33.91 36.41
CA ASN G 90 27.28 -34.59 35.23
C ASN G 90 26.58 -34.16 33.95
N ASP G 91 25.37 -33.59 34.06
CA ASP G 91 24.68 -33.03 32.91
C ASP G 91 25.07 -31.56 32.78
N GLU G 92 25.47 -31.17 31.57
CA GLU G 92 25.96 -29.81 31.35
C GLU G 92 24.86 -28.78 31.53
N GLU G 93 23.70 -29.00 30.89
CA GLU G 93 22.62 -28.02 30.93
C GLU G 93 21.96 -27.96 32.30
N LEU G 94 21.79 -29.11 32.96
CA LEU G 94 21.20 -29.11 34.30
C LEU G 94 22.15 -28.44 35.31
N ASN G 95 23.46 -28.68 35.17
CA ASN G 95 24.41 -28.00 36.03
C ASN G 95 24.44 -26.50 35.75
N LYS G 96 24.23 -26.10 34.49
CA LYS G 96 24.16 -24.67 34.21
C LYS G 96 22.88 -24.05 34.76
N LEU G 97 21.78 -24.80 34.79
CA LEU G 97 20.54 -24.26 35.35
C LEU G 97 20.64 -24.16 36.87
N LEU G 98 21.22 -25.16 37.50
CA LEU G 98 21.39 -25.18 38.96
C LEU G 98 22.79 -24.76 39.37
N GLY G 99 23.25 -23.63 38.83
CA GLY G 99 24.58 -23.14 39.13
C GLY G 99 24.74 -22.64 40.54
N ARG G 100 23.93 -21.65 40.92
CA ARG G 100 23.98 -21.05 42.25
C ARG G 100 23.10 -21.80 43.25
N VAL G 101 23.05 -23.13 43.16
CA VAL G 101 22.16 -23.95 43.98
C VAL G 101 22.96 -25.03 44.67
N THR G 102 22.72 -25.21 45.97
CA THR G 102 23.40 -26.22 46.77
C THR G 102 22.44 -27.36 47.06
N ILE G 103 22.80 -28.57 46.66
CA ILE G 103 22.02 -29.76 46.94
C ILE G 103 22.55 -30.38 48.22
N ALA G 104 21.75 -30.33 49.28
CA ALA G 104 22.19 -30.84 50.57
C ALA G 104 22.43 -32.34 50.52
N GLN G 105 23.47 -32.78 51.22
CA GLN G 105 23.88 -34.19 51.23
C GLN G 105 24.17 -34.70 49.83
N GLY G 106 24.76 -33.85 48.99
CA GLY G 106 25.01 -34.19 47.61
C GLY G 106 26.46 -34.53 47.32
N GLY G 107 27.38 -33.93 48.05
CA GLY G 107 28.79 -34.17 47.80
C GLY G 107 29.27 -33.49 46.52
N VAL G 108 30.49 -33.85 46.13
CA VAL G 108 31.12 -33.27 44.94
C VAL G 108 31.47 -34.40 44.00
N LEU G 109 31.75 -34.04 42.74
CA LEU G 109 32.11 -35.02 41.72
C LEU G 109 33.55 -35.49 41.94
N PRO G 110 33.84 -36.77 41.67
CA PRO G 110 35.23 -37.24 41.77
C PRO G 110 36.12 -36.56 40.73
N ASN G 111 36.84 -35.53 41.14
CA ASN G 111 37.69 -34.78 40.23
C ASN G 111 38.98 -34.39 40.94
N ILE G 112 40.11 -34.61 40.26
CA ILE G 112 41.44 -34.25 40.76
C ILE G 112 42.21 -33.63 39.61
N GLN G 113 42.88 -32.51 39.87
CA GLN G 113 43.64 -31.83 38.83
C GLN G 113 44.78 -32.72 38.31
N SER G 114 45.34 -32.30 37.18
CA SER G 114 46.37 -33.11 36.54
C SER G 114 47.70 -33.03 37.28
N VAL G 115 48.04 -31.84 37.80
CA VAL G 115 49.34 -31.64 38.42
C VAL G 115 49.41 -32.34 39.78
N LEU G 116 48.29 -32.47 40.47
CA LEU G 116 48.27 -33.12 41.78
C LEU G 116 48.47 -34.63 41.70
N LEU G 117 48.50 -35.20 40.49
CA LEU G 117 48.59 -36.64 40.36
C LEU G 117 50.01 -37.13 40.65
N PRO G 118 50.16 -38.37 41.09
CA PRO G 118 51.50 -38.89 41.36
C PRO G 118 52.25 -39.17 40.07
N LYS G 119 53.57 -39.04 40.13
CA LYS G 119 54.41 -39.17 38.95
C LYS G 119 55.42 -40.29 39.09
N THR H 33 -2.90 -28.52 60.61
CA THR H 33 -3.47 -28.12 59.33
C THR H 33 -2.72 -28.74 58.17
N ARG H 34 -3.18 -28.47 56.95
CA ARG H 34 -2.62 -29.07 55.75
C ARG H 34 -1.59 -28.13 55.11
N LYS H 35 -0.44 -28.70 54.74
CA LYS H 35 0.56 -28.00 53.94
C LYS H 35 0.90 -28.89 52.76
N GLU H 36 0.59 -28.42 51.56
CA GLU H 36 0.72 -29.23 50.36
C GLU H 36 2.17 -29.29 49.89
N SER H 37 2.41 -30.18 48.93
CA SER H 37 3.72 -30.32 48.29
C SER H 37 3.52 -31.00 46.94
N TYR H 38 4.64 -31.26 46.26
CA TYR H 38 4.62 -31.93 44.98
C TYR H 38 5.02 -33.41 45.09
N ALA H 39 4.81 -34.02 46.26
CA ALA H 39 5.34 -35.36 46.50
C ALA H 39 4.67 -36.39 45.60
N ILE H 40 3.34 -36.39 45.56
CA ILE H 40 2.64 -37.40 44.77
C ILE H 40 2.93 -37.23 43.28
N TYR H 41 3.08 -35.99 42.82
CA TYR H 41 3.34 -35.75 41.40
C TYR H 41 4.75 -36.20 41.02
N VAL H 42 5.74 -35.85 41.85
CA VAL H 42 7.10 -36.32 41.62
C VAL H 42 7.16 -37.84 41.64
N TYR H 43 6.37 -38.46 42.54
CA TYR H 43 6.37 -39.92 42.60
C TYR H 43 5.75 -40.53 41.36
N LYS H 44 4.66 -39.93 40.86
CA LYS H 44 4.06 -40.39 39.60
C LYS H 44 5.07 -40.31 38.46
N VAL H 45 5.73 -39.17 38.32
CA VAL H 45 6.70 -39.00 37.23
C VAL H 45 7.85 -39.99 37.39
N LEU H 46 8.27 -40.26 38.63
CA LEU H 46 9.34 -41.23 38.87
C LEU H 46 8.90 -42.63 38.43
N LYS H 47 7.72 -43.06 38.86
CA LYS H 47 7.22 -44.38 38.45
C LYS H 47 7.07 -44.46 36.93
N GLN H 48 6.79 -43.34 36.28
CA GLN H 48 6.82 -43.31 34.82
C GLN H 48 8.22 -43.57 34.30
N VAL H 49 9.21 -42.82 34.80
CA VAL H 49 10.56 -42.91 34.27
C VAL H 49 11.25 -44.19 34.76
N HIS H 50 11.15 -44.48 36.05
CA HIS H 50 11.71 -45.70 36.63
C HIS H 50 10.62 -46.40 37.42
N PRO H 51 10.08 -47.52 36.91
CA PRO H 51 8.91 -48.13 37.57
C PRO H 51 9.21 -48.64 38.97
N ASP H 52 10.24 -49.46 39.14
CA ASP H 52 10.54 -50.04 40.43
C ASP H 52 11.75 -49.36 41.07
N THR H 53 11.71 -48.04 41.20
CA THR H 53 12.77 -47.26 41.82
C THR H 53 12.16 -46.31 42.84
N GLY H 54 12.75 -46.25 44.03
CA GLY H 54 12.25 -45.42 45.11
C GLY H 54 13.06 -44.15 45.30
N ILE H 55 12.67 -43.40 46.34
CA ILE H 55 13.27 -42.10 46.61
C ILE H 55 13.15 -41.82 48.11
N SER H 56 14.24 -41.31 48.69
CA SER H 56 14.29 -41.01 50.11
C SER H 56 13.63 -39.66 50.39
N SER H 57 13.34 -39.42 51.67
CA SER H 57 12.64 -38.20 52.06
C SER H 57 13.51 -36.98 51.83
N LYS H 58 14.81 -37.08 52.09
CA LYS H 58 15.70 -35.95 51.82
C LYS H 58 15.71 -35.60 50.34
N ALA H 59 15.85 -36.62 49.48
CA ALA H 59 15.80 -36.39 48.04
C ALA H 59 14.42 -35.91 47.61
N MET H 60 13.36 -36.37 48.29
CA MET H 60 12.02 -35.90 47.98
C MET H 60 11.87 -34.41 48.26
N SER H 61 12.37 -33.98 49.42
CA SER H 61 12.33 -32.55 49.76
C SER H 61 13.20 -31.75 48.81
N ILE H 62 14.33 -32.32 48.38
CA ILE H 62 15.16 -31.65 47.39
C ILE H 62 14.40 -31.46 46.08
N MET H 63 13.66 -32.49 45.66
CA MET H 63 12.89 -32.39 44.42
C MET H 63 11.79 -31.34 44.55
N ASN H 64 11.13 -31.29 45.72
CA ASN H 64 10.11 -30.27 45.94
C ASN H 64 10.70 -28.87 45.91
N SER H 65 11.86 -28.69 46.55
CA SER H 65 12.54 -27.40 46.50
C SER H 65 12.89 -27.02 45.06
N PHE H 66 13.35 -27.99 44.27
CA PHE H 66 13.68 -27.72 42.87
C PHE H 66 12.45 -27.28 42.09
N VAL H 67 11.33 -28.01 42.26
CA VAL H 67 10.12 -27.65 41.53
C VAL H 67 9.67 -26.25 41.92
N ASN H 68 9.69 -25.93 43.22
CA ASN H 68 9.26 -24.61 43.66
C ASN H 68 10.20 -23.51 43.15
N ASP H 69 11.51 -23.80 43.10
CA ASP H 69 12.46 -22.81 42.58
C ASP H 69 12.21 -22.53 41.10
N VAL H 70 12.05 -23.59 40.30
CA VAL H 70 11.81 -23.39 38.88
C VAL H 70 10.48 -22.66 38.67
N PHE H 71 9.47 -22.99 39.48
CA PHE H 71 8.20 -22.28 39.41
C PHE H 71 8.40 -20.78 39.66
N GLU H 72 9.07 -20.44 40.76
CA GLU H 72 9.30 -19.03 41.07
C GLU H 72 10.04 -18.34 39.94
N ARG H 73 11.09 -18.98 39.41
CA ARG H 73 11.87 -18.37 38.34
C ARG H 73 11.00 -18.08 37.11
N ILE H 74 10.31 -19.10 36.60
CA ILE H 74 9.54 -18.93 35.37
C ILE H 74 8.41 -17.94 35.58
N ALA H 75 7.69 -18.03 36.71
CA ALA H 75 6.57 -17.14 36.95
C ALA H 75 7.03 -15.71 37.14
N GLY H 76 8.19 -15.51 37.77
CA GLY H 76 8.70 -14.16 37.92
C GLY H 76 9.15 -13.57 36.60
N GLU H 77 9.84 -14.36 35.78
CA GLU H 77 10.25 -13.87 34.47
C GLU H 77 9.04 -13.52 33.61
N ALA H 78 7.99 -14.37 33.63
CA ALA H 78 6.78 -14.05 32.88
C ALA H 78 6.09 -12.81 33.43
N SER H 79 6.10 -12.63 34.76
CA SER H 79 5.53 -11.43 35.37
C SER H 79 6.24 -10.18 34.87
N ARG H 80 7.57 -10.20 34.89
CA ARG H 80 8.31 -9.04 34.41
C ARG H 80 8.11 -8.83 32.91
N LEU H 81 7.95 -9.90 32.15
CA LEU H 81 7.64 -9.77 30.73
C LEU H 81 6.32 -9.04 30.52
N ALA H 82 5.26 -9.51 31.18
CA ALA H 82 3.96 -8.87 31.03
C ALA H 82 3.97 -7.43 31.55
N HIS H 83 4.77 -7.16 32.59
CA HIS H 83 4.87 -5.79 33.09
C HIS H 83 5.64 -4.91 32.12
N TYR H 84 6.58 -5.47 31.35
CA TYR H 84 7.32 -4.65 30.39
C TYR H 84 6.43 -4.24 29.23
N ASN H 85 5.54 -5.13 28.78
CA ASN H 85 4.71 -4.88 27.61
C ASN H 85 3.37 -4.24 27.96
N LYS H 86 3.25 -3.65 29.14
CA LYS H 86 2.01 -3.01 29.59
C LYS H 86 0.84 -3.99 29.56
N ARG H 87 1.12 -5.28 29.71
CA ARG H 87 0.10 -6.32 29.69
C ARG H 87 -0.31 -6.67 31.12
N SER H 88 -1.57 -7.04 31.29
CA SER H 88 -2.13 -7.36 32.59
C SER H 88 -2.35 -8.85 32.82
N THR H 89 -2.19 -9.68 31.80
CA THR H 89 -2.47 -11.11 31.90
C THR H 89 -1.22 -11.91 31.57
N ILE H 90 -1.05 -13.03 32.27
CA ILE H 90 0.03 -13.97 32.03
C ILE H 90 -0.52 -15.07 31.12
N THR H 91 -0.22 -14.98 29.83
CA THR H 91 -0.60 -16.02 28.90
C THR H 91 0.52 -17.03 28.76
N SER H 92 0.17 -18.20 28.20
CA SER H 92 1.17 -19.23 27.97
C SER H 92 2.31 -18.75 27.08
N ARG H 93 2.09 -17.69 26.29
CA ARG H 93 3.17 -17.11 25.50
C ARG H 93 4.23 -16.49 26.39
N GLU H 94 3.82 -15.84 27.48
CA GLU H 94 4.78 -15.32 28.44
C GLU H 94 5.55 -16.45 29.11
N ILE H 95 4.89 -17.55 29.44
CA ILE H 95 5.58 -18.70 30.01
C ILE H 95 6.59 -19.27 29.01
N GLN H 96 6.23 -19.31 27.73
CA GLN H 96 7.12 -19.84 26.71
C GLN H 96 8.36 -18.95 26.55
N THR H 97 8.15 -17.64 26.47
CA THR H 97 9.28 -16.73 26.36
C THR H 97 10.16 -16.78 27.61
N ALA H 98 9.54 -16.90 28.79
CA ALA H 98 10.32 -17.05 30.01
C ALA H 98 11.15 -18.32 30.00
N VAL H 99 10.56 -19.43 29.51
CA VAL H 99 11.30 -20.68 29.42
C VAL H 99 12.50 -20.52 28.49
N ARG H 100 12.27 -19.91 27.33
CA ARG H 100 13.39 -19.68 26.41
C ARG H 100 14.42 -18.72 26.98
N LEU H 101 14.02 -17.86 27.92
CA LEU H 101 14.98 -16.97 28.58
C LEU H 101 15.80 -17.71 29.63
N LEU H 102 15.20 -18.64 30.36
CA LEU H 102 15.84 -19.25 31.52
C LEU H 102 16.52 -20.59 31.18
N LEU H 103 15.77 -21.54 30.62
CA LEU H 103 16.33 -22.88 30.39
C LEU H 103 17.39 -22.83 29.30
N PRO H 104 18.55 -23.47 29.49
CA PRO H 104 19.62 -23.37 28.50
C PRO H 104 19.68 -24.56 27.55
N GLY H 105 19.93 -24.27 26.27
CA GLY H 105 20.20 -25.30 25.28
C GLY H 105 19.01 -26.19 24.98
N GLU H 106 19.30 -27.48 24.78
CA GLU H 106 18.27 -28.44 24.43
C GLU H 106 17.16 -28.50 25.48
N LEU H 107 17.51 -28.32 26.75
CA LEU H 107 16.51 -28.27 27.83
C LEU H 107 15.38 -27.31 27.49
N ALA H 108 15.70 -26.17 26.90
CA ALA H 108 14.66 -25.25 26.45
C ALA H 108 13.81 -25.91 25.38
N LYS H 109 14.43 -26.33 24.28
CA LYS H 109 13.72 -26.91 23.14
C LYS H 109 12.70 -27.94 23.60
N HIS H 110 13.17 -29.09 24.10
CA HIS H 110 12.26 -30.13 24.57
C HIS H 110 11.18 -29.54 25.47
N ALA H 111 11.55 -28.69 26.44
CA ALA H 111 10.57 -28.12 27.34
C ALA H 111 9.46 -27.43 26.55
N VAL H 112 9.83 -26.51 25.66
CA VAL H 112 8.83 -25.85 24.83
C VAL H 112 7.94 -26.88 24.15
N SER H 113 8.55 -27.90 23.52
CA SER H 113 7.76 -29.00 22.96
C SER H 113 6.76 -29.52 23.99
N GLU H 114 7.28 -29.99 25.14
CA GLU H 114 6.41 -30.56 26.17
C GLU H 114 5.35 -29.57 26.61
N GLY H 115 5.66 -28.27 26.60
CA GLY H 115 4.64 -27.28 26.87
C GLY H 115 3.59 -27.28 25.78
N THR H 116 4.01 -27.07 24.53
CA THR H 116 3.06 -26.89 23.43
C THR H 116 2.08 -28.06 23.36
N LYS H 117 2.60 -29.30 23.30
CA LYS H 117 1.74 -30.47 23.37
C LYS H 117 0.64 -30.31 24.42
N ALA H 118 1.03 -30.12 25.68
CA ALA H 118 0.04 -29.97 26.74
C ALA H 118 -1.02 -28.94 26.35
N VAL H 119 -0.57 -27.73 25.98
CA VAL H 119 -1.52 -26.69 25.60
C VAL H 119 -2.44 -27.18 24.49
N THR H 120 -1.87 -27.73 23.41
CA THR H 120 -2.70 -28.16 22.28
C THR H 120 -3.67 -29.26 22.68
N LYS H 121 -3.35 -30.05 23.71
CA LYS H 121 -4.33 -31.00 24.21
C LYS H 121 -5.40 -30.29 25.03
N TYR H 122 -4.99 -29.41 25.94
CA TYR H 122 -5.95 -28.74 26.81
C TYR H 122 -6.89 -27.85 26.01
N THR H 123 -6.36 -27.12 25.04
CA THR H 123 -7.20 -26.31 24.17
C THR H 123 -8.10 -27.15 23.27
N SER H 124 -7.80 -28.44 23.11
CA SER H 124 -8.68 -29.31 22.34
C SER H 124 -9.83 -29.85 23.19
N ALA H 125 -9.71 -29.82 24.51
CA ALA H 125 -10.77 -30.30 25.39
C ALA H 125 -11.41 -29.13 26.15
C ACE K 1 12.95 0.21 75.84
O ACE K 1 12.23 0.52 76.79
CH3 ACE K 1 14.43 -0.02 75.99
N ALA K 2 12.46 0.07 74.61
CA ALA K 2 11.04 0.28 74.38
C ALA K 2 10.57 -0.43 73.12
N LYS K 3 9.42 -1.10 73.22
CA LYS K 3 8.82 -1.71 72.03
C LYS K 3 8.12 -0.64 71.17
N THR K 4 7.03 -0.09 71.67
CA THR K 4 6.26 0.91 70.95
C THR K 4 6.77 2.31 71.27
N LEU K 5 6.20 3.32 70.61
CA LEU K 5 6.55 4.69 70.92
C LEU K 5 5.97 5.15 72.26
N LYS K 6 4.86 4.53 72.69
CA LYS K 6 4.22 4.86 73.96
C LYS K 6 4.92 4.21 75.14
N ASP K 7 6.01 3.48 74.92
CA ASP K 7 6.74 2.83 75.98
C ASP K 7 7.97 3.60 76.44
N LEU K 8 8.24 4.75 75.83
CA LEU K 8 9.35 5.61 76.24
C LEU K 8 8.90 7.07 76.32
N GLN K 9 7.62 7.29 76.66
CA GLN K 9 7.09 8.65 76.71
C GLN K 9 7.82 9.51 77.73
N GLY K 10 8.21 8.90 78.86
CA GLY K 10 8.94 9.64 79.88
C GLY K 10 10.39 9.92 79.56
N TRP K 11 10.93 9.30 78.52
CA TRP K 11 12.33 9.41 78.16
C TRP K 11 12.48 10.21 76.86
N GLU K 12 13.72 10.40 76.44
CA GLU K 12 14.03 11.12 75.21
C GLU K 12 15.40 10.70 74.72
N ILE K 13 15.54 10.58 73.41
CA ILE K 13 16.79 10.13 72.79
C ILE K 13 17.64 11.35 72.42
N ILE K 14 18.83 11.45 73.00
CA ILE K 14 19.76 12.54 72.74
C ILE K 14 20.94 11.99 71.96
N THR K 15 21.30 12.68 70.88
CA THR K 15 22.40 12.31 70.00
C THR K 15 23.56 13.27 70.21
N THR K 16 24.78 12.73 70.23
CA THR K 16 25.98 13.52 70.39
C THR K 16 27.00 13.08 69.34
N ASP K 17 27.75 14.05 68.81
CA ASP K 17 28.80 13.77 67.84
C ASP K 17 29.84 12.85 68.46
N GLU K 18 30.72 13.40 69.28
CA GLU K 18 31.61 12.64 70.14
C GLU K 18 31.43 12.98 71.61
N GLN K 19 31.34 14.28 71.93
CA GLN K 19 31.02 14.74 73.28
C GLN K 19 30.03 15.90 73.32
N GLY K 20 29.97 16.75 72.28
CA GLY K 20 29.04 17.86 72.27
C GLY K 20 27.66 17.46 71.76
N ASN K 21 26.67 18.25 72.15
CA ASN K 21 25.28 17.94 71.84
C ASN K 21 25.00 18.12 70.35
N ILE K 22 24.12 17.28 69.83
CA ILE K 22 23.72 17.30 68.42
C ILE K 22 22.22 17.10 68.33
N ILE K 23 21.58 17.83 67.43
CA ILE K 23 20.15 17.67 67.18
C ILE K 23 19.89 17.57 65.68
N LYS K 28 23.40 16.11 60.93
CA LYS K 28 22.10 15.80 61.51
C LYS K 28 21.44 14.63 60.78
N ARG K 29 21.60 14.59 59.46
CA ARG K 29 21.06 13.48 58.68
C ARG K 29 22.15 12.85 57.81
N LEU K 30 22.85 13.68 57.04
CA LEU K 30 23.80 13.17 56.08
C LEU K 30 24.94 12.44 56.76
N ARG K 31 25.15 11.19 56.34
CA ARG K 31 26.26 10.37 56.83
C ARG K 31 27.59 11.08 56.58
N ARG K 32 28.20 11.59 57.65
CA ARG K 32 29.46 12.30 57.53
C ARG K 32 30.63 11.33 57.61
N ARG K 33 31.70 11.65 56.90
CA ARG K 33 32.84 10.75 56.78
C ARG K 33 33.65 10.74 58.08
N GLY K 34 33.85 9.55 58.64
CA GLY K 34 34.69 9.40 59.82
C GLY K 34 34.15 10.06 61.07
N ALA K 35 32.83 10.15 61.21
CA ALA K 35 32.19 10.77 62.38
C ALA K 35 31.11 9.82 62.88
N LYS K 36 31.45 8.94 63.81
CA LYS K 36 30.48 8.04 64.40
C LYS K 36 29.68 8.77 65.47
N THR K 37 28.36 8.68 65.38
CA THR K 37 27.48 9.38 66.30
C THR K 37 27.13 8.48 67.48
N GLU K 38 27.19 9.02 68.69
CA GLU K 38 26.83 8.30 69.90
C GLU K 38 25.45 8.73 70.37
N HIS K 39 24.76 7.82 71.06
CA HIS K 39 23.41 8.06 71.52
C HIS K 39 23.30 7.74 73.01
N TYR K 40 22.44 8.49 73.69
CA TYR K 40 22.04 8.12 75.04
C TYR K 40 20.59 8.58 75.22
N LEU K 41 20.02 8.27 76.38
CA LEU K 41 18.63 8.61 76.61
C LEU K 41 18.46 9.34 77.94
N LYS K 42 17.64 10.39 77.92
CA LYS K 42 17.42 11.27 79.05
C LYS K 42 15.99 11.12 79.54
N ARG K 43 15.83 10.76 80.81
CA ARG K 43 14.55 10.85 81.49
C ARG K 43 14.31 12.30 81.89
N SER K 44 13.24 12.89 81.35
CA SER K 44 12.83 14.27 81.57
C SER K 44 12.23 14.50 82.96
N SER K 45 11.81 13.45 83.66
CA SER K 45 11.24 13.62 84.99
C SER K 45 12.23 14.25 85.95
N ASP K 46 13.52 14.03 85.72
CA ASP K 46 14.57 14.61 86.56
C ASP K 46 15.87 14.70 85.77
N GLY K 47 15.78 14.53 84.46
CA GLY K 47 16.94 14.60 83.60
C GLY K 47 18.02 13.58 83.89
N ILE K 48 17.64 12.32 84.01
CA ILE K 48 18.59 11.25 84.31
C ILE K 48 19.08 10.66 83.00
N LYS K 49 20.40 10.62 82.81
CA LYS K 49 21.00 10.24 81.54
C LYS K 49 21.55 8.83 81.62
N LEU K 50 21.15 7.99 80.68
CA LEU K 50 21.64 6.62 80.56
C LEU K 50 22.30 6.46 79.20
N GLY K 51 23.60 6.12 79.21
CA GLY K 51 24.33 5.88 77.99
C GLY K 51 25.25 4.68 78.12
N ARG K 52 26.17 4.51 77.17
CA ARG K 52 27.12 3.41 77.26
C ARG K 52 28.00 3.59 78.49
N GLY K 53 28.30 2.48 79.16
CA GLY K 53 29.14 2.49 80.34
C GLY K 53 28.38 2.64 81.64
N ASP K 54 27.28 3.40 81.66
CA ASP K 54 26.52 3.60 82.88
C ASP K 54 25.94 2.27 83.36
N SER K 55 26.08 2.01 84.67
CA SER K 55 25.49 0.84 85.30
C SER K 55 24.16 1.23 85.95
N VAL K 56 23.14 0.41 85.72
CA VAL K 56 21.78 0.67 86.18
C VAL K 56 21.28 -0.51 86.99
N VAL K 57 20.21 -0.28 87.75
CA VAL K 57 19.53 -1.32 88.51
C VAL K 57 18.13 -1.48 87.93
N MET K 58 17.74 -2.73 87.69
CA MET K 58 16.48 -3.07 87.05
C MET K 58 15.72 -4.05 87.91
N HIS K 59 14.40 -3.99 87.80
CA HIS K 59 13.51 -4.92 88.48
C HIS K 59 13.41 -6.20 87.68
N ASN K 60 13.95 -7.30 88.21
CA ASN K 60 13.92 -8.60 87.54
C ASN K 60 12.78 -9.41 88.15
N GLU K 61 11.59 -9.26 87.56
CA GLU K 61 10.42 -9.99 88.05
C GLU K 61 10.52 -11.49 87.80
N ALA K 62 11.40 -11.92 86.89
CA ALA K 62 11.56 -13.34 86.65
C ALA K 62 12.29 -14.04 87.79
N ALA K 63 13.12 -13.32 88.53
CA ALA K 63 13.83 -13.88 89.67
C ALA K 63 13.28 -13.44 91.01
N GLY K 64 12.32 -12.51 91.04
CA GLY K 64 11.80 -12.00 92.28
C GLY K 64 12.64 -10.94 92.94
N THR K 65 13.94 -10.93 92.67
CA THR K 65 14.86 -9.95 93.21
C THR K 65 15.08 -8.85 92.15
N TYR K 66 16.15 -8.07 92.31
CA TYR K 66 16.54 -7.07 91.34
C TYR K 66 17.91 -7.42 90.77
N SER K 67 18.20 -6.92 89.56
CA SER K 67 19.45 -7.21 88.89
C SER K 67 20.16 -5.92 88.50
N VAL K 68 21.49 -5.97 88.45
CA VAL K 68 22.30 -4.82 88.09
C VAL K 68 22.96 -5.10 86.75
N TYR K 69 22.90 -4.11 85.85
CA TYR K 69 23.45 -4.26 84.51
C TYR K 69 24.36 -3.07 84.19
N MET K 70 25.17 -3.23 83.15
CA MET K 70 26.03 -2.17 82.65
C MET K 70 25.69 -1.94 81.18
N ILE K 71 25.13 -0.78 80.88
CA ILE K 71 24.70 -0.46 79.52
C ILE K 71 25.89 -0.52 78.58
N GLN K 72 25.84 -1.40 77.59
CA GLN K 72 26.93 -1.57 76.63
C GLN K 72 26.60 -1.02 75.26
N GLU K 73 25.39 -1.23 74.76
CA GLU K 73 25.03 -0.81 73.42
C GLU K 73 23.60 -0.28 73.42
N LEU K 74 23.33 0.65 72.51
CA LEU K 74 22.03 1.31 72.39
C LEU K 74 21.55 1.22 70.94
N ARG K 75 20.84 0.15 70.63
CA ARG K 75 20.25 -0.03 69.31
C ARG K 75 18.99 0.83 69.18
N LEU K 76 18.92 1.63 68.12
CA LEU K 76 17.77 2.47 67.83
C LEU K 76 17.01 1.89 66.64
N ASN K 77 15.69 1.80 66.78
CA ASN K 77 14.79 1.39 65.69
C ASN K 77 15.19 0.03 65.11
N THR K 78 15.07 -1.00 65.95
CA THR K 78 15.17 -2.36 65.45
C THR K 78 13.85 -2.75 64.79
N ILE K 79 13.76 -3.97 64.29
CA ILE K 79 12.59 -4.37 63.53
C ILE K 79 11.54 -4.97 64.46
N ASN K 80 11.62 -4.63 65.75
CA ASN K 80 10.61 -5.07 66.70
C ASN K 80 10.51 -4.12 67.89
N ASN K 81 11.63 -3.56 68.31
CA ASN K 81 11.66 -2.60 69.40
C ASN K 81 12.17 -1.26 68.88
N VAL K 82 11.48 -0.17 69.28
CA VAL K 82 11.92 1.14 68.85
C VAL K 82 13.25 1.51 69.49
N VAL K 83 13.54 0.96 70.68
CA VAL K 83 14.83 1.12 71.32
C VAL K 83 15.17 -0.17 72.03
N GLU K 84 16.33 -0.74 71.74
CA GLU K 84 16.84 -1.92 72.44
C GLU K 84 18.00 -1.50 73.32
N LEU K 85 17.91 -1.85 74.59
CA LEU K 85 18.94 -1.53 75.58
C LEU K 85 19.74 -2.80 75.83
N TRP K 86 20.96 -2.86 75.30
CA TRP K 86 21.83 -4.00 75.50
C TRP K 86 22.77 -3.72 76.66
N ALA K 87 22.94 -4.71 77.55
CA ALA K 87 23.74 -4.48 78.73
C ALA K 87 24.42 -5.77 79.19
N LEU K 88 25.62 -5.63 79.72
CA LEU K 88 26.26 -6.72 80.42
C LEU K 88 25.56 -6.95 81.76
N THR K 89 25.51 -8.21 82.19
CA THR K 89 24.86 -8.55 83.44
C THR K 89 25.89 -8.64 84.57
N TYR K 90 25.44 -8.33 85.78
CA TYR K 90 26.24 -8.50 86.98
C TYR K 90 25.76 -9.73 87.75
N LEU K 91 26.66 -10.30 88.54
CA LEU K 91 26.31 -11.36 89.46
C LEU K 91 26.21 -10.77 90.86
N ARG K 92 25.04 -10.90 91.47
CA ARG K 92 24.82 -10.38 92.81
C ARG K 92 25.55 -11.27 93.82
N TRP K 93 25.40 -10.92 95.11
CA TRP K 93 26.15 -11.62 96.14
C TRP K 93 25.72 -13.07 96.27
N PHE K 94 24.44 -13.36 96.03
CA PHE K 94 23.89 -14.69 96.24
C PHE K 94 24.02 -15.58 95.01
N GLU K 95 24.99 -15.32 94.12
CA GLU K 95 25.17 -16.11 92.92
C GLU K 95 26.60 -16.60 92.77
N VAL K 96 27.39 -16.55 93.84
CA VAL K 96 28.79 -16.99 93.78
C VAL K 96 29.01 -18.14 94.75
N ASN K 128 29.91 -9.45 101.98
CA ASN K 128 29.51 -8.19 101.38
C ASN K 128 28.38 -8.40 100.38
N LYS K 129 27.22 -7.83 100.66
CA LYS K 129 26.07 -7.93 99.79
C LYS K 129 25.99 -6.81 98.76
N ASN K 130 26.93 -5.87 98.77
CA ASN K 130 27.01 -4.82 97.78
C ASN K 130 28.27 -4.90 96.94
N GLU K 131 28.77 -6.12 96.73
CA GLU K 131 29.87 -6.37 95.80
C GLU K 131 29.33 -7.14 94.61
N LEU K 132 29.47 -6.56 93.43
CA LEU K 132 28.99 -7.18 92.20
C LEU K 132 30.13 -7.82 91.43
N TYR K 133 29.76 -8.60 90.41
CA TYR K 133 30.73 -9.28 89.58
C TYR K 133 30.30 -9.15 88.13
N LEU K 134 31.21 -8.66 87.29
CA LEU K 134 30.90 -8.42 85.89
C LEU K 134 30.99 -9.72 85.10
N THR K 135 30.11 -9.84 84.10
CA THR K 135 30.13 -10.99 83.19
C THR K 135 29.94 -10.47 81.76
N ALA K 136 30.38 -11.30 80.80
CA ALA K 136 30.21 -10.97 79.39
C ALA K 136 28.83 -11.34 78.87
N GLU K 137 27.99 -11.97 79.69
CA GLU K 137 26.64 -12.29 79.27
C GLU K 137 25.82 -11.02 79.10
N LEU K 138 25.20 -10.88 77.93
CA LEU K 138 24.42 -9.70 77.60
C LEU K 138 22.94 -9.96 77.84
N ALA K 139 22.18 -8.87 77.93
CA ALA K 139 20.74 -8.94 78.14
C ALA K 139 20.09 -7.70 77.54
N GLU K 140 18.84 -7.85 77.16
CA GLU K 140 18.04 -6.75 76.61
C GLU K 140 17.08 -6.26 77.69
N LEU K 141 17.22 -4.99 78.04
CA LEU K 141 16.45 -4.38 79.12
C LEU K 141 15.34 -3.50 78.56
N GLN K 142 14.23 -3.47 79.29
CA GLN K 142 13.11 -2.60 78.97
C GLN K 142 13.03 -1.48 80.01
N LEU K 143 12.74 -0.27 79.54
CA LEU K 143 12.82 0.90 80.41
C LEU K 143 11.83 0.86 81.57
N PHE K 144 10.71 0.15 81.42
CA PHE K 144 9.74 0.15 82.51
C PHE K 144 10.19 -0.67 83.71
N ASN K 145 11.42 -1.18 83.77
CA ASN K 145 11.93 -1.87 84.95
C ASN K 145 13.07 -1.10 85.60
N PHE K 146 13.37 0.10 85.11
CA PHE K 146 14.47 0.90 85.65
C PHE K 146 14.15 1.37 87.05
N ILE K 147 15.15 1.37 87.92
CA ILE K 147 14.98 1.89 89.28
C ILE K 147 15.88 3.10 89.47
N ARG K 148 17.16 2.87 89.73
CA ARG K 148 18.12 3.95 89.92
C ARG K 148 19.35 3.73 89.06
N VAL K 149 20.41 4.49 89.30
CA VAL K 149 21.68 4.36 88.60
C VAL K 149 22.74 3.97 89.63
N ALA K 150 23.31 2.78 89.47
CA ALA K 150 24.27 2.25 90.43
C ALA K 150 25.60 3.01 90.34
N ASN K 151 26.21 3.23 91.51
CA ASN K 151 27.51 3.89 91.62
C ASN K 151 28.53 2.81 91.90
N VAL K 152 29.26 2.38 90.86
CA VAL K 152 30.19 1.27 90.96
C VAL K 152 31.61 1.80 91.12
N MET K 153 32.30 1.29 92.14
CA MET K 153 33.68 1.66 92.41
C MET K 153 34.51 0.39 92.61
N ASP K 154 35.82 0.58 92.83
CA ASP K 154 36.74 -0.52 93.00
C ASP K 154 36.98 -0.76 94.49
N GLY K 155 38.06 -1.45 94.83
CA GLY K 155 38.34 -1.78 96.23
C GLY K 155 38.93 -0.63 97.02
N SER K 156 39.85 0.12 96.40
CA SER K 156 40.43 1.28 97.09
C SER K 156 39.37 2.31 97.41
N LYS K 157 38.55 2.68 96.41
CA LYS K 157 37.46 3.61 96.65
C LYS K 157 36.44 3.05 97.64
N TRP K 158 36.35 1.72 97.75
CA TRP K 158 35.41 1.13 98.70
C TRP K 158 35.93 1.24 100.13
N GLU K 159 37.25 1.08 100.32
CA GLU K 159 37.81 1.28 101.65
C GLU K 159 37.90 2.75 102.01
N VAL K 160 38.11 3.63 101.04
CA VAL K 160 38.22 5.05 101.35
C VAL K 160 36.87 5.61 101.80
N LEU K 161 35.78 5.15 101.18
CA LEU K 161 34.44 5.64 101.47
C LEU K 161 33.65 4.53 102.15
N LYS K 162 33.94 4.31 103.43
CA LYS K 162 33.23 3.33 104.24
C LYS K 162 32.17 3.94 105.13
N GLY K 163 32.46 5.07 105.76
CA GLY K 163 31.48 5.69 106.63
C GLY K 163 30.28 6.23 105.88
N ASN K 164 30.48 6.71 104.66
CA ASN K 164 29.40 7.26 103.85
C ASN K 164 29.07 6.25 102.74
N VAL K 165 28.29 5.23 103.12
CA VAL K 165 27.89 4.17 102.22
C VAL K 165 26.37 4.16 102.10
N ASP K 166 25.89 3.92 100.88
CA ASP K 166 24.46 3.81 100.61
C ASP K 166 24.18 2.41 100.07
N PRO K 167 23.34 1.62 100.73
CA PRO K 167 23.18 0.21 100.30
C PRO K 167 22.47 0.05 98.97
N GLU K 168 21.61 0.98 98.57
CA GLU K 168 20.80 0.83 97.37
C GLU K 168 21.30 1.68 96.21
N ARG K 169 22.53 2.18 96.28
CA ARG K 169 23.04 3.10 95.28
C ARG K 169 24.50 2.84 94.95
N ASP K 170 25.30 2.48 95.95
CA ASP K 170 26.74 2.28 95.78
C ASP K 170 27.09 0.80 95.84
N PHE K 171 27.87 0.34 94.87
CA PHE K 171 28.35 -1.02 94.79
C PHE K 171 29.83 -1.00 94.44
N THR K 172 30.49 -2.12 94.70
CA THR K 172 31.90 -2.28 94.37
C THR K 172 32.06 -3.48 93.44
N VAL K 173 32.94 -3.34 92.45
CA VAL K 173 33.23 -4.40 91.50
C VAL K 173 34.75 -4.57 91.45
N ARG K 174 35.23 -5.73 91.87
CA ARG K 174 36.66 -6.03 91.87
C ARG K 174 37.06 -7.06 90.84
N TYR K 175 36.21 -8.03 90.54
CA TYR K 175 36.54 -9.12 89.65
C TYR K 175 35.56 -9.17 88.48
N ILE K 176 35.86 -10.04 87.52
CA ILE K 176 34.98 -10.37 86.41
C ILE K 176 35.03 -11.88 86.22
N CYS K 177 33.86 -12.51 86.10
CA CYS K 177 33.77 -13.96 86.11
C CYS K 177 32.80 -14.42 85.03
N GLU K 178 32.56 -15.72 85.00
CA GLU K 178 31.61 -16.30 84.07
C GLU K 178 30.20 -16.29 84.67
N PRO K 179 29.17 -16.41 83.84
CA PRO K 179 27.80 -16.44 84.37
C PRO K 179 27.56 -17.56 85.36
N THR K 180 28.32 -18.65 85.30
CA THR K 180 28.15 -19.74 86.25
C THR K 180 28.61 -19.36 87.66
N GLY K 181 29.52 -18.40 87.79
CA GLY K 181 29.96 -17.95 89.09
C GLY K 181 31.30 -18.52 89.51
N GLU K 182 32.30 -18.43 88.64
CA GLU K 182 33.64 -18.91 88.93
C GLU K 182 34.61 -18.26 87.97
N LYS K 183 35.91 -18.53 88.17
CA LYS K 183 37.00 -17.95 87.39
C LYS K 183 37.00 -16.43 87.51
N PHE K 184 37.43 -15.97 88.68
CA PHE K 184 37.45 -14.55 89.00
C PHE K 184 38.78 -13.95 88.59
N VAL K 185 38.73 -12.82 87.89
CA VAL K 185 39.91 -12.10 87.44
C VAL K 185 39.75 -10.63 87.83
N ASP K 186 40.62 -10.16 88.72
CA ASP K 186 40.51 -8.79 89.20
C ASP K 186 40.80 -7.81 88.07
N ILE K 187 40.12 -6.66 88.11
CA ILE K 187 40.28 -5.63 87.09
C ILE K 187 39.69 -4.33 87.64
N ASN K 188 40.33 -3.21 87.30
CA ASN K 188 39.82 -1.90 87.67
C ASN K 188 38.52 -1.63 86.91
N ILE K 189 37.45 -1.39 87.64
CA ILE K 189 36.15 -1.19 87.00
C ILE K 189 36.09 0.16 86.30
N GLU K 190 36.86 1.15 86.77
CA GLU K 190 36.89 2.45 86.11
C GLU K 190 37.47 2.33 84.70
N ASP K 191 38.54 1.54 84.54
CA ASP K 191 39.13 1.32 83.23
C ASP K 191 38.16 0.59 82.30
N VAL K 192 37.40 -0.36 82.85
CA VAL K 192 36.40 -1.04 82.03
C VAL K 192 35.31 -0.08 81.58
N LYS K 193 34.88 0.82 82.48
CA LYS K 193 33.93 1.85 82.11
C LYS K 193 34.47 2.70 80.96
N ALA K 194 35.71 3.18 81.09
CA ALA K 194 36.32 3.98 80.02
C ALA K 194 36.38 3.20 78.72
N TYR K 195 36.76 1.92 78.77
CA TYR K 195 36.93 1.14 77.54
C TYR K 195 35.60 0.84 76.88
N ILE K 196 34.54 0.61 77.66
CA ILE K 196 33.22 0.44 77.07
C ILE K 196 32.76 1.77 76.46
N LYS K 197 33.07 2.88 77.12
CA LYS K 197 32.72 4.19 76.56
C LYS K 197 33.46 4.48 75.27
N LYS K 198 34.68 3.94 75.09
CA LYS K 198 35.53 4.29 73.95
C LYS K 198 35.29 3.37 72.75
N VAL K 199 35.79 2.13 72.83
CA VAL K 199 35.80 1.24 71.68
C VAL K 199 34.37 0.80 71.31
N GLU K 200 34.22 0.20 70.13
CA GLU K 200 32.92 -0.22 69.65
C GLU K 200 32.43 -1.45 70.39
N PRO K 201 31.12 -1.66 70.48
CA PRO K 201 30.60 -2.78 71.27
C PRO K 201 31.04 -4.15 70.77
N ARG K 202 30.99 -4.37 69.45
CA ARG K 202 31.30 -5.69 68.91
C ARG K 202 32.74 -6.11 69.20
N GLU K 203 33.60 -5.16 69.57
CA GLU K 203 34.98 -5.47 69.91
C GLU K 203 35.16 -5.64 71.42
N ALA K 204 34.59 -4.73 72.21
CA ALA K 204 34.67 -4.85 73.67
C ALA K 204 34.01 -6.12 74.17
N GLN K 205 32.94 -6.58 73.53
CA GLN K 205 32.28 -7.80 73.98
C GLN K 205 33.21 -9.00 73.84
N GLU K 206 33.84 -9.16 72.66
CA GLU K 206 34.81 -10.23 72.48
C GLU K 206 36.01 -10.06 73.41
N TYR K 207 36.43 -8.81 73.65
CA TYR K 207 37.50 -8.56 74.61
C TYR K 207 37.14 -9.10 75.99
N LEU K 208 35.94 -8.79 76.47
CA LEU K 208 35.51 -9.25 77.79
C LEU K 208 35.30 -10.76 77.82
N LYS K 209 34.99 -11.36 76.67
CA LYS K 209 34.82 -12.81 76.62
C LYS K 209 36.14 -13.52 76.89
N ASP K 210 37.22 -13.09 76.24
CA ASP K 210 38.51 -13.77 76.39
C ASP K 210 39.29 -13.32 77.62
N LEU K 211 38.72 -12.48 78.47
CA LEU K 211 39.39 -12.09 79.71
C LEU K 211 39.38 -13.18 80.76
N THR K 212 38.63 -14.27 80.55
CA THR K 212 38.50 -15.35 81.53
C THR K 212 38.65 -16.69 80.81
N LEU K 213 39.89 -17.01 80.43
CA LEU K 213 40.21 -18.32 79.85
C LEU K 213 41.71 -18.57 79.84
C ACE L 1 6.18 -20.62 7.93
O ACE L 1 5.43 -20.50 6.98
CH3 ACE L 1 7.64 -20.95 7.77
N ALA L 2 5.77 -20.46 9.18
CA ALA L 2 4.37 -20.15 9.46
C ALA L 2 4.23 -19.39 10.78
N LYS L 3 3.35 -18.39 10.79
CA LYS L 3 3.11 -17.62 12.00
C LYS L 3 2.17 -18.36 12.94
N THR L 4 0.93 -18.56 12.52
CA THR L 4 -0.07 -19.27 13.30
C THR L 4 -0.23 -20.70 12.78
N LEU L 5 -1.07 -21.48 13.47
CA LEU L 5 -1.28 -22.87 13.08
C LEU L 5 -1.95 -22.97 11.71
N LYS L 6 -3.02 -22.19 11.49
CA LYS L 6 -3.71 -22.24 10.20
C LYS L 6 -2.82 -21.78 9.05
N ASP L 7 -1.70 -21.11 9.34
CA ASP L 7 -0.77 -20.75 8.28
C ASP L 7 -0.03 -21.96 7.73
N LEU L 8 -0.02 -23.08 8.45
CA LEU L 8 0.55 -24.33 7.96
C LEU L 8 -0.50 -25.42 7.82
N GLN L 9 -1.78 -25.03 7.73
CA GLN L 9 -2.86 -26.01 7.70
C GLN L 9 -2.71 -26.97 6.53
N GLY L 10 -2.22 -26.48 5.39
CA GLY L 10 -1.94 -27.34 4.26
C GLY L 10 -0.65 -28.11 4.35
N TRP L 11 0.07 -28.00 5.48
CA TRP L 11 1.36 -28.65 5.66
C TRP L 11 1.33 -29.50 6.93
N GLU L 12 2.40 -30.27 7.14
CA GLU L 12 2.54 -31.10 8.33
C GLU L 12 4.02 -31.23 8.67
N ILE L 13 4.33 -31.22 9.96
CA ILE L 13 5.72 -31.26 10.43
C ILE L 13 6.08 -32.70 10.76
N ILE L 14 7.17 -33.19 10.19
CA ILE L 14 7.64 -34.55 10.38
C ILE L 14 9.09 -34.52 10.87
N THR L 15 9.40 -35.36 11.84
CA THR L 15 10.74 -35.41 12.43
C THR L 15 11.27 -36.83 12.35
N THR L 16 12.53 -36.96 11.93
CA THR L 16 13.22 -38.24 11.87
C THR L 16 14.55 -38.12 12.60
N ASP L 17 14.91 -39.18 13.33
CA ASP L 17 16.14 -39.19 14.12
C ASP L 17 17.32 -39.71 13.31
N GLU L 18 17.20 -40.91 12.76
CA GLU L 18 18.25 -41.48 11.91
C GLU L 18 17.63 -41.94 10.59
N GLN L 19 16.58 -42.76 10.69
CA GLN L 19 15.84 -43.22 9.51
C GLN L 19 14.37 -43.33 9.84
N GLY L 20 14.05 -43.96 10.97
CA GLY L 20 12.67 -44.09 11.38
C GLY L 20 12.03 -42.76 11.73
N ASN L 21 10.71 -42.78 11.82
CA ASN L 21 9.93 -41.59 12.10
C ASN L 21 9.42 -41.62 13.54
N ILE L 22 8.69 -40.56 13.91
CA ILE L 22 8.09 -40.43 15.24
C ILE L 22 6.68 -39.90 15.08
N ILE L 23 5.86 -40.15 16.10
CA ILE L 23 4.49 -39.66 16.11
C ILE L 23 4.30 -38.74 17.31
N LYS L 28 10.82 -37.32 20.49
CA LYS L 28 10.62 -37.91 21.80
C LYS L 28 10.47 -36.83 22.86
N ARG L 29 10.31 -37.25 24.12
CA ARG L 29 10.17 -36.32 25.24
C ARG L 29 11.52 -36.02 25.89
N LEU L 30 12.16 -37.07 26.40
CA LEU L 30 13.43 -36.90 27.07
C LEU L 30 14.56 -36.75 26.04
N ARG L 31 15.62 -36.07 26.45
CA ARG L 31 16.80 -35.96 25.60
C ARG L 31 17.49 -37.31 25.46
N ARG L 32 18.30 -37.44 24.41
CA ARG L 32 19.03 -38.67 24.16
C ARG L 32 20.43 -38.31 23.66
N ARG L 33 21.32 -39.31 23.70
CA ARG L 33 22.70 -39.12 23.27
C ARG L 33 22.81 -38.83 21.78
N LYS L 36 20.76 -36.42 17.61
CA LYS L 36 20.26 -35.19 16.98
C LYS L 36 19.09 -35.48 16.06
N THR L 37 17.94 -34.87 16.35
CA THR L 37 16.75 -35.05 15.55
C THR L 37 16.73 -34.06 14.39
N GLU L 38 16.16 -34.48 13.27
CA GLU L 38 16.01 -33.66 12.08
C GLU L 38 14.53 -33.42 11.80
N HIS L 39 14.22 -32.22 11.32
CA HIS L 39 12.85 -31.82 11.07
C HIS L 39 12.67 -31.42 9.60
N TYR L 40 11.46 -31.62 9.10
CA TYR L 40 11.10 -31.17 7.76
C TYR L 40 9.59 -31.02 7.71
N LEU L 41 9.10 -30.41 6.63
CA LEU L 41 7.67 -30.17 6.50
C LEU L 41 7.18 -30.69 5.15
N LYS L 42 6.03 -31.35 5.18
CA LYS L 42 5.45 -32.00 4.01
C LYS L 42 4.13 -31.32 3.66
N ARG L 43 4.04 -30.87 2.42
CA ARG L 43 2.76 -30.46 1.84
C ARG L 43 1.95 -31.72 1.52
N SER L 44 0.74 -31.78 2.09
CA SER L 44 -0.12 -32.96 2.03
C SER L 44 -0.91 -33.06 0.74
N SER L 45 -1.06 -31.96 0.01
CA SER L 45 -1.79 -32.01 -1.26
C SER L 45 -1.05 -32.85 -2.30
N ASP L 46 0.27 -32.96 -2.17
CA ASP L 46 1.02 -33.81 -3.09
C ASP L 46 2.24 -34.46 -2.44
N GLY L 47 2.38 -34.41 -1.11
CA GLY L 47 3.51 -34.98 -0.43
C GLY L 47 4.83 -34.36 -0.82
N ILE L 48 4.95 -33.05 -0.65
CA ILE L 48 6.16 -32.31 -1.02
C ILE L 48 6.98 -32.07 0.25
N LYS L 49 8.18 -32.65 0.29
CA LYS L 49 9.02 -32.63 1.49
C LYS L 49 10.06 -31.53 1.38
N LEU L 50 10.06 -30.61 2.34
CA LEU L 50 11.05 -29.55 2.45
C LEU L 50 11.86 -29.81 3.72
N GLY L 51 13.15 -30.10 3.55
CA GLY L 51 14.03 -30.31 4.69
C GLY L 51 15.27 -29.46 4.57
N ARG L 52 16.32 -29.80 5.33
CA ARG L 52 17.56 -29.03 5.25
C ARG L 52 18.30 -29.34 3.95
N GLY L 53 18.87 -28.30 3.34
CA GLY L 53 19.56 -28.44 2.08
C GLY L 53 18.68 -28.38 0.85
N ASP L 54 17.37 -28.56 1.00
CA ASP L 54 16.47 -28.51 -0.14
C ASP L 54 16.42 -27.11 -0.72
N SER L 55 16.29 -27.04 -2.05
CA SER L 55 16.19 -25.76 -2.75
C SER L 55 14.74 -25.53 -3.14
N VAL L 56 14.26 -24.31 -2.90
CA VAL L 56 12.88 -23.94 -3.16
C VAL L 56 12.86 -22.65 -3.97
N VAL L 57 11.71 -22.38 -4.58
CA VAL L 57 11.45 -21.14 -5.29
C VAL L 57 10.34 -20.39 -4.56
N MET L 58 10.58 -19.11 -4.27
CA MET L 58 9.67 -18.26 -3.52
C MET L 58 9.23 -17.09 -4.37
N HIS L 59 8.00 -16.65 -4.16
CA HIS L 59 7.45 -15.48 -4.85
C HIS L 59 7.90 -14.25 -4.09
N ASN L 60 8.98 -13.65 -4.55
CA ASN L 60 9.45 -12.37 -4.05
C ASN L 60 8.55 -11.25 -4.61
N GLU L 61 7.62 -10.77 -3.78
CA GLU L 61 6.70 -9.71 -4.16
C GLU L 61 7.32 -8.34 -4.03
N ALA L 62 8.58 -8.25 -3.63
CA ALA L 62 9.31 -7.00 -3.60
C ALA L 62 9.99 -6.71 -4.94
N ALA L 63 10.72 -7.68 -5.46
CA ALA L 63 11.26 -7.54 -6.81
C ALA L 63 10.17 -7.67 -7.87
N GLY L 64 9.14 -8.46 -7.57
CA GLY L 64 8.08 -8.73 -8.51
C GLY L 64 8.20 -10.06 -9.23
N THR L 65 9.43 -10.55 -9.42
CA THR L 65 9.66 -11.85 -10.04
C THR L 65 9.67 -12.95 -8.98
N TYR L 66 10.70 -13.80 -9.00
CA TYR L 66 10.81 -14.89 -8.02
C TYR L 66 12.25 -14.95 -7.52
N SER L 67 12.50 -15.85 -6.56
CA SER L 67 13.84 -16.00 -6.00
C SER L 67 14.01 -17.40 -5.46
N VAL L 68 15.17 -18.00 -5.72
CA VAL L 68 15.47 -19.37 -5.28
C VAL L 68 16.26 -19.30 -3.98
N TYR L 69 15.96 -20.21 -3.07
CA TYR L 69 16.63 -20.31 -1.78
C TYR L 69 17.00 -21.76 -1.50
N MET L 70 17.88 -21.95 -0.53
CA MET L 70 18.31 -23.27 -0.09
C MET L 70 18.08 -23.36 1.41
N ILE L 71 17.14 -24.21 1.82
CA ILE L 71 16.79 -24.35 3.23
C ILE L 71 18.01 -24.78 4.02
N GLN L 72 18.35 -24.02 5.06
CA GLN L 72 19.51 -24.29 5.90
C GLN L 72 19.14 -24.71 7.31
N GLU L 73 18.15 -24.06 7.91
CA GLU L 73 17.76 -24.33 9.29
C GLU L 73 16.24 -24.32 9.38
N LEU L 74 15.72 -25.03 10.39
CA LEU L 74 14.28 -25.14 10.62
C LEU L 74 14.00 -24.90 12.10
N ARG L 75 14.01 -23.63 12.49
CA ARG L 75 13.70 -23.27 13.87
C ARG L 75 12.26 -23.64 14.19
N LEU L 76 12.06 -24.19 15.40
CA LEU L 76 10.77 -24.71 15.82
C LEU L 76 10.32 -24.03 17.10
N ASN L 77 9.05 -23.60 17.12
CA ASN L 77 8.39 -23.08 18.32
C ASN L 77 9.10 -21.84 18.87
N THR L 78 9.29 -20.86 18.00
CA THR L 78 9.80 -19.58 18.46
C THR L 78 8.68 -18.80 19.17
N ILE L 79 9.05 -17.66 19.76
CA ILE L 79 8.09 -16.87 20.53
C ILE L 79 7.19 -16.02 19.67
N ASN L 80 7.37 -16.04 18.35
CA ASN L 80 6.47 -15.34 17.44
C ASN L 80 5.95 -16.23 16.33
N ASN L 81 6.78 -17.11 15.78
CA ASN L 81 6.38 -18.03 14.75
C ASN L 81 6.43 -19.46 15.29
N VAL L 82 5.41 -20.26 14.93
CA VAL L 82 5.44 -21.67 15.31
C VAL L 82 6.57 -22.39 14.58
N VAL L 83 6.81 -22.05 13.32
CA VAL L 83 7.89 -22.64 12.52
C VAL L 83 8.55 -21.52 11.72
N GLU L 84 9.86 -21.37 11.89
CA GLU L 84 10.65 -20.45 11.07
C GLU L 84 11.47 -21.26 10.09
N LEU L 85 11.55 -20.75 8.85
CA LEU L 85 12.25 -21.44 7.77
C LEU L 85 13.42 -20.56 7.33
N TRP L 86 14.61 -20.86 7.86
CA TRP L 86 15.82 -20.12 7.50
C TRP L 86 16.46 -20.76 6.28
N ALA L 87 16.86 -19.93 5.32
CA ALA L 87 17.41 -20.43 4.07
C ALA L 87 18.44 -19.46 3.52
N LEU L 88 19.52 -20.01 3.00
CA LEU L 88 20.50 -19.21 2.26
C LEU L 88 19.90 -18.77 0.93
N THR L 89 20.34 -17.61 0.44
CA THR L 89 19.77 -17.02 -0.75
C THR L 89 20.62 -17.36 -1.98
N TYR L 90 19.95 -17.44 -3.12
CA TYR L 90 20.61 -17.59 -4.41
C TYR L 90 20.65 -16.24 -5.13
N LEU L 91 21.49 -16.16 -6.16
CA LEU L 91 21.59 -14.97 -6.99
C LEU L 91 21.11 -15.29 -8.41
N ARG L 92 20.17 -14.49 -8.89
CA ARG L 92 19.70 -14.60 -10.26
C ARG L 92 20.72 -13.98 -11.22
N TRP L 93 20.53 -14.26 -12.51
CA TRP L 93 21.47 -13.75 -13.51
C TRP L 93 21.43 -12.24 -13.65
N PHE L 94 20.35 -11.59 -13.24
CA PHE L 94 20.25 -10.14 -13.27
C PHE L 94 20.62 -9.49 -11.95
N GLU L 95 20.97 -10.28 -10.93
CA GLU L 95 21.39 -9.76 -9.64
C GLU L 95 22.90 -9.83 -9.45
N VAL L 96 23.65 -10.04 -10.51
CA VAL L 96 25.10 -10.14 -10.45
C VAL L 96 25.70 -8.85 -10.98
N ASN L 97 26.99 -8.66 -10.71
CA ASN L 97 27.71 -7.47 -11.19
C ASN L 97 28.43 -7.82 -12.48
N PRO L 98 28.12 -7.15 -13.59
CA PRO L 98 28.83 -7.47 -14.84
C PRO L 98 30.29 -7.06 -14.83
N LEU L 99 30.61 -5.92 -14.21
CA LEU L 99 32.01 -5.48 -14.16
C LEU L 99 32.87 -6.44 -13.36
N ALA L 100 32.35 -6.95 -12.23
CA ALA L 100 33.12 -7.88 -11.42
C ALA L 100 33.40 -9.17 -12.18
N HIS L 101 32.41 -9.67 -12.92
CA HIS L 101 32.62 -10.90 -13.68
C HIS L 101 33.53 -10.66 -14.88
N TYR L 102 33.49 -9.46 -15.47
CA TYR L 102 34.35 -9.15 -16.61
C TYR L 102 35.79 -8.86 -16.19
N ARG L 103 36.01 -8.46 -14.94
CA ARG L 103 37.37 -8.21 -14.45
C ARG L 103 37.98 -9.42 -13.76
N GLN L 104 37.19 -10.23 -13.05
CA GLN L 104 37.73 -11.37 -12.34
C GLN L 104 37.94 -12.59 -13.24
N PHE L 105 37.24 -12.65 -14.38
CA PHE L 105 37.36 -13.78 -15.29
C PHE L 105 38.11 -13.47 -16.57
N ASN L 106 38.16 -12.21 -16.97
CA ASN L 106 38.85 -11.83 -18.21
C ASN L 106 40.04 -10.94 -17.91
N PRO L 115 32.42 2.61 -19.64
CA PRO L 115 31.24 2.06 -20.30
C PRO L 115 30.61 0.92 -19.53
N LEU L 116 29.38 1.11 -19.06
CA LEU L 116 28.68 0.10 -18.28
C LEU L 116 27.66 -0.69 -19.09
N ASN L 117 26.99 -0.04 -20.04
CA ASN L 117 25.95 -0.73 -20.82
C ASN L 117 26.53 -1.89 -21.62
N TYR L 118 27.79 -1.80 -22.02
CA TYR L 118 28.40 -2.85 -22.84
C TYR L 118 28.56 -4.14 -22.05
N TYR L 119 28.98 -4.05 -20.79
CA TYR L 119 29.10 -5.25 -19.98
C TYR L 119 27.74 -5.84 -19.65
N ASN L 120 26.73 -4.99 -19.43
CA ASN L 120 25.36 -5.49 -19.27
C ASN L 120 24.92 -6.27 -20.51
N LYS L 121 25.21 -5.74 -21.70
CA LYS L 121 24.90 -6.45 -22.93
C LYS L 121 25.61 -7.80 -22.98
N LEU L 122 26.93 -7.80 -22.78
CA LEU L 122 27.70 -9.03 -22.80
C LEU L 122 27.10 -10.07 -21.86
N PHE L 123 26.79 -9.67 -20.63
CA PHE L 123 26.28 -10.62 -19.64
C PHE L 123 24.89 -11.13 -20.04
N SER L 124 23.96 -10.20 -20.31
CA SER L 124 22.59 -10.60 -20.62
C SER L 124 22.50 -11.43 -21.90
N GLU L 125 23.46 -11.31 -22.80
CA GLU L 125 23.40 -12.11 -24.01
C GLU L 125 24.15 -13.43 -23.89
N THR L 126 25.26 -13.46 -23.16
CA THR L 126 26.11 -14.64 -23.13
C THR L 126 25.80 -15.58 -21.97
N ALA L 127 25.33 -15.06 -20.85
CA ALA L 127 25.12 -15.89 -19.67
C ALA L 127 23.89 -16.78 -19.84
N ASN L 128 23.68 -17.64 -18.85
CA ASN L 128 22.57 -18.57 -18.84
C ASN L 128 21.45 -18.05 -17.97
N LYS L 129 20.20 -18.22 -18.42
CA LYS L 129 19.06 -17.71 -17.67
C LYS L 129 18.84 -18.47 -16.38
N ASN L 130 19.27 -19.73 -16.33
CA ASN L 130 19.06 -20.56 -15.15
C ASN L 130 20.37 -20.95 -14.49
N GLU L 131 21.23 -19.98 -14.21
CA GLU L 131 22.48 -20.20 -13.48
C GLU L 131 22.46 -19.33 -12.23
N LEU L 132 22.33 -19.96 -11.07
CA LEU L 132 22.25 -19.28 -9.78
C LEU L 132 23.60 -19.36 -9.06
N TYR L 133 23.73 -18.55 -8.00
CA TYR L 133 24.96 -18.48 -7.23
C TYR L 133 24.63 -18.34 -5.75
N LEU L 134 25.32 -19.10 -4.90
CA LEU L 134 25.02 -19.10 -3.47
C LEU L 134 25.49 -17.80 -2.82
N THR L 135 24.94 -17.54 -1.64
CA THR L 135 25.32 -16.41 -0.83
C THR L 135 25.35 -16.83 0.63
N ALA L 136 26.21 -16.19 1.41
CA ALA L 136 26.32 -16.47 2.83
C ALA L 136 25.25 -15.75 3.65
N GLU L 137 24.33 -15.03 3.01
CA GLU L 137 23.24 -14.35 3.70
C GLU L 137 21.99 -15.21 3.62
N LEU L 138 21.20 -15.17 4.68
CA LEU L 138 20.01 -15.98 4.84
C LEU L 138 18.79 -15.08 5.06
N ALA L 139 17.61 -15.64 4.75
CA ALA L 139 16.37 -14.89 4.88
C ALA L 139 15.26 -15.83 5.30
N GLU L 140 14.47 -15.41 6.29
CA GLU L 140 13.36 -16.22 6.76
C GLU L 140 12.26 -16.25 5.71
N LEU L 141 11.73 -17.44 5.44
CA LEU L 141 10.74 -17.66 4.41
C LEU L 141 9.40 -18.03 5.03
N GLN L 142 8.32 -17.72 4.31
CA GLN L 142 6.97 -18.02 4.73
C GLN L 142 6.31 -18.91 3.67
N LEU L 143 5.45 -19.83 4.12
CA LEU L 143 4.94 -20.86 3.23
C LEU L 143 3.88 -20.35 2.26
N PHE L 144 3.31 -19.17 2.49
CA PHE L 144 2.33 -18.63 1.56
C PHE L 144 2.98 -17.97 0.34
N ASN L 145 4.29 -18.17 0.14
CA ASN L 145 4.99 -17.72 -1.05
C ASN L 145 5.74 -18.85 -1.74
N PHE L 146 5.49 -20.09 -1.34
CA PHE L 146 6.22 -21.25 -1.88
C PHE L 146 5.52 -21.78 -3.12
N ILE L 147 6.32 -22.13 -4.13
CA ILE L 147 5.79 -22.65 -5.39
C ILE L 147 6.11 -24.14 -5.48
N ARG L 148 7.37 -24.46 -5.77
CA ARG L 148 7.78 -25.85 -5.96
C ARG L 148 9.21 -26.02 -5.48
N VAL L 149 9.69 -27.25 -5.55
CA VAL L 149 11.04 -27.58 -5.12
C VAL L 149 11.97 -27.50 -6.32
N ALA L 150 13.12 -26.85 -6.13
CA ALA L 150 14.09 -26.66 -7.20
C ALA L 150 15.10 -27.81 -7.22
N ASN L 151 15.59 -28.11 -8.43
CA ASN L 151 16.61 -29.13 -8.63
C ASN L 151 17.90 -28.45 -9.07
N VAL L 152 18.94 -28.56 -8.25
CA VAL L 152 20.20 -27.87 -8.46
C VAL L 152 21.22 -28.87 -8.99
N MET L 153 21.85 -28.52 -10.11
CA MET L 153 22.88 -29.33 -10.73
C MET L 153 24.25 -28.73 -10.43
N ASP L 154 25.30 -29.44 -10.86
CA ASP L 154 26.67 -28.95 -10.75
C ASP L 154 27.17 -28.54 -12.14
N GLY L 155 28.49 -28.56 -12.32
CA GLY L 155 29.07 -28.16 -13.59
C GLY L 155 28.97 -29.21 -14.67
N SER L 156 29.11 -30.48 -14.29
CA SER L 156 29.10 -31.57 -15.25
C SER L 156 27.69 -32.04 -15.58
N LYS L 157 26.84 -32.20 -14.55
CA LYS L 157 25.47 -32.68 -14.78
C LYS L 157 24.64 -31.70 -15.59
N TRP L 158 24.98 -30.41 -15.57
CA TRP L 158 24.25 -29.45 -16.38
C TRP L 158 24.55 -29.63 -17.86
N GLU L 159 25.75 -30.12 -18.19
CA GLU L 159 26.13 -30.36 -19.57
C GLU L 159 25.71 -31.73 -20.06
N VAL L 160 25.60 -32.72 -19.17
CA VAL L 160 25.09 -34.02 -19.57
C VAL L 160 23.59 -33.96 -19.79
N LEU L 161 22.89 -33.11 -19.01
CA LEU L 161 21.45 -32.93 -19.14
C LEU L 161 21.21 -31.57 -19.77
N LYS L 162 21.21 -31.53 -21.10
CA LYS L 162 20.97 -30.31 -21.86
C LYS L 162 19.64 -30.31 -22.59
N GLY L 163 19.20 -31.45 -23.10
CA GLY L 163 17.97 -31.52 -23.85
C GLY L 163 16.72 -31.44 -22.98
N ASN L 164 16.67 -32.26 -21.94
CA ASN L 164 15.52 -32.29 -21.02
C ASN L 164 15.84 -31.42 -19.82
N VAL L 165 15.57 -30.13 -19.94
CA VAL L 165 15.80 -29.16 -18.87
C VAL L 165 14.51 -28.38 -18.67
N ASP L 166 13.84 -28.64 -17.55
CA ASP L 166 12.63 -27.90 -17.24
C ASP L 166 13.00 -26.48 -16.82
N PRO L 167 12.52 -25.45 -17.51
CA PRO L 167 12.93 -24.08 -17.17
C PRO L 167 12.45 -23.61 -15.80
N GLU L 168 11.50 -24.32 -15.18
CA GLU L 168 10.99 -23.95 -13.86
C GLU L 168 11.50 -24.85 -12.75
N ARG L 169 12.04 -26.03 -13.05
CA ARG L 169 12.49 -26.96 -12.04
C ARG L 169 13.98 -27.24 -12.07
N ASP L 170 14.69 -26.90 -13.14
CA ASP L 170 16.10 -27.21 -13.28
C ASP L 170 16.93 -25.93 -13.24
N PHE L 171 17.90 -25.89 -12.33
CA PHE L 171 18.87 -24.81 -12.25
C PHE L 171 20.24 -25.41 -11.98
N THR L 172 21.28 -24.60 -12.14
CA THR L 172 22.65 -25.04 -11.89
C THR L 172 23.41 -23.95 -11.17
N VAL L 173 24.33 -24.36 -10.30
CA VAL L 173 25.14 -23.45 -9.50
C VAL L 173 26.57 -23.96 -9.51
N ARG L 174 27.51 -23.09 -9.84
CA ARG L 174 28.93 -23.45 -9.86
C ARG L 174 29.76 -22.64 -8.87
N TYR L 175 29.45 -21.36 -8.70
CA TYR L 175 30.27 -20.46 -7.89
C TYR L 175 29.52 -20.04 -6.62
N ILE L 176 30.30 -19.70 -5.60
CA ILE L 176 29.80 -19.10 -4.37
C ILE L 176 30.40 -17.71 -4.27
N CYS L 177 29.56 -16.71 -4.04
CA CYS L 177 30.01 -15.32 -4.00
C CYS L 177 29.21 -14.57 -2.93
N GLU L 178 29.60 -13.32 -2.69
CA GLU L 178 28.91 -12.48 -1.74
C GLU L 178 27.63 -11.93 -2.34
N PRO L 179 26.67 -11.54 -1.51
CA PRO L 179 25.40 -10.99 -2.03
C PRO L 179 25.59 -9.76 -2.90
N THR L 180 26.66 -9.00 -2.71
CA THR L 180 26.92 -7.84 -3.55
C THR L 180 27.18 -8.23 -5.01
N GLY L 181 27.55 -9.48 -5.26
CA GLY L 181 27.72 -9.96 -6.62
C GLY L 181 29.13 -9.87 -7.15
N GLU L 182 30.11 -10.18 -6.30
CA GLU L 182 31.51 -10.16 -6.71
C GLU L 182 32.26 -11.24 -5.94
N LYS L 183 33.53 -11.42 -6.33
CA LYS L 183 34.44 -12.38 -5.70
C LYS L 183 33.82 -13.79 -5.72
N PHE L 184 33.67 -14.29 -6.95
CA PHE L 184 33.13 -15.62 -7.17
C PHE L 184 34.16 -16.68 -6.79
N VAL L 185 33.69 -17.73 -6.11
CA VAL L 185 34.52 -18.87 -5.76
C VAL L 185 33.72 -20.15 -6.01
N ASP L 186 34.24 -21.02 -6.85
CA ASP L 186 33.51 -22.23 -7.21
C ASP L 186 33.68 -23.30 -6.14
N ILE L 187 32.66 -24.14 -5.99
CA ILE L 187 32.69 -25.26 -5.06
C ILE L 187 31.65 -26.27 -5.51
N ASN L 188 31.80 -27.51 -5.05
CA ASN L 188 30.87 -28.57 -5.42
C ASN L 188 29.53 -28.35 -4.73
N ILE L 189 28.48 -28.16 -5.52
CA ILE L 189 27.17 -27.85 -4.95
C ILE L 189 26.56 -29.09 -4.29
N GLU L 190 26.81 -30.28 -4.83
CA GLU L 190 26.36 -31.49 -4.17
C GLU L 190 27.03 -31.65 -2.80
N ASP L 191 28.32 -31.29 -2.72
CA ASP L 191 29.00 -31.30 -1.44
C ASP L 191 28.43 -30.25 -0.50
N VAL L 192 27.91 -29.14 -1.02
CA VAL L 192 27.24 -28.16 -0.16
C VAL L 192 25.94 -28.74 0.37
N LYS L 193 25.17 -29.41 -0.49
CA LYS L 193 23.96 -30.08 -0.04
C LYS L 193 24.26 -31.10 1.05
N ALA L 194 25.36 -31.84 0.91
CA ALA L 194 25.72 -32.82 1.94
C ALA L 194 26.15 -32.11 3.23
N TYR L 195 26.95 -31.05 3.10
CA TYR L 195 27.51 -30.37 4.26
C TYR L 195 26.45 -29.64 5.07
N ILE L 196 25.38 -29.18 4.42
CA ILE L 196 24.30 -28.53 5.16
C ILE L 196 23.60 -29.53 6.07
N LYS L 197 23.29 -30.73 5.55
CA LYS L 197 22.61 -31.72 6.36
C LYS L 197 23.53 -32.36 7.38
N LYS L 198 24.84 -32.42 7.10
CA LYS L 198 25.74 -33.15 7.98
C LYS L 198 25.96 -32.41 9.31
N VAL L 199 26.35 -31.13 9.24
CA VAL L 199 26.80 -30.40 10.41
C VAL L 199 25.73 -29.39 10.84
N GLU L 200 25.87 -28.91 12.07
CA GLU L 200 24.92 -27.93 12.60
C GLU L 200 25.04 -26.62 11.85
N PRO L 201 23.94 -25.86 11.76
CA PRO L 201 23.95 -24.63 10.93
C PRO L 201 24.91 -23.58 11.43
N ARG L 202 25.18 -23.51 12.74
CA ARG L 202 26.08 -22.50 13.28
C ARG L 202 27.47 -22.60 12.63
N GLU L 203 27.92 -23.81 12.34
CA GLU L 203 29.23 -24.01 11.73
C GLU L 203 29.17 -23.97 10.21
N ALA L 204 28.08 -24.46 9.61
CA ALA L 204 27.95 -24.46 8.16
C ALA L 204 27.85 -23.04 7.62
N GLN L 205 27.04 -22.19 8.26
CA GLN L 205 26.93 -20.80 7.83
C GLN L 205 28.27 -20.09 7.95
N GLU L 206 28.99 -20.30 9.05
CA GLU L 206 30.31 -19.69 9.21
C GLU L 206 31.27 -20.16 8.12
N TYR L 207 31.30 -21.46 7.84
CA TYR L 207 32.16 -21.99 6.80
C TYR L 207 31.85 -21.36 5.44
N LEU L 208 30.58 -21.38 5.04
CA LEU L 208 30.21 -20.78 3.77
C LEU L 208 30.43 -19.27 3.76
N LYS L 209 30.48 -18.63 4.93
CA LYS L 209 30.77 -17.21 4.99
C LYS L 209 32.24 -16.94 4.73
N ASP L 210 33.12 -17.67 5.42
CA ASP L 210 34.55 -17.42 5.23
C ASP L 210 35.12 -18.08 3.98
N LEU L 211 34.29 -18.73 3.16
CA LEU L 211 34.75 -19.22 1.86
C LEU L 211 34.99 -18.09 0.87
N THR L 212 34.48 -16.88 1.16
CA THR L 212 34.56 -15.75 0.24
C THR L 212 34.95 -14.49 1.03
N LEU L 213 36.21 -14.43 1.44
CA LEU L 213 36.75 -13.22 2.05
C LEU L 213 38.26 -13.11 1.82
N LYS M 37 -70.27 -7.53 -69.26
CA LYS M 37 -69.07 -6.70 -69.25
C LYS M 37 -67.83 -7.51 -68.90
N PRO M 38 -66.68 -7.11 -69.43
CA PRO M 38 -65.42 -7.77 -69.07
C PRO M 38 -65.09 -7.57 -67.60
N HIS M 39 -64.17 -8.40 -67.11
CA HIS M 39 -63.76 -8.32 -65.71
C HIS M 39 -62.94 -7.06 -65.46
N ARG M 40 -63.17 -6.44 -64.32
CA ARG M 40 -62.49 -5.19 -63.98
C ARG M 40 -62.40 -5.08 -62.47
N TYR M 41 -61.20 -4.78 -61.97
CA TYR M 41 -60.97 -4.69 -60.54
C TYR M 41 -61.28 -3.29 -60.03
N ARG M 42 -61.72 -3.22 -58.77
CA ARG M 42 -62.04 -1.95 -58.14
C ARG M 42 -60.77 -1.12 -57.95
N PRO M 43 -60.88 0.21 -58.04
CA PRO M 43 -59.69 1.06 -57.90
C PRO M 43 -59.02 0.88 -56.56
N GLY M 44 -57.74 0.50 -56.59
CA GLY M 44 -56.94 0.27 -55.40
C GLY M 44 -56.49 -1.17 -55.23
N THR M 45 -57.30 -2.12 -55.70
CA THR M 45 -56.94 -3.53 -55.57
C THR M 45 -55.66 -3.84 -56.32
N VAL M 46 -55.58 -3.42 -57.59
CA VAL M 46 -54.37 -3.64 -58.37
C VAL M 46 -53.19 -2.88 -57.78
N ALA M 47 -53.47 -1.72 -57.18
CA ALA M 47 -52.40 -0.97 -56.51
C ALA M 47 -51.83 -1.77 -55.34
N LEU M 48 -52.70 -2.37 -54.53
CA LEU M 48 -52.23 -3.19 -53.41
C LEU M 48 -51.49 -4.42 -53.91
N ARG M 49 -51.96 -5.01 -55.02
CA ARG M 49 -51.25 -6.13 -55.63
C ARG M 49 -49.84 -5.70 -56.05
N GLU M 50 -49.72 -4.50 -56.64
CA GLU M 50 -48.42 -3.96 -57.00
C GLU M 50 -47.55 -3.75 -55.77
N ILE M 51 -48.13 -3.29 -54.66
CA ILE M 51 -47.35 -3.12 -53.43
C ILE M 51 -46.80 -4.45 -52.96
N ARG M 52 -47.66 -5.46 -52.87
CA ARG M 52 -47.21 -6.79 -52.46
C ARG M 52 -46.15 -7.33 -53.40
N ARG M 53 -46.30 -7.08 -54.71
CA ARG M 53 -45.33 -7.59 -55.68
C ARG M 53 -43.99 -6.88 -55.55
N TYR M 54 -44.00 -5.56 -55.33
CA TYR M 54 -42.77 -4.77 -55.33
C TYR M 54 -42.13 -4.65 -53.97
N GLN M 55 -42.72 -5.21 -52.92
CA GLN M 55 -42.06 -5.23 -51.61
C GLN M 55 -41.35 -6.54 -51.30
N LYS M 56 -41.69 -7.63 -51.98
CA LYS M 56 -41.01 -8.90 -51.76
C LYS M 56 -39.86 -9.12 -52.73
N SER M 57 -39.58 -8.17 -53.61
CA SER M 57 -38.48 -8.25 -54.56
C SER M 57 -37.50 -7.11 -54.33
N THR M 58 -36.29 -7.27 -54.86
CA THR M 58 -35.21 -6.31 -54.65
C THR M 58 -34.63 -5.77 -55.96
N GLU M 59 -35.29 -6.01 -57.09
CA GLU M 59 -34.77 -5.56 -58.36
C GLU M 59 -34.88 -4.04 -58.49
N LEU M 60 -33.98 -3.45 -59.28
CA LEU M 60 -34.01 -2.02 -59.53
C LEU M 60 -35.27 -1.66 -60.33
N LEU M 61 -35.86 -0.51 -60.01
CA LEU M 61 -37.14 -0.13 -60.56
C LEU M 61 -37.05 0.94 -61.64
N ILE M 62 -35.89 1.58 -61.81
CA ILE M 62 -35.67 2.55 -62.87
C ILE M 62 -34.86 1.88 -63.97
N ARG M 63 -35.17 2.19 -65.22
CA ARG M 63 -34.44 1.61 -66.33
C ARG M 63 -33.00 2.10 -66.30
N LYS M 64 -32.10 1.26 -66.83
CA LYS M 64 -30.67 1.52 -66.68
C LYS M 64 -30.20 2.71 -67.51
N LEU M 65 -30.47 2.68 -68.82
CA LEU M 65 -29.93 3.70 -69.71
C LEU M 65 -30.44 5.11 -69.39
N PRO M 66 -31.74 5.35 -69.14
CA PRO M 66 -32.14 6.73 -68.76
C PRO M 66 -31.41 7.24 -67.54
N PHE M 67 -31.25 6.41 -66.50
CA PHE M 67 -30.56 6.83 -65.29
C PHE M 67 -29.08 7.09 -65.53
N GLN M 68 -28.44 6.24 -66.35
CA GLN M 68 -27.04 6.46 -66.67
C GLN M 68 -26.85 7.77 -67.43
N ARG M 69 -27.71 8.03 -68.41
CA ARG M 69 -27.63 9.29 -69.14
C ARG M 69 -27.90 10.47 -68.24
N LEU M 70 -28.79 10.31 -67.26
CA LEU M 70 -29.04 11.38 -66.30
C LEU M 70 -27.80 11.68 -65.46
N VAL M 71 -27.14 10.63 -64.95
CA VAL M 71 -25.92 10.85 -64.17
C VAL M 71 -24.86 11.53 -65.02
N ARG M 72 -24.74 11.13 -66.29
CA ARG M 72 -23.74 11.75 -67.16
C ARG M 72 -24.08 13.21 -67.42
N GLU M 73 -25.36 13.53 -67.64
CA GLU M 73 -25.76 14.92 -67.87
C GLU M 73 -25.51 15.77 -66.63
N ILE M 74 -25.75 15.22 -65.44
CA ILE M 74 -25.52 15.98 -64.22
C ILE M 74 -24.02 16.19 -64.01
N ALA M 75 -23.21 15.20 -64.36
CA ALA M 75 -21.77 15.33 -64.16
C ALA M 75 -21.11 16.24 -65.20
N GLN M 76 -21.71 16.37 -66.39
CA GLN M 76 -21.13 17.22 -67.42
C GLN M 76 -21.01 18.68 -66.98
N ASP M 77 -21.83 19.12 -66.03
CA ASP M 77 -21.74 20.50 -65.54
C ASP M 77 -20.61 20.71 -64.53
N PHE M 78 -19.97 19.63 -64.07
CA PHE M 78 -18.85 19.73 -63.15
C PHE M 78 -17.52 19.57 -63.89
N LYS M 79 -17.34 18.46 -64.60
CA LYS M 79 -16.17 18.22 -65.43
C LYS M 79 -16.61 17.59 -66.74
N THR M 80 -16.08 18.11 -67.85
CA THR M 80 -16.45 17.59 -69.16
C THR M 80 -15.65 16.33 -69.49
N ASP M 81 -16.28 15.44 -70.26
CA ASP M 81 -15.67 14.19 -70.71
C ASP M 81 -15.23 13.32 -69.53
N LEU M 82 -16.15 13.12 -68.59
CA LEU M 82 -15.90 12.21 -67.48
C LEU M 82 -16.24 10.78 -67.85
N ARG M 83 -15.61 9.84 -67.16
CA ARG M 83 -15.88 8.42 -67.33
C ARG M 83 -16.39 7.84 -66.02
N PHE M 84 -17.26 6.84 -66.13
CA PHE M 84 -17.88 6.22 -64.97
C PHE M 84 -17.67 4.72 -65.03
N GLN M 85 -17.28 4.12 -63.90
CA GLN M 85 -17.30 2.67 -63.79
C GLN M 85 -18.73 2.19 -63.78
N SER M 86 -18.95 0.97 -64.29
CA SER M 86 -20.28 0.37 -64.22
C SER M 86 -20.77 0.31 -62.78
N SER M 87 -19.88 -0.11 -61.86
CA SER M 87 -20.24 -0.17 -60.45
C SER M 87 -20.55 1.21 -59.88
N ALA M 88 -19.95 2.28 -60.40
CA ALA M 88 -20.25 3.61 -59.89
C ALA M 88 -21.67 4.01 -60.21
N VAL M 89 -22.09 3.83 -61.47
CA VAL M 89 -23.46 4.15 -61.85
C VAL M 89 -24.44 3.24 -61.12
N MET M 90 -24.09 1.96 -60.97
CA MET M 90 -24.98 1.05 -60.26
C MET M 90 -25.12 1.43 -58.78
N ALA M 91 -24.03 1.89 -58.16
CA ALA M 91 -24.11 2.33 -56.77
C ALA M 91 -24.94 3.60 -56.65
N LEU M 92 -24.75 4.56 -57.57
CA LEU M 92 -25.62 5.74 -57.57
C LEU M 92 -27.08 5.36 -57.71
N GLN M 93 -27.38 4.36 -58.56
CA GLN M 93 -28.77 3.98 -58.75
C GLN M 93 -29.35 3.28 -57.53
N GLU M 94 -28.56 2.39 -56.92
CA GLU M 94 -29.00 1.76 -55.67
C GLU M 94 -29.31 2.82 -54.61
N ALA M 95 -28.38 3.77 -54.42
CA ALA M 95 -28.60 4.83 -53.44
C ALA M 95 -29.84 5.66 -53.77
N SER M 96 -30.03 6.01 -55.05
CA SER M 96 -31.17 6.82 -55.44
C SER M 96 -32.48 6.10 -55.16
N GLU M 97 -32.58 4.84 -55.59
CA GLU M 97 -33.82 4.10 -55.37
C GLU M 97 -34.08 3.90 -53.88
N ALA M 98 -33.04 3.62 -53.10
CA ALA M 98 -33.23 3.46 -51.66
C ALA M 98 -33.75 4.76 -51.03
N TYR M 99 -33.10 5.88 -51.35
CA TYR M 99 -33.51 7.18 -50.84
C TYR M 99 -34.96 7.47 -51.21
N LEU M 100 -35.34 7.17 -52.45
CA LEU M 100 -36.69 7.48 -52.91
C LEU M 100 -37.73 6.58 -52.25
N VAL M 101 -37.39 5.31 -52.00
CA VAL M 101 -38.34 4.43 -51.32
C VAL M 101 -38.54 4.87 -49.87
N ALA M 102 -37.46 5.25 -49.19
CA ALA M 102 -37.60 5.75 -47.82
C ALA M 102 -38.41 7.03 -47.77
N LEU M 103 -38.11 7.97 -48.68
CA LEU M 103 -38.88 9.21 -48.75
C LEU M 103 -40.35 8.93 -49.07
N PHE M 104 -40.63 7.92 -49.89
CA PHE M 104 -42.01 7.58 -50.21
C PHE M 104 -42.73 7.00 -49.00
N GLU M 105 -42.03 6.19 -48.20
CA GLU M 105 -42.64 5.69 -46.96
C GLU M 105 -43.00 6.83 -46.03
N ASP M 106 -42.07 7.78 -45.84
CA ASP M 106 -42.37 8.92 -44.98
C ASP M 106 -43.49 9.78 -45.54
N THR M 107 -43.51 9.96 -46.86
CA THR M 107 -44.59 10.73 -47.50
C THR M 107 -45.94 10.04 -47.32
N ASN M 108 -45.97 8.72 -47.42
CA ASN M 108 -47.21 7.98 -47.20
C ASN M 108 -47.68 8.14 -45.76
N LEU M 109 -46.77 8.09 -44.80
CA LEU M 109 -47.14 8.35 -43.41
C LEU M 109 -47.73 9.75 -43.24
N CYS M 110 -47.11 10.75 -43.88
CA CYS M 110 -47.63 12.11 -43.76
C CYS M 110 -48.99 12.29 -44.43
N ALA M 111 -49.23 11.57 -45.52
CA ALA M 111 -50.54 11.65 -46.17
C ALA M 111 -51.60 10.95 -45.33
N ILE M 112 -51.24 9.83 -44.69
CA ILE M 112 -52.19 9.20 -43.78
C ILE M 112 -52.45 10.08 -42.57
N HIS M 113 -51.45 10.86 -42.15
CA HIS M 113 -51.63 11.78 -41.03
C HIS M 113 -52.74 12.79 -41.30
N ALA M 114 -52.83 13.28 -42.54
CA ALA M 114 -53.86 14.23 -42.95
C ALA M 114 -55.19 13.57 -43.29
N LYS M 115 -55.41 12.34 -42.82
CA LYS M 115 -56.64 11.59 -43.07
C LYS M 115 -56.88 11.34 -44.56
N ARG M 116 -55.80 11.17 -45.31
CA ARG M 116 -55.87 10.91 -46.74
C ARG M 116 -55.11 9.63 -47.07
N VAL M 117 -55.35 9.12 -48.28
CA VAL M 117 -54.63 7.96 -48.78
C VAL M 117 -53.81 8.27 -50.02
N THR M 118 -54.02 9.41 -50.65
CA THR M 118 -53.27 9.81 -51.84
C THR M 118 -52.13 10.73 -51.43
N ILE M 119 -50.89 10.36 -51.76
CA ILE M 119 -49.76 11.23 -51.50
C ILE M 119 -49.84 12.44 -52.42
N MET M 120 -49.51 13.61 -51.89
CA MET M 120 -49.56 14.86 -52.63
C MET M 120 -48.30 15.66 -52.34
N PRO M 121 -47.92 16.55 -53.26
CA PRO M 121 -46.66 17.32 -53.07
C PRO M 121 -46.52 17.95 -51.69
N LYS M 122 -47.62 18.36 -51.06
CA LYS M 122 -47.53 18.86 -49.68
C LYS M 122 -46.92 17.82 -48.75
N ASP M 123 -47.24 16.54 -48.95
CA ASP M 123 -46.70 15.49 -48.10
C ASP M 123 -45.18 15.38 -48.26
N ILE M 124 -44.71 15.37 -49.52
CA ILE M 124 -43.27 15.29 -49.76
C ILE M 124 -42.57 16.51 -49.19
N GLN M 125 -43.15 17.69 -49.37
CA GLN M 125 -42.55 18.90 -48.83
C GLN M 125 -42.44 18.81 -47.31
N LEU M 126 -43.51 18.38 -46.64
CA LEU M 126 -43.47 18.27 -45.17
C LEU M 126 -42.42 17.25 -44.72
N ALA M 127 -42.37 16.09 -45.38
CA ALA M 127 -41.39 15.08 -45.02
C ALA M 127 -39.97 15.60 -45.15
N ARG M 128 -39.66 16.23 -46.29
CA ARG M 128 -38.33 16.77 -46.48
C ARG M 128 -38.04 17.90 -45.50
N ARG M 129 -39.07 18.65 -45.09
CA ARG M 129 -38.86 19.72 -44.10
C ARG M 129 -38.53 19.16 -42.73
N ILE M 130 -39.24 18.11 -42.30
CA ILE M 130 -38.95 17.52 -41.00
C ILE M 130 -37.59 16.83 -41.01
N ARG M 131 -37.27 16.14 -42.10
CA ARG M 131 -36.00 15.43 -42.21
C ARG M 131 -34.79 16.35 -42.13
N GLY M 132 -34.99 17.66 -42.21
CA GLY M 132 -33.87 18.59 -42.26
C GLY M 132 -33.30 18.81 -43.63
N GLU M 133 -33.92 18.26 -44.68
CA GLU M 133 -33.49 18.51 -46.04
C GLU M 133 -34.03 19.83 -46.60
N ARG M 134 -34.91 20.50 -45.86
CA ARG M 134 -35.48 21.75 -46.31
C ARG M 134 -35.35 22.83 -45.23
N HIS N 19 -20.49 14.72 -82.97
CA HIS N 19 -20.10 14.26 -81.64
C HIS N 19 -21.14 13.28 -81.11
N ARG N 20 -21.06 12.96 -79.82
CA ARG N 20 -22.11 12.19 -79.18
C ARG N 20 -23.38 13.02 -79.06
N LYS N 21 -24.52 12.33 -79.04
CA LYS N 21 -25.79 13.03 -78.97
C LYS N 21 -25.88 13.90 -77.73
N VAL N 22 -26.58 15.04 -77.87
CA VAL N 22 -26.72 15.98 -76.77
C VAL N 22 -27.63 15.37 -75.71
N LEU N 23 -27.10 15.23 -74.50
CA LEU N 23 -27.88 14.75 -73.36
C LEU N 23 -28.79 15.87 -72.88
N ARG N 24 -30.05 15.82 -73.32
CA ARG N 24 -31.01 16.88 -72.99
C ARG N 24 -32.25 16.25 -72.37
N ASP N 25 -32.73 16.87 -71.28
CA ASP N 25 -33.99 16.50 -70.65
C ASP N 25 -34.02 15.04 -70.24
N ASN N 26 -32.89 14.54 -69.74
CA ASN N 26 -32.84 13.15 -69.27
C ASN N 26 -33.50 12.98 -67.91
N ILE N 27 -33.90 14.07 -67.24
CA ILE N 27 -34.67 13.94 -66.02
C ILE N 27 -36.04 13.34 -66.32
N GLN N 28 -36.55 13.54 -67.54
CA GLN N 28 -37.76 12.86 -68.01
C GLN N 28 -37.55 11.37 -68.17
N GLY N 29 -36.30 10.89 -68.14
CA GLY N 29 -36.08 9.45 -68.24
C GLY N 29 -36.63 8.68 -67.07
N ILE N 30 -36.74 9.33 -65.92
CA ILE N 30 -37.38 8.72 -64.75
C ILE N 30 -38.88 8.77 -64.98
N THR N 31 -39.40 7.81 -65.73
CA THR N 31 -40.76 7.87 -66.26
C THR N 31 -41.79 7.85 -65.13
N LYS N 32 -43.03 8.12 -65.52
CA LYS N 32 -44.15 7.99 -64.57
C LYS N 32 -44.29 6.57 -64.03
N PRO N 33 -44.29 5.52 -64.85
CA PRO N 33 -44.37 4.16 -64.27
C PRO N 33 -43.23 3.84 -63.32
N ALA N 34 -42.05 4.41 -63.53
CA ALA N 34 -40.92 4.10 -62.66
C ALA N 34 -41.11 4.70 -61.27
N ILE N 35 -41.48 5.98 -61.21
CA ILE N 35 -41.78 6.61 -59.93
C ILE N 35 -42.97 5.93 -59.28
N ARG N 36 -43.94 5.48 -60.08
CA ARG N 36 -45.06 4.72 -59.53
C ARG N 36 -44.58 3.44 -58.87
N ARG N 37 -43.68 2.71 -59.54
CA ARG N 37 -43.14 1.49 -58.93
C ARG N 37 -42.39 1.79 -57.64
N LEU N 38 -41.55 2.83 -57.66
CA LEU N 38 -40.84 3.23 -56.46
C LEU N 38 -41.80 3.52 -55.31
N ALA N 39 -42.91 4.20 -55.59
CA ALA N 39 -43.90 4.48 -54.55
C ALA N 39 -44.59 3.20 -54.09
N ARG N 40 -44.84 2.28 -55.02
CA ARG N 40 -45.45 1.00 -54.66
C ARG N 40 -44.57 0.23 -53.69
N ARG N 41 -43.25 0.29 -53.88
CA ARG N 41 -42.35 -0.33 -52.92
C ARG N 41 -42.39 0.39 -51.58
N GLY N 42 -42.64 1.70 -51.59
CA GLY N 42 -42.81 2.45 -50.36
C GLY N 42 -44.17 2.32 -49.72
N GLY N 43 -45.03 1.45 -50.25
CA GLY N 43 -46.34 1.21 -49.67
C GLY N 43 -47.37 2.29 -49.95
N VAL N 44 -47.34 2.88 -51.13
CA VAL N 44 -48.24 3.98 -51.50
C VAL N 44 -49.36 3.44 -52.36
N LYS N 45 -50.60 3.81 -52.04
CA LYS N 45 -51.75 3.31 -52.77
C LYS N 45 -52.14 4.23 -53.93
N ARG N 46 -52.51 5.46 -53.62
CA ARG N 46 -52.83 6.45 -54.64
C ARG N 46 -51.78 7.55 -54.68
N ILE N 47 -51.61 8.14 -55.86
CA ILE N 47 -50.54 9.09 -56.14
C ILE N 47 -51.14 10.27 -56.89
N SER N 48 -50.93 11.47 -56.36
CA SER N 48 -51.41 12.67 -57.03
C SER N 48 -50.64 12.92 -58.33
N GLY N 49 -51.27 13.66 -59.23
CA GLY N 49 -50.68 13.91 -60.53
C GLY N 49 -49.39 14.72 -60.44
N LEU N 50 -49.34 15.68 -59.53
CA LEU N 50 -48.17 16.55 -59.40
C LEU N 50 -47.02 15.87 -58.68
N ILE N 51 -47.22 14.66 -58.16
CA ILE N 51 -46.13 13.96 -57.47
C ILE N 51 -44.96 13.70 -58.43
N TYR N 52 -45.27 13.17 -59.62
CA TYR N 52 -44.23 12.76 -60.57
C TYR N 52 -43.19 13.86 -60.79
N GLU N 53 -43.61 14.98 -61.39
CA GLU N 53 -42.71 16.11 -61.55
C GLU N 53 -41.97 16.41 -60.24
N GLU N 54 -42.72 16.53 -59.13
CA GLU N 54 -42.09 16.78 -57.84
C GLU N 54 -40.95 15.80 -57.57
N THR N 55 -41.22 14.50 -57.70
CA THR N 55 -40.19 13.50 -57.46
C THR N 55 -38.94 13.79 -58.28
N ARG N 56 -39.12 14.10 -59.57
CA ARG N 56 -37.97 14.46 -60.41
C ARG N 56 -37.18 15.60 -59.77
N GLY N 57 -37.87 16.70 -59.44
CA GLY N 57 -37.20 17.81 -58.78
C GLY N 57 -36.40 17.41 -57.56
N VAL N 58 -36.88 16.41 -56.82
CA VAL N 58 -36.15 15.95 -55.64
C VAL N 58 -34.94 15.11 -56.07
N LEU N 59 -35.15 14.18 -57.00
CA LEU N 59 -34.07 13.28 -57.41
C LEU N 59 -32.91 14.06 -58.02
N LYS N 60 -33.22 14.99 -58.93
CA LYS N 60 -32.17 15.84 -59.50
C LYS N 60 -31.37 16.52 -58.42
N VAL N 61 -32.02 16.94 -57.32
CA VAL N 61 -31.25 17.48 -56.22
C VAL N 61 -30.33 16.41 -55.65
N PHE N 62 -30.91 15.26 -55.26
CA PHE N 62 -30.14 14.21 -54.61
C PHE N 62 -28.91 13.83 -55.43
N LEU N 63 -29.11 13.42 -56.69
CA LEU N 63 -27.99 13.12 -57.57
C LEU N 63 -27.01 14.28 -57.62
N GLU N 64 -27.51 15.49 -57.84
CA GLU N 64 -26.61 16.65 -57.93
C GLU N 64 -25.72 16.77 -56.69
N ASN N 65 -26.21 16.34 -55.53
CA ASN N 65 -25.39 16.42 -54.32
C ASN N 65 -24.38 15.29 -54.27
N VAL N 66 -24.78 14.08 -54.65
CA VAL N 66 -23.85 12.95 -54.56
C VAL N 66 -22.75 13.08 -55.61
N ILE N 67 -23.14 13.15 -56.89
CA ILE N 67 -22.17 13.23 -57.98
C ILE N 67 -21.16 14.34 -57.72
N ARG N 68 -21.63 15.55 -57.39
CA ARG N 68 -20.73 16.68 -57.15
C ARG N 68 -19.66 16.34 -56.11
N ASP N 69 -20.06 15.63 -55.05
CA ASP N 69 -19.06 15.17 -54.10
C ASP N 69 -18.18 14.09 -54.70
N ALA N 70 -18.80 13.06 -55.30
CA ALA N 70 -18.02 11.99 -55.92
C ALA N 70 -17.02 12.55 -56.91
N VAL N 71 -17.49 13.32 -57.89
CA VAL N 71 -16.60 13.99 -58.83
C VAL N 71 -15.45 14.66 -58.10
N THR N 72 -15.76 15.43 -57.03
CA THR N 72 -14.69 16.09 -56.28
C THR N 72 -13.65 15.09 -55.82
N TYR N 73 -14.07 14.00 -55.16
CA TYR N 73 -13.13 12.93 -54.82
C TYR N 73 -12.35 12.49 -56.05
N THR N 74 -13.06 12.18 -57.13
CA THR N 74 -12.41 11.80 -58.38
C THR N 74 -11.43 12.86 -58.85
N GLU N 75 -11.81 14.13 -58.75
CA GLU N 75 -10.93 15.20 -59.21
C GLU N 75 -9.79 15.47 -58.23
N HIS N 76 -9.89 14.95 -57.00
CA HIS N 76 -8.78 15.10 -56.06
C HIS N 76 -7.68 14.08 -56.31
N ALA N 77 -8.02 12.91 -56.82
CA ALA N 77 -7.05 11.89 -57.19
C ALA N 77 -6.47 12.11 -58.58
N LYS N 78 -6.73 13.26 -59.19
CA LYS N 78 -6.20 13.60 -60.51
C LYS N 78 -6.65 12.61 -61.58
N ARG N 79 -7.81 12.00 -61.38
CA ARG N 79 -8.33 10.99 -62.30
C ARG N 79 -9.34 11.61 -63.27
N LYS N 80 -9.79 10.77 -64.20
CA LYS N 80 -10.83 11.13 -65.15
C LYS N 80 -11.95 10.11 -65.17
N THR N 81 -11.98 9.20 -64.21
CA THR N 81 -12.97 8.14 -64.13
C THR N 81 -13.64 8.16 -62.77
N VAL N 82 -14.95 8.38 -62.74
CA VAL N 82 -15.69 8.33 -61.49
C VAL N 82 -15.79 6.86 -61.08
N THR N 83 -15.13 6.51 -59.98
CA THR N 83 -15.07 5.13 -59.53
C THR N 83 -16.14 4.87 -58.47
N ALA N 84 -16.39 3.57 -58.21
CA ALA N 84 -17.40 3.19 -57.24
C ALA N 84 -17.04 3.67 -55.84
N MET N 85 -15.75 3.67 -55.51
CA MET N 85 -15.33 4.13 -54.19
C MET N 85 -15.58 5.62 -54.02
N ASP N 86 -15.53 6.40 -55.10
CA ASP N 86 -15.90 7.80 -55.01
C ASP N 86 -17.37 7.95 -54.62
N VAL N 87 -18.26 7.16 -55.25
CA VAL N 87 -19.67 7.18 -54.89
C VAL N 87 -19.86 6.76 -53.43
N VAL N 88 -19.15 5.70 -53.02
CA VAL N 88 -19.30 5.19 -51.66
C VAL N 88 -18.84 6.22 -50.64
N TYR N 89 -17.72 6.89 -50.90
CA TYR N 89 -17.23 7.91 -49.99
C TYR N 89 -18.16 9.10 -49.94
N ALA N 90 -18.65 9.55 -51.11
CA ALA N 90 -19.56 10.69 -51.15
C ALA N 90 -20.88 10.37 -50.44
N LEU N 91 -21.29 9.10 -50.43
CA LEU N 91 -22.52 8.73 -49.72
C LEU N 91 -22.26 8.66 -48.22
N LYS N 92 -21.20 7.96 -47.82
CA LYS N 92 -20.86 7.85 -46.40
C LYS N 92 -20.55 9.21 -45.78
N ARG N 93 -20.18 10.20 -46.59
CA ARG N 93 -19.95 11.53 -46.07
C ARG N 93 -21.25 12.19 -45.63
N GLN N 94 -22.32 12.00 -46.40
CA GLN N 94 -23.61 12.61 -46.14
C GLN N 94 -24.49 11.78 -45.22
N GLY N 95 -23.95 10.72 -44.61
CA GLY N 95 -24.78 9.85 -43.80
C GLY N 95 -25.62 8.88 -44.59
N ARG N 96 -25.24 8.58 -45.83
CA ARG N 96 -25.99 7.65 -46.66
C ARG N 96 -25.16 6.41 -46.94
N THR N 97 -24.49 5.89 -45.91
CA THR N 97 -23.55 4.78 -46.07
C THR N 97 -24.20 3.61 -46.79
N LEU N 98 -23.52 3.12 -47.83
CA LEU N 98 -24.01 2.06 -48.69
C LEU N 98 -23.07 0.87 -48.63
N TYR N 99 -23.62 -0.30 -48.36
CA TYR N 99 -22.86 -1.54 -48.34
C TYR N 99 -22.94 -2.23 -49.70
N GLY N 100 -21.90 -3.01 -50.01
CA GLY N 100 -21.89 -3.82 -51.20
C GLY N 100 -21.05 -3.31 -52.35
N PHE N 101 -20.30 -2.22 -52.15
CA PHE N 101 -19.43 -1.71 -53.20
C PHE N 101 -18.06 -1.32 -52.68
N GLY N 102 -17.68 -1.74 -51.49
CA GLY N 102 -16.39 -1.39 -50.92
C GLY N 102 -16.50 -0.63 -49.62
N ALA O 13 18.96 37.69 -35.63
CA ALA O 13 17.90 36.86 -36.20
C ALA O 13 16.58 37.06 -35.47
N LYS O 14 15.85 38.10 -35.84
CA LYS O 14 14.58 38.41 -35.20
C LYS O 14 13.48 37.49 -35.74
N ALA O 15 12.59 37.08 -34.85
CA ALA O 15 11.55 36.12 -35.20
C ALA O 15 10.35 36.85 -35.80
N LYS O 16 9.95 36.43 -37.00
CA LYS O 16 8.76 36.94 -37.68
C LYS O 16 7.77 35.79 -37.76
N THR O 17 6.65 35.92 -37.04
CA THR O 17 5.70 34.82 -36.93
C THR O 17 5.12 34.45 -38.29
N ARG O 18 4.80 33.17 -38.45
CA ARG O 18 4.21 32.71 -39.71
C ARG O 18 2.85 33.34 -39.96
N SER O 19 2.12 33.69 -38.90
CA SER O 19 0.85 34.38 -39.07
C SER O 19 1.04 35.79 -39.61
N SER O 20 2.18 36.42 -39.33
CA SER O 20 2.43 37.75 -39.84
C SER O 20 2.77 37.73 -41.32
N ARG O 21 3.52 36.72 -41.77
CA ARG O 21 3.92 36.65 -43.16
C ARG O 21 2.73 36.48 -44.10
N ALA O 22 1.69 35.77 -43.65
CA ALA O 22 0.52 35.51 -44.48
C ALA O 22 -0.57 36.57 -44.34
N GLY O 23 -0.32 37.63 -43.57
CA GLY O 23 -1.33 38.67 -43.40
C GLY O 23 -2.56 38.20 -42.66
N LEU O 24 -2.40 37.29 -41.71
CA LEU O 24 -3.51 36.71 -40.96
C LEU O 24 -3.47 37.17 -39.51
N GLN O 25 -4.60 36.97 -38.82
CA GLN O 25 -4.69 37.20 -37.39
C GLN O 25 -4.77 35.91 -36.58
N PHE O 26 -5.20 34.81 -37.20
CA PHE O 26 -5.28 33.52 -36.53
C PHE O 26 -3.90 32.86 -36.46
N PRO O 27 -3.61 32.15 -35.37
CA PRO O 27 -2.25 31.63 -35.16
C PRO O 27 -1.90 30.47 -36.09
N VAL O 28 -0.99 30.72 -37.03
CA VAL O 28 -0.62 29.68 -37.99
C VAL O 28 0.20 28.59 -37.30
N GLY O 29 1.12 28.98 -36.40
CA GLY O 29 1.92 28.00 -35.70
C GLY O 29 1.07 27.08 -34.83
N ARG O 30 0.11 27.66 -34.11
CA ARG O 30 -0.77 26.85 -33.28
C ARG O 30 -1.62 25.91 -34.12
N VAL O 31 -2.11 26.37 -35.27
CA VAL O 31 -2.87 25.49 -36.16
C VAL O 31 -1.99 24.37 -36.67
N HIS O 32 -0.73 24.68 -37.00
CA HIS O 32 0.20 23.63 -37.44
C HIS O 32 0.41 22.59 -36.34
N ARG O 33 0.57 23.05 -35.10
CA ARG O 33 0.77 22.12 -33.99
C ARG O 33 -0.47 21.26 -33.76
N LEU O 34 -1.66 21.85 -33.86
CA LEU O 34 -2.89 21.10 -33.68
C LEU O 34 -3.11 20.12 -34.82
N LEU O 35 -2.63 20.45 -36.01
CA LEU O 35 -2.73 19.53 -37.14
C LEU O 35 -1.75 18.38 -36.98
N ARG O 36 -0.57 18.64 -36.43
CA ARG O 36 0.40 17.58 -36.22
C ARG O 36 -0.07 16.61 -35.13
N LYS O 37 -0.38 17.15 -33.94
CA LYS O 37 -0.76 16.33 -32.79
C LYS O 37 -2.22 15.93 -32.79
N GLY O 38 -2.94 16.12 -33.90
CA GLY O 38 -4.35 15.82 -33.96
C GLY O 38 -4.71 14.46 -34.52
N ASN O 39 -3.73 13.61 -34.80
CA ASN O 39 -3.96 12.28 -35.37
C ASN O 39 -4.77 12.37 -36.66
N TYR O 40 -4.28 13.19 -37.58
CA TYR O 40 -4.88 13.32 -38.91
C TYR O 40 -4.04 12.67 -39.99
N ALA O 41 -2.72 12.78 -39.92
CA ALA O 41 -1.83 12.12 -40.87
C ALA O 41 -0.46 11.96 -40.25
N GLU O 42 0.37 11.15 -40.91
CA GLU O 42 1.73 10.95 -40.43
C GLU O 42 2.54 12.23 -40.53
N ARG O 43 2.36 12.98 -41.61
CA ARG O 43 3.08 14.22 -41.85
C ARG O 43 2.07 15.31 -42.21
N VAL O 44 2.49 16.56 -42.07
CA VAL O 44 1.64 17.71 -42.34
C VAL O 44 2.45 18.75 -43.11
N GLY O 45 1.97 19.13 -44.29
CA GLY O 45 2.68 20.10 -45.09
C GLY O 45 2.73 21.47 -44.46
N ALA O 46 3.69 22.27 -44.92
CA ALA O 46 3.86 23.62 -44.41
C ALA O 46 2.82 24.60 -44.95
N GLY O 47 2.02 24.18 -45.92
CA GLY O 47 1.01 25.05 -46.48
C GLY O 47 -0.36 24.84 -45.87
N ALA O 48 -0.55 23.69 -45.23
CA ALA O 48 -1.83 23.38 -44.60
C ALA O 48 -2.21 24.39 -43.51
N PRO O 49 -1.35 24.71 -42.53
CA PRO O 49 -1.79 25.64 -41.47
C PRO O 49 -2.15 27.01 -42.00
N VAL O 50 -1.43 27.52 -42.99
CA VAL O 50 -1.72 28.85 -43.54
C VAL O 50 -3.12 28.87 -44.17
N TYR O 51 -3.38 27.92 -45.07
CA TYR O 51 -4.68 27.83 -45.71
C TYR O 51 -5.80 27.67 -44.67
N LEU O 52 -5.59 26.79 -43.70
CA LEU O 52 -6.64 26.51 -42.72
C LEU O 52 -6.91 27.73 -41.84
N ALA O 53 -5.86 28.42 -41.41
CA ALA O 53 -6.04 29.63 -40.62
C ALA O 53 -6.74 30.72 -41.41
N ALA O 54 -6.43 30.83 -42.71
CA ALA O 54 -7.15 31.79 -43.55
C ALA O 54 -8.63 31.47 -43.61
N VAL O 55 -8.96 30.19 -43.81
CA VAL O 55 -10.37 29.80 -43.89
C VAL O 55 -11.09 30.07 -42.56
N LEU O 56 -10.43 29.75 -41.45
CA LEU O 56 -11.04 29.99 -40.14
C LEU O 56 -11.24 31.49 -39.91
N GLU O 57 -10.24 32.31 -40.24
CA GLU O 57 -10.40 33.74 -40.09
C GLU O 57 -11.53 34.28 -40.96
N TYR O 58 -11.69 33.75 -42.17
CA TYR O 58 -12.78 34.20 -43.03
C TYR O 58 -14.14 33.87 -42.43
N LEU O 59 -14.34 32.62 -41.98
CA LEU O 59 -15.63 32.27 -41.41
C LEU O 59 -15.91 33.07 -40.14
N THR O 60 -14.88 33.26 -39.30
CA THR O 60 -15.03 34.08 -38.11
C THR O 60 -15.46 35.50 -38.47
N ALA O 61 -14.82 36.07 -39.51
CA ALA O 61 -15.18 37.42 -39.93
C ALA O 61 -16.61 37.49 -40.41
N GLU O 62 -17.06 36.50 -41.16
CA GLU O 62 -18.45 36.48 -41.61
C GLU O 62 -19.40 36.50 -40.43
N ILE O 63 -19.24 35.55 -39.50
CA ILE O 63 -20.17 35.47 -38.38
C ILE O 63 -20.11 36.73 -37.54
N LEU O 64 -18.91 37.28 -37.34
CA LEU O 64 -18.78 38.48 -36.51
C LEU O 64 -19.40 39.70 -37.18
N GLU O 65 -19.25 39.84 -38.50
CA GLU O 65 -19.88 40.97 -39.17
C GLU O 65 -21.39 40.89 -39.07
N LEU O 66 -21.95 39.72 -39.37
CA LEU O 66 -23.42 39.60 -39.31
C LEU O 66 -23.93 39.79 -37.88
N ALA O 67 -23.20 39.28 -36.88
CA ALA O 67 -23.65 39.44 -35.50
C ALA O 67 -23.49 40.87 -35.00
N GLY O 68 -22.44 41.57 -35.43
CA GLY O 68 -22.31 42.97 -35.10
C GLY O 68 -23.41 43.80 -35.71
N ASN O 69 -23.81 43.48 -36.93
CA ASN O 69 -24.98 44.13 -37.51
C ASN O 69 -26.24 43.84 -36.70
N ALA O 70 -26.38 42.60 -36.23
CA ALA O 70 -27.51 42.25 -35.37
C ALA O 70 -27.50 43.07 -34.09
N ALA O 71 -26.33 43.27 -33.49
CA ALA O 71 -26.21 44.06 -32.27
C ALA O 71 -26.47 45.54 -32.54
N ARG O 72 -26.14 46.02 -33.74
CA ARG O 72 -26.44 47.40 -34.10
C ARG O 72 -27.94 47.59 -34.33
N ASP O 73 -28.62 46.59 -34.87
CA ASP O 73 -30.07 46.67 -35.01
C ASP O 73 -30.76 46.61 -33.66
N ASN O 74 -30.15 45.94 -32.69
CA ASN O 74 -30.65 45.91 -31.31
C ASN O 74 -30.19 47.13 -30.51
N LYS O 75 -29.42 48.03 -31.13
CA LYS O 75 -28.96 49.25 -30.49
C LYS O 75 -28.14 48.95 -29.23
N LYS O 76 -27.37 47.86 -29.27
CA LYS O 76 -26.49 47.50 -28.16
C LYS O 76 -25.11 47.19 -28.72
N THR O 77 -24.10 47.84 -28.16
CA THR O 77 -22.74 47.82 -28.71
C THR O 77 -21.98 46.54 -28.44
N ARG O 78 -22.60 45.54 -27.83
CA ARG O 78 -21.92 44.31 -27.47
C ARG O 78 -22.65 43.11 -28.07
N ILE O 79 -21.89 42.19 -28.62
CA ILE O 79 -22.45 41.01 -29.29
C ILE O 79 -22.80 39.96 -28.24
N ILE O 80 -24.05 39.51 -28.24
CA ILE O 80 -24.52 38.50 -27.30
C ILE O 80 -24.85 37.24 -28.08
N PRO O 81 -25.04 36.10 -27.41
CA PRO O 81 -25.43 34.88 -28.14
C PRO O 81 -26.70 35.01 -28.96
N ARG O 82 -27.63 35.89 -28.56
CA ARG O 82 -28.79 36.14 -29.39
C ARG O 82 -28.40 36.66 -30.77
N HIS O 83 -27.40 37.53 -30.82
CA HIS O 83 -26.96 38.08 -32.10
C HIS O 83 -26.27 37.01 -32.95
N LEU O 84 -25.50 36.12 -32.32
CA LEU O 84 -24.92 35.00 -33.06
C LEU O 84 -26.00 34.12 -33.65
N GLN O 85 -26.99 33.75 -32.83
CA GLN O 85 -28.08 32.92 -33.34
C GLN O 85 -28.82 33.61 -34.47
N LEU O 86 -29.10 34.91 -34.34
CA LEU O 86 -29.78 35.64 -35.41
C LEU O 86 -28.95 35.63 -36.69
N ALA O 87 -27.68 36.02 -36.58
CA ALA O 87 -26.81 36.10 -37.76
C ALA O 87 -26.69 34.75 -38.45
N VAL O 88 -26.63 33.66 -37.68
CA VAL O 88 -26.44 32.36 -38.29
C VAL O 88 -27.74 31.85 -38.91
N ARG O 89 -28.85 31.97 -38.19
CA ARG O 89 -30.09 31.39 -38.67
C ARG O 89 -30.76 32.23 -39.76
N ASN O 90 -30.39 33.50 -39.90
CA ASN O 90 -30.92 34.30 -41.00
C ASN O 90 -30.13 34.13 -42.30
N ASP O 91 -28.87 33.73 -42.22
CA ASP O 91 -28.05 33.50 -43.40
C ASP O 91 -28.19 32.04 -43.83
N GLU O 92 -28.52 31.84 -45.12
CA GLU O 92 -28.84 30.50 -45.60
C GLU O 92 -27.63 29.57 -45.52
N GLU O 93 -26.47 30.02 -46.01
CA GLU O 93 -25.29 29.16 -46.06
C GLU O 93 -24.72 28.92 -44.66
N LEU O 94 -24.66 29.95 -43.83
CA LEU O 94 -24.19 29.75 -42.46
C LEU O 94 -25.12 28.84 -41.68
N ASN O 95 -26.43 28.96 -41.91
CA ASN O 95 -27.38 28.06 -41.25
C ASN O 95 -27.20 26.63 -41.73
N LYS O 96 -26.97 26.45 -43.03
CA LYS O 96 -26.69 25.11 -43.54
C LYS O 96 -25.37 24.57 -42.99
N LEU O 97 -24.44 25.44 -42.63
CA LEU O 97 -23.18 24.98 -42.05
C LEU O 97 -23.35 24.52 -40.60
N LEU O 98 -24.27 25.13 -39.87
CA LEU O 98 -24.48 24.87 -38.45
C LEU O 98 -25.86 24.28 -38.19
N GLY O 99 -26.35 23.45 -39.11
CA GLY O 99 -27.66 22.86 -38.98
C GLY O 99 -27.84 22.06 -37.71
N ARG O 100 -27.00 21.05 -37.51
CA ARG O 100 -27.03 20.24 -36.29
C ARG O 100 -26.23 20.88 -35.16
N VAL O 101 -26.35 22.18 -34.99
CA VAL O 101 -25.58 22.92 -33.99
C VAL O 101 -26.54 23.76 -33.16
N THR O 102 -26.39 23.70 -31.84
CA THR O 102 -27.24 24.45 -30.92
C THR O 102 -26.41 25.52 -30.23
N ILE O 103 -26.87 26.77 -30.32
CA ILE O 103 -26.19 27.92 -29.74
C ILE O 103 -26.87 28.28 -28.43
N ALA O 104 -26.15 28.16 -27.33
CA ALA O 104 -26.72 28.42 -26.01
C ALA O 104 -27.03 29.89 -25.84
N GLN O 105 -28.15 30.18 -25.17
CA GLN O 105 -28.64 31.54 -24.97
C GLN O 105 -28.85 32.26 -26.31
N GLY O 106 -29.23 31.51 -27.34
CA GLY O 106 -29.42 32.08 -28.66
C GLY O 106 -30.88 32.31 -29.01
N GLY O 107 -31.76 31.45 -28.48
CA GLY O 107 -33.17 31.57 -28.79
C GLY O 107 -33.49 30.99 -30.16
N VAL O 108 -34.64 31.40 -30.69
CA VAL O 108 -35.10 30.96 -32.00
C VAL O 108 -35.51 32.18 -32.82
N LEU O 109 -35.77 31.95 -34.10
CA LEU O 109 -36.15 33.03 -35.00
C LEU O 109 -37.62 33.37 -34.83
N PRO O 110 -37.98 34.64 -34.95
CA PRO O 110 -39.41 35.02 -34.93
C PRO O 110 -40.15 34.44 -36.13
N ASN O 111 -40.88 33.35 -35.93
CA ASN O 111 -41.59 32.69 -37.01
C ASN O 111 -42.97 32.25 -36.53
N ILE O 112 -44.00 32.94 -36.99
CA ILE O 112 -45.39 32.58 -36.71
C ILE O 112 -46.05 32.25 -38.04
N GLN O 113 -46.62 31.05 -38.13
CA GLN O 113 -47.24 30.61 -39.37
C GLN O 113 -48.41 31.50 -39.74
N SER O 114 -48.69 31.58 -41.05
CA SER O 114 -49.82 32.39 -41.52
C SER O 114 -51.16 31.82 -41.09
N VAL O 115 -51.24 30.51 -40.82
CA VAL O 115 -52.51 29.91 -40.41
C VAL O 115 -52.93 30.45 -39.05
N LEU O 116 -51.99 30.60 -38.12
CA LEU O 116 -52.30 30.99 -36.76
C LEU O 116 -52.60 32.47 -36.60
N LEU O 117 -52.46 33.27 -37.66
CA LEU O 117 -52.73 34.69 -37.55
C LEU O 117 -54.24 34.94 -37.46
N PRO O 118 -54.65 35.96 -36.71
CA PRO O 118 -56.09 36.22 -36.55
C PRO O 118 -56.71 36.82 -37.80
N LYS O 119 -58.04 36.79 -37.83
CA LYS O 119 -58.80 37.26 -38.98
C LYS O 119 -59.81 38.32 -38.58
N THR P 33 -2.59 26.04 -14.58
CA THR P 33 -2.17 25.69 -15.93
C THR P 33 -2.70 26.72 -16.93
N ARG P 34 -2.15 26.70 -18.14
CA ARG P 34 -2.57 27.63 -19.20
C ARG P 34 -3.54 26.92 -20.13
N LYS P 35 -4.69 27.54 -20.35
CA LYS P 35 -5.73 27.02 -21.25
C LYS P 35 -5.84 27.97 -22.44
N GLU P 36 -5.31 27.55 -23.58
CA GLU P 36 -5.31 28.38 -24.77
C GLU P 36 -6.71 28.41 -25.41
N SER P 37 -6.91 29.41 -26.27
CA SER P 37 -8.17 29.57 -26.98
C SER P 37 -7.92 30.42 -28.21
N TYR P 38 -9.00 30.76 -28.93
CA TYR P 38 -8.93 31.68 -30.05
C TYR P 38 -9.51 33.04 -29.71
N ALA P 39 -9.52 33.42 -28.43
CA ALA P 39 -10.23 34.63 -28.02
C ALA P 39 -9.56 35.88 -28.57
N ILE P 40 -8.23 35.98 -28.42
CA ILE P 40 -7.54 37.21 -28.82
C ILE P 40 -7.63 37.42 -30.32
N TYR P 41 -7.49 36.35 -31.10
CA TYR P 41 -7.57 36.47 -32.55
C TYR P 41 -8.99 36.79 -33.01
N VAL P 42 -9.98 36.18 -32.36
CA VAL P 42 -11.37 36.52 -32.68
C VAL P 42 -11.63 37.99 -32.37
N TYR P 43 -11.05 38.51 -31.29
CA TYR P 43 -11.25 39.92 -30.97
C TYR P 43 -10.56 40.81 -32.00
N LYS P 44 -9.39 40.43 -32.48
CA LYS P 44 -8.75 41.16 -33.56
C LYS P 44 -9.64 41.21 -34.80
N VAL P 45 -10.21 40.07 -35.19
CA VAL P 45 -11.08 40.03 -36.36
C VAL P 45 -12.33 40.87 -36.13
N LEU P 46 -12.87 40.85 -34.91
CA LEU P 46 -14.04 41.66 -34.59
C LEU P 46 -13.73 43.15 -34.74
N LYS P 47 -12.58 43.59 -34.22
CA LYS P 47 -12.17 44.97 -34.40
C LYS P 47 -11.87 45.29 -35.85
N GLN P 48 -11.55 44.27 -36.65
CA GLN P 48 -11.41 44.49 -38.09
C GLN P 48 -12.77 44.77 -38.75
N VAL P 49 -13.78 43.95 -38.43
CA VAL P 49 -15.08 44.12 -39.09
C VAL P 49 -15.96 45.16 -38.39
N HIS P 50 -15.86 45.27 -37.07
CA HIS P 50 -16.68 46.21 -36.30
C HIS P 50 -15.81 46.85 -35.23
N PRO P 51 -15.22 48.02 -35.51
CA PRO P 51 -14.34 48.64 -34.52
C PRO P 51 -15.06 49.05 -33.24
N ASP P 52 -16.30 49.53 -33.34
CA ASP P 52 -17.05 50.04 -32.20
C ASP P 52 -18.00 48.99 -31.62
N THR P 53 -17.62 47.72 -31.67
CA THR P 53 -18.48 46.65 -31.18
C THR P 53 -17.66 45.70 -30.31
N GLY P 54 -18.17 45.40 -29.11
CA GLY P 54 -17.57 44.43 -28.23
C GLY P 54 -18.24 43.08 -28.31
N ILE P 55 -17.90 42.21 -27.35
CA ILE P 55 -18.44 40.87 -27.33
C ILE P 55 -18.45 40.35 -25.90
N SER P 56 -19.55 39.69 -25.53
CA SER P 56 -19.70 39.13 -24.19
C SER P 56 -18.89 37.84 -24.06
N SER P 57 -18.74 37.39 -22.81
CA SER P 57 -17.94 36.19 -22.55
C SER P 57 -18.62 34.94 -23.09
N LYS P 58 -19.95 34.84 -22.96
CA LYS P 58 -20.66 33.68 -23.49
C LYS P 58 -20.58 33.62 -25.01
N ALA P 59 -20.75 34.77 -25.67
CA ALA P 59 -20.57 34.79 -27.12
C ALA P 59 -19.14 34.45 -27.51
N MET P 60 -18.16 34.82 -26.68
CA MET P 60 -16.78 34.45 -26.96
C MET P 60 -16.57 32.95 -26.84
N SER P 61 -17.18 32.32 -25.83
CA SER P 61 -17.08 30.87 -25.69
C SER P 61 -17.75 30.17 -26.87
N ILE P 62 -18.90 30.68 -27.30
CA ILE P 62 -19.57 30.13 -28.47
C ILE P 62 -18.68 30.26 -29.71
N MET P 63 -17.99 31.40 -29.84
CA MET P 63 -17.11 31.61 -30.98
C MET P 63 -15.93 30.64 -30.95
N ASN P 64 -15.35 30.43 -29.77
CA ASN P 64 -14.25 29.47 -29.65
C ASN P 64 -14.71 28.07 -30.01
N SER P 65 -15.88 27.66 -29.51
CA SER P 65 -16.43 26.37 -29.89
C SER P 65 -16.64 26.28 -31.39
N PHE P 66 -17.13 27.35 -32.01
CA PHE P 66 -17.36 27.35 -33.45
C PHE P 66 -16.06 27.16 -34.21
N VAL P 67 -15.02 27.90 -33.83
CA VAL P 67 -13.74 27.80 -34.54
C VAL P 67 -13.18 26.40 -34.39
N ASN P 68 -13.18 25.86 -33.16
CA ASN P 68 -12.67 24.50 -32.96
C ASN P 68 -13.48 23.48 -33.75
N ASP P 69 -14.80 23.67 -33.85
CA ASP P 69 -15.64 22.73 -34.58
C ASP P 69 -15.30 22.73 -36.07
N VAL P 70 -15.24 23.91 -36.68
CA VAL P 70 -14.91 23.97 -38.10
C VAL P 70 -13.50 23.44 -38.33
N PHE P 71 -12.58 23.74 -37.41
CA PHE P 71 -11.22 23.21 -37.49
C PHE P 71 -11.23 21.68 -37.56
N GLU P 72 -11.90 21.03 -36.61
CA GLU P 72 -11.89 19.58 -36.60
C GLU P 72 -12.63 19.00 -37.80
N ARG P 73 -13.69 19.67 -38.26
CA ARG P 73 -14.38 19.20 -39.47
C ARG P 73 -13.44 19.17 -40.67
N ILE P 74 -12.83 20.32 -40.97
CA ILE P 74 -11.95 20.40 -42.15
C ILE P 74 -10.76 19.46 -42.00
N ALA P 75 -10.21 19.35 -40.78
CA ALA P 75 -9.04 18.51 -40.58
C ALA P 75 -9.38 17.03 -40.73
N GLY P 76 -10.52 16.60 -40.19
CA GLY P 76 -10.95 15.24 -40.40
C GLY P 76 -11.21 14.93 -41.86
N GLU P 77 -11.82 15.88 -42.59
CA GLU P 77 -12.07 15.64 -44.00
C GLU P 77 -10.76 15.53 -44.79
N ALA P 78 -9.80 16.42 -44.53
CA ALA P 78 -8.51 16.33 -45.20
C ALA P 78 -7.79 15.04 -44.84
N SER P 79 -7.90 14.60 -43.58
CA SER P 79 -7.29 13.34 -43.17
C SER P 79 -7.89 12.16 -43.94
N ARG P 80 -9.21 12.13 -44.06
CA ARG P 80 -9.86 11.09 -44.85
C ARG P 80 -9.40 11.15 -46.30
N LEU P 81 -9.26 12.36 -46.85
CA LEU P 81 -8.79 12.48 -48.23
C LEU P 81 -7.39 11.90 -48.39
N ALA P 82 -6.49 12.22 -47.45
CA ALA P 82 -5.15 11.66 -47.51
C ALA P 82 -5.17 10.14 -47.39
N HIS P 83 -6.05 9.61 -46.54
CA HIS P 83 -6.10 8.16 -46.36
C HIS P 83 -6.69 7.44 -47.56
N TYR P 84 -7.58 8.11 -48.30
CA TYR P 84 -8.20 7.45 -49.46
C TYR P 84 -7.19 7.24 -50.57
N ASN P 85 -6.30 8.21 -50.79
CA ASN P 85 -5.32 8.16 -51.87
C ASN P 85 -3.97 7.62 -51.40
N LYS P 86 -3.93 6.99 -50.23
CA LYS P 86 -2.71 6.37 -49.70
C LYS P 86 -1.56 7.37 -49.61
N ARG P 87 -1.85 8.55 -49.08
CA ARG P 87 -0.84 9.59 -48.91
C ARG P 87 -0.76 9.99 -47.44
N SER P 88 0.46 10.29 -46.99
CA SER P 88 0.75 10.45 -45.58
C SER P 88 1.01 11.90 -45.18
N THR P 89 0.53 12.87 -45.96
CA THR P 89 0.76 14.27 -45.67
C THR P 89 -0.51 15.07 -45.89
N ILE P 90 -0.88 15.89 -44.90
CA ILE P 90 -1.93 16.87 -45.06
C ILE P 90 -1.27 18.13 -45.63
N THR P 91 -1.46 18.37 -46.92
CA THR P 91 -0.99 19.57 -47.57
C THR P 91 -2.13 20.58 -47.66
N SER P 92 -1.84 21.72 -48.27
CA SER P 92 -2.89 22.73 -48.47
C SER P 92 -3.92 22.26 -49.49
N ARG P 93 -3.56 21.32 -50.37
CA ARG P 93 -4.52 20.84 -51.37
C ARG P 93 -5.62 20.01 -50.72
N GLU P 94 -5.27 19.15 -49.77
CA GLU P 94 -6.30 18.44 -49.02
C GLU P 94 -7.20 19.42 -48.27
N ILE P 95 -6.61 20.47 -47.67
CA ILE P 95 -7.41 21.46 -46.96
C ILE P 95 -8.39 22.14 -47.91
N GLN P 96 -7.93 22.48 -49.11
CA GLN P 96 -8.81 23.17 -50.06
C GLN P 96 -9.93 22.26 -50.54
N THR P 97 -9.62 21.00 -50.85
CA THR P 97 -10.67 20.08 -51.28
C THR P 97 -11.66 19.83 -50.15
N ALA P 98 -11.17 19.72 -48.91
CA ALA P 98 -12.06 19.59 -47.76
C ALA P 98 -12.97 20.80 -47.63
N VAL P 99 -12.42 22.01 -47.79
CA VAL P 99 -13.24 23.21 -47.72
C VAL P 99 -14.33 23.17 -48.78
N ARG P 100 -13.96 22.85 -50.02
CA ARG P 100 -14.96 22.78 -51.08
C ARG P 100 -15.96 21.66 -50.84
N LEU P 101 -15.63 20.67 -50.03
CA LEU P 101 -16.60 19.65 -49.67
C LEU P 101 -17.54 20.10 -48.55
N LEU P 102 -17.05 20.87 -47.59
CA LEU P 102 -17.83 21.16 -46.39
C LEU P 102 -18.64 22.45 -46.49
N LEU P 103 -18.02 23.54 -46.94
CA LEU P 103 -18.72 24.82 -46.97
C LEU P 103 -19.62 24.89 -48.20
N PRO P 104 -20.82 25.45 -48.07
CA PRO P 104 -21.74 25.51 -49.21
C PRO P 104 -21.84 26.89 -49.85
N GLY P 105 -21.96 26.93 -51.18
CA GLY P 105 -22.29 28.17 -51.85
C GLY P 105 -21.13 29.15 -51.82
N GLU P 106 -21.48 30.45 -51.74
CA GLU P 106 -20.47 31.50 -51.75
C GLU P 106 -19.44 31.33 -50.64
N LEU P 107 -19.86 30.78 -49.48
CA LEU P 107 -18.91 30.49 -48.42
C LEU P 107 -17.71 29.70 -48.94
N ALA P 108 -17.98 28.65 -49.74
CA ALA P 108 -16.89 27.86 -50.31
C ALA P 108 -16.03 28.70 -51.25
N LYS P 109 -16.65 29.57 -52.04
CA LYS P 109 -15.90 30.42 -52.95
C LYS P 109 -14.93 31.31 -52.17
N HIS P 110 -15.48 32.28 -51.43
CA HIS P 110 -14.64 33.27 -50.75
C HIS P 110 -13.55 32.60 -49.93
N ALA P 111 -13.93 31.64 -49.09
CA ALA P 111 -12.94 30.89 -48.32
C ALA P 111 -11.79 30.43 -49.20
N VAL P 112 -12.10 29.67 -50.26
CA VAL P 112 -11.05 29.20 -51.16
C VAL P 112 -10.20 30.39 -51.60
N SER P 113 -10.85 31.45 -52.09
CA SER P 113 -10.14 32.68 -52.41
C SER P 113 -9.21 33.08 -51.28
N GLU P 114 -9.78 33.39 -50.11
CA GLU P 114 -8.97 33.78 -48.97
C GLU P 114 -7.86 32.75 -48.73
N GLY P 115 -8.21 31.46 -48.73
CA GLY P 115 -7.22 30.42 -48.59
C GLY P 115 -6.01 30.67 -49.50
N THR P 116 -6.24 30.68 -50.81
CA THR P 116 -5.12 30.86 -51.73
C THR P 116 -4.43 32.20 -51.50
N LYS P 117 -5.22 33.25 -51.21
CA LYS P 117 -4.66 34.58 -50.97
C LYS P 117 -3.63 34.57 -49.84
N ALA P 118 -3.83 33.70 -48.83
CA ALA P 118 -2.82 33.58 -47.79
C ALA P 118 -1.57 32.90 -48.32
N VAL P 119 -1.74 31.76 -48.99
CA VAL P 119 -0.58 30.98 -49.44
C VAL P 119 0.29 31.82 -50.37
N THR P 120 -0.34 32.49 -51.35
CA THR P 120 0.39 33.39 -52.23
C THR P 120 1.15 34.44 -51.44
N LYS P 121 0.51 35.03 -50.42
CA LYS P 121 1.20 36.02 -49.60
C LYS P 121 2.28 35.39 -48.73
N TYR P 122 2.13 34.09 -48.43
CA TYR P 122 3.11 33.40 -47.60
C TYR P 122 4.21 32.75 -48.42
N THR P 123 3.85 32.14 -49.55
CA THR P 123 4.85 31.50 -50.41
C THR P 123 5.78 32.51 -51.09
N SER P 124 5.41 33.79 -51.11
CA SER P 124 6.24 34.83 -51.71
C SER P 124 7.22 35.46 -50.71
N ALA P 125 7.09 35.13 -49.43
CA ALA P 125 7.96 35.70 -48.40
C ALA P 125 8.84 34.61 -47.78
N ARG Q 40 -62.32 40.47 -21.90
CA ARG Q 40 -61.59 39.21 -22.09
C ARG Q 40 -61.25 39.00 -23.56
N TYR Q 41 -59.95 38.86 -23.86
CA TYR Q 41 -59.52 38.68 -25.23
C TYR Q 41 -60.04 37.36 -25.79
N ARG Q 42 -60.19 37.31 -27.11
CA ARG Q 42 -60.59 36.07 -27.77
C ARG Q 42 -59.57 34.98 -27.47
N PRO Q 43 -59.99 33.73 -27.35
CA PRO Q 43 -59.03 32.63 -27.12
C PRO Q 43 -58.09 32.48 -28.30
N GLY Q 44 -56.79 32.61 -28.01
CA GLY Q 44 -55.75 32.59 -29.02
C GLY Q 44 -54.96 33.88 -29.11
N THR Q 45 -55.58 35.01 -28.74
CA THR Q 45 -54.87 36.28 -28.74
C THR Q 45 -53.72 36.26 -27.74
N VAL Q 46 -54.01 35.87 -26.49
CA VAL Q 46 -52.96 35.75 -25.50
C VAL Q 46 -51.94 34.70 -25.91
N ALA Q 47 -52.39 33.66 -26.63
CA ALA Q 47 -51.46 32.66 -27.14
C ALA Q 47 -50.47 33.27 -28.13
N LEU Q 48 -50.97 34.09 -29.06
CA LEU Q 48 -50.07 34.73 -30.01
C LEU Q 48 -49.13 35.70 -29.33
N ARG Q 49 -49.63 36.45 -28.34
CA ARG Q 49 -48.72 37.33 -27.61
C ARG Q 49 -47.67 36.53 -26.86
N GLU Q 50 -48.02 35.35 -26.32
CA GLU Q 50 -47.02 34.49 -25.70
C GLU Q 50 -45.99 34.03 -26.71
N ILE Q 51 -46.42 33.65 -27.91
CA ILE Q 51 -45.48 33.26 -28.96
C ILE Q 51 -44.50 34.38 -29.23
N ARG Q 52 -45.03 35.59 -29.46
CA ARG Q 52 -44.16 36.72 -29.79
C ARG Q 52 -43.22 37.05 -28.63
N ARG Q 53 -43.70 36.95 -27.39
CA ARG Q 53 -42.87 37.28 -26.24
C ARG Q 53 -41.74 36.27 -26.05
N TYR Q 54 -42.05 34.98 -26.17
CA TYR Q 54 -41.03 33.98 -25.91
C TYR Q 54 -40.12 33.70 -27.11
N GLN Q 55 -40.49 34.16 -28.31
CA GLN Q 55 -39.59 33.95 -29.44
C GLN Q 55 -38.48 35.00 -29.50
N LYS Q 56 -38.73 36.21 -29.01
CA LYS Q 56 -37.73 37.27 -29.02
C LYS Q 56 -36.83 37.26 -27.79
N SER Q 57 -36.96 36.24 -26.94
CA SER Q 57 -36.18 36.14 -25.71
C SER Q 57 -35.39 34.84 -25.70
N THR Q 58 -34.34 34.80 -24.88
CA THR Q 58 -33.42 33.67 -24.85
C THR Q 58 -33.33 32.99 -23.49
N GLU Q 59 -34.12 33.43 -22.50
CA GLU Q 59 -34.03 32.82 -21.18
C GLU Q 59 -34.59 31.39 -21.19
N LEU Q 60 -34.11 30.58 -20.26
CA LEU Q 60 -34.58 29.22 -20.16
C LEU Q 60 -36.01 29.19 -19.64
N LEU Q 61 -36.83 28.31 -20.22
CA LEU Q 61 -38.25 28.28 -19.93
C LEU Q 61 -38.65 27.29 -18.85
N ILE Q 62 -37.72 26.46 -18.37
CA ILE Q 62 -37.99 25.56 -17.26
C ILE Q 62 -37.25 26.07 -16.04
N ARG Q 63 -37.81 25.82 -14.87
CA ARG Q 63 -37.17 26.20 -13.62
C ARG Q 63 -35.92 25.35 -13.39
N LYS Q 64 -34.93 25.94 -12.71
CA LYS Q 64 -33.61 25.31 -12.61
C LYS Q 64 -33.64 24.09 -11.70
N LEU Q 65 -34.14 24.27 -10.47
CA LEU Q 65 -34.08 23.20 -9.49
C LEU Q 65 -34.87 21.95 -9.89
N PRO Q 66 -36.10 22.04 -10.40
CA PRO Q 66 -36.78 20.79 -10.84
C PRO Q 66 -36.00 20.05 -11.91
N PHE Q 67 -35.47 20.76 -12.90
CA PHE Q 67 -34.68 20.12 -13.94
C PHE Q 67 -33.43 19.47 -13.37
N GLN Q 68 -32.77 20.11 -12.40
CA GLN Q 68 -31.58 19.52 -11.81
C GLN Q 68 -31.92 18.25 -11.03
N ARG Q 69 -33.03 18.29 -10.28
CA ARG Q 69 -33.47 17.09 -9.58
C ARG Q 69 -33.78 15.97 -10.55
N LEU Q 70 -34.39 16.30 -11.70
CA LEU Q 70 -34.65 15.30 -12.73
C LEU Q 70 -33.35 14.70 -13.26
N VAL Q 71 -32.37 15.56 -13.56
CA VAL Q 71 -31.07 15.09 -14.04
C VAL Q 71 -30.47 14.10 -13.07
N ARG Q 72 -30.52 14.44 -11.77
CA ARG Q 72 -29.91 13.56 -10.77
C ARG Q 72 -30.69 12.26 -10.62
N GLU Q 73 -32.03 12.33 -10.64
CA GLU Q 73 -32.84 11.13 -10.58
C GLU Q 73 -32.49 10.19 -11.73
N ILE Q 74 -32.37 10.73 -12.94
CA ILE Q 74 -32.06 9.89 -14.09
C ILE Q 74 -30.66 9.30 -13.95
N ALA Q 75 -29.68 10.11 -13.55
CA ALA Q 75 -28.31 9.62 -13.47
C ALA Q 75 -28.09 8.64 -12.32
N GLN Q 76 -28.97 8.64 -11.31
CA GLN Q 76 -28.78 7.72 -10.18
C GLN Q 76 -28.88 6.26 -10.59
N ASP Q 77 -29.45 5.96 -11.76
CA ASP Q 77 -29.60 4.60 -12.24
C ASP Q 77 -28.38 4.11 -13.04
N PHE Q 78 -27.32 4.91 -13.12
CA PHE Q 78 -26.11 4.53 -13.83
C PHE Q 78 -24.93 4.34 -12.89
N LYS Q 79 -24.60 5.37 -12.09
CA LYS Q 79 -23.53 5.29 -11.11
C LYS Q 79 -24.01 6.01 -9.85
N THR Q 80 -23.93 5.33 -8.71
CA THR Q 80 -24.46 5.90 -7.47
C THR Q 80 -23.52 6.97 -6.93
N ASP Q 81 -24.10 7.95 -6.26
CA ASP Q 81 -23.37 9.04 -5.60
C ASP Q 81 -22.51 9.81 -6.60
N LEU Q 82 -23.15 10.31 -7.66
CA LEU Q 82 -22.49 11.14 -8.64
C LEU Q 82 -22.62 12.62 -8.29
N ARG Q 83 -21.68 13.41 -8.79
CA ARG Q 83 -21.69 14.86 -8.60
C ARG Q 83 -21.67 15.54 -9.96
N PHE Q 84 -22.31 16.70 -10.03
CA PHE Q 84 -22.47 17.42 -11.30
C PHE Q 84 -21.91 18.83 -11.16
N GLN Q 85 -21.09 19.23 -12.12
CA GLN Q 85 -20.77 20.64 -12.28
C GLN Q 85 -22.03 21.38 -12.70
N SER Q 86 -22.17 22.63 -12.21
CA SER Q 86 -23.33 23.43 -12.58
C SER Q 86 -23.38 23.66 -14.07
N SER Q 87 -22.21 23.83 -14.70
CA SER Q 87 -22.16 24.02 -16.15
C SER Q 87 -22.70 22.80 -16.89
N ALA Q 88 -22.50 21.59 -16.36
CA ALA Q 88 -23.06 20.41 -16.99
C ALA Q 88 -24.58 20.45 -16.98
N VAL Q 89 -25.17 20.84 -15.85
CA VAL Q 89 -26.62 20.94 -15.76
C VAL Q 89 -27.14 22.01 -16.71
N MET Q 90 -26.45 23.16 -16.77
CA MET Q 90 -26.88 24.22 -17.68
C MET Q 90 -26.78 23.78 -19.12
N ALA Q 91 -25.76 23.00 -19.47
CA ALA Q 91 -25.66 22.48 -20.83
C ALA Q 91 -26.78 21.49 -21.13
N LEU Q 92 -27.06 20.58 -20.20
CA LEU Q 92 -28.20 19.68 -20.38
C LEU Q 92 -29.49 20.45 -20.59
N GLN Q 93 -29.70 21.53 -19.83
CA GLN Q 93 -30.94 22.28 -19.96
C GLN Q 93 -31.00 23.05 -21.28
N GLU Q 94 -29.89 23.67 -21.67
CA GLU Q 94 -29.86 24.36 -22.96
C GLU Q 94 -30.18 23.38 -24.10
N ALA Q 95 -29.52 22.23 -24.10
CA ALA Q 95 -29.75 21.23 -25.14
C ALA Q 95 -31.18 20.70 -25.10
N SER Q 96 -31.74 20.50 -23.89
CA SER Q 96 -33.08 19.95 -23.78
C SER Q 96 -34.13 20.94 -24.26
N GLU Q 97 -33.98 22.22 -23.89
CA GLU Q 97 -34.93 23.23 -24.35
C GLU Q 97 -34.82 23.39 -25.86
N ALA Q 98 -33.60 23.38 -26.41
CA ALA Q 98 -33.45 23.43 -27.86
C ALA Q 98 -34.15 22.26 -28.53
N TYR Q 99 -33.91 21.04 -28.01
CA TYR Q 99 -34.54 19.84 -28.57
C TYR Q 99 -36.06 19.94 -28.52
N LEU Q 100 -36.60 20.39 -27.38
CA LEU Q 100 -38.06 20.43 -27.24
C LEU Q 100 -38.67 21.52 -28.11
N VAL Q 101 -37.99 22.66 -28.27
CA VAL Q 101 -38.54 23.71 -29.11
C VAL Q 101 -38.51 23.30 -30.58
N ALA Q 102 -37.44 22.65 -31.02
CA ALA Q 102 -37.39 22.17 -32.39
C ALA Q 102 -38.45 21.09 -32.63
N LEU Q 103 -38.58 20.16 -31.68
CA LEU Q 103 -39.62 19.15 -31.78
C LEU Q 103 -41.00 19.78 -31.84
N PHE Q 104 -41.21 20.87 -31.10
CA PHE Q 104 -42.50 21.54 -31.13
C PHE Q 104 -42.73 22.27 -32.44
N GLU Q 105 -41.68 22.80 -33.06
CA GLU Q 105 -41.83 23.36 -34.41
C GLU Q 105 -42.28 22.29 -35.39
N ASP Q 106 -41.62 21.13 -35.37
CA ASP Q 106 -42.01 20.04 -36.26
C ASP Q 106 -43.41 19.54 -35.96
N THR Q 107 -43.76 19.47 -34.67
CA THR Q 107 -45.09 19.04 -34.25
C THR Q 107 -46.16 20.03 -34.71
N ASN Q 108 -45.86 21.33 -34.63
CA ASN Q 108 -46.77 22.35 -35.12
C ASN Q 108 -46.97 22.22 -36.63
N LEU Q 109 -45.89 21.95 -37.36
CA LEU Q 109 -46.03 21.75 -38.80
C LEU Q 109 -46.87 20.51 -39.11
N CYS Q 110 -46.69 19.44 -38.32
CA CYS Q 110 -47.51 18.25 -38.49
C CYS Q 110 -48.98 18.57 -38.24
N ALA Q 111 -49.27 19.34 -37.20
CA ALA Q 111 -50.66 19.68 -36.89
C ALA Q 111 -51.28 20.55 -37.98
N ILE Q 112 -50.52 21.54 -38.48
CA ILE Q 112 -51.02 22.38 -39.55
C ILE Q 112 -51.22 21.59 -40.84
N HIS Q 113 -50.39 20.55 -41.04
CA HIS Q 113 -50.56 19.68 -42.20
C HIS Q 113 -51.89 18.93 -42.16
N ALA Q 114 -52.43 18.71 -40.96
CA ALA Q 114 -53.72 18.06 -40.80
C ALA Q 114 -54.86 19.06 -40.69
N LYS Q 115 -54.69 20.28 -41.22
CA LYS Q 115 -55.72 21.31 -41.22
C LYS Q 115 -56.23 21.59 -39.80
N ARG Q 116 -55.31 21.62 -38.84
CA ARG Q 116 -55.61 21.93 -37.45
C ARG Q 116 -54.65 22.99 -36.95
N VAL Q 117 -54.92 23.51 -35.75
CA VAL Q 117 -54.06 24.49 -35.09
C VAL Q 117 -53.60 24.01 -33.72
N THR Q 118 -54.06 22.86 -33.26
CA THR Q 118 -53.74 22.34 -31.94
C THR Q 118 -52.81 21.14 -32.08
N ILE Q 119 -51.71 21.15 -31.33
CA ILE Q 119 -50.78 20.03 -31.35
C ILE Q 119 -51.36 18.90 -30.51
N MET Q 120 -51.27 17.68 -31.04
CA MET Q 120 -51.75 16.47 -30.40
C MET Q 120 -50.63 15.45 -30.27
N PRO Q 121 -50.74 14.48 -29.37
CA PRO Q 121 -49.64 13.52 -29.21
C PRO Q 121 -49.28 12.78 -30.49
N LYS Q 122 -50.25 12.55 -31.38
CA LYS Q 122 -49.94 11.91 -32.66
C LYS Q 122 -49.08 12.80 -33.54
N ASP Q 123 -49.19 14.12 -33.40
CA ASP Q 123 -48.29 15.02 -34.12
C ASP Q 123 -46.85 14.82 -33.67
N ILE Q 124 -46.61 14.80 -32.36
CA ILE Q 124 -45.27 14.51 -31.84
C ILE Q 124 -44.78 13.16 -32.34
N GLN Q 125 -45.65 12.15 -32.28
CA GLN Q 125 -45.25 10.81 -32.72
C GLN Q 125 -44.82 10.82 -34.18
N LEU Q 126 -45.62 11.44 -35.05
CA LEU Q 126 -45.26 11.47 -36.46
C LEU Q 126 -43.98 12.27 -36.70
N ALA Q 127 -43.81 13.39 -35.99
CA ALA Q 127 -42.61 14.18 -36.15
C ALA Q 127 -41.37 13.37 -35.78
N ARG Q 128 -41.43 12.64 -34.66
CA ARG Q 128 -40.28 11.83 -34.26
C ARG Q 128 -40.08 10.64 -35.19
N ARG Q 129 -41.16 10.14 -35.80
CA ARG Q 129 -41.01 9.05 -36.77
C ARG Q 129 -40.30 9.53 -38.03
N ILE Q 130 -40.70 10.70 -38.55
CA ILE Q 130 -40.04 11.26 -39.73
C ILE Q 130 -38.59 11.62 -39.40
N ARG Q 131 -38.35 12.11 -38.18
CA ARG Q 131 -36.98 12.39 -37.74
C ARG Q 131 -36.14 11.14 -37.62
N GLY Q 132 -36.75 9.97 -37.50
CA GLY Q 132 -36.01 8.74 -37.28
C GLY Q 132 -35.75 8.39 -35.84
N GLU Q 133 -36.31 9.13 -34.89
CA GLU Q 133 -36.12 8.86 -33.47
C GLU Q 133 -36.97 7.70 -32.97
N ARG Q 134 -37.93 7.23 -33.75
CA ARG Q 134 -38.80 6.13 -33.32
C ARG Q 134 -39.21 5.28 -34.51
N LEU R 23 -35.49 12.23 -4.17
CA LEU R 23 -35.72 12.32 -5.61
C LEU R 23 -36.74 11.28 -6.06
N ARG R 24 -38.00 11.66 -6.11
CA ARG R 24 -39.09 10.75 -6.48
C ARG R 24 -40.02 11.47 -7.44
N ASP R 25 -40.17 10.91 -8.65
CA ASP R 25 -41.09 11.42 -9.66
C ASP R 25 -40.80 12.87 -10.02
N ASN R 26 -39.53 13.21 -10.17
CA ASN R 26 -39.16 14.55 -10.61
C ASN R 26 -39.54 14.81 -12.07
N ILE R 27 -39.95 13.77 -12.81
CA ILE R 27 -40.40 13.99 -14.18
C ILE R 27 -41.68 14.82 -14.20
N GLN R 28 -42.47 14.74 -13.11
CA GLN R 28 -43.64 15.61 -12.99
C GLN R 28 -43.28 17.04 -12.62
N GLY R 29 -42.00 17.31 -12.34
CA GLY R 29 -41.58 18.68 -12.09
C GLY R 29 -41.64 19.57 -13.31
N ILE R 30 -41.62 18.98 -14.52
CA ILE R 30 -41.79 19.73 -15.76
C ILE R 30 -43.26 20.16 -15.84
N THR R 31 -43.55 21.37 -15.36
CA THR R 31 -44.92 21.80 -15.19
C THR R 31 -45.60 22.08 -16.52
N LYS R 32 -46.93 22.13 -16.48
CA LYS R 32 -47.71 22.49 -17.66
C LYS R 32 -47.38 23.88 -18.19
N PRO R 33 -47.26 24.94 -17.37
CA PRO R 33 -46.85 26.23 -17.94
C PRO R 33 -45.48 26.20 -18.60
N ALA R 34 -44.57 25.34 -18.13
CA ALA R 34 -43.25 25.27 -18.73
C ALA R 34 -43.32 24.69 -20.14
N ILE R 35 -44.07 23.59 -20.31
CA ILE R 35 -44.26 23.04 -21.64
C ILE R 35 -45.03 24.01 -22.53
N ARG R 36 -45.98 24.75 -21.94
CA ARG R 36 -46.68 25.79 -22.70
C ARG R 36 -45.70 26.82 -23.22
N ARG R 37 -44.78 27.28 -22.38
CA ARG R 37 -43.78 28.24 -22.81
C ARG R 37 -42.89 27.67 -23.90
N LEU R 38 -42.43 26.43 -23.72
CA LEU R 38 -41.58 25.79 -24.73
C LEU R 38 -42.29 25.71 -26.08
N ALA R 39 -43.58 25.37 -26.08
CA ALA R 39 -44.33 25.30 -27.32
C ALA R 39 -44.56 26.69 -27.91
N ARG R 40 -44.81 27.69 -27.05
CA ARG R 40 -44.99 29.05 -27.54
C ARG R 40 -43.75 29.54 -28.25
N ARG R 41 -42.57 29.28 -27.68
CA ARG R 41 -41.33 29.60 -28.39
C ARG R 41 -41.20 28.81 -29.67
N GLY R 42 -41.72 27.58 -29.69
CA GLY R 42 -41.82 26.82 -30.92
C GLY R 42 -42.95 27.26 -31.83
N GLY R 43 -43.65 28.35 -31.50
CA GLY R 43 -44.70 28.87 -32.35
C GLY R 43 -46.01 28.14 -32.29
N VAL R 44 -46.29 27.44 -31.19
CA VAL R 44 -47.54 26.71 -31.04
C VAL R 44 -48.60 27.64 -30.47
N LYS R 45 -49.81 27.59 -31.04
CA LYS R 45 -50.92 28.43 -30.60
C LYS R 45 -51.87 27.70 -29.66
N ARG R 46 -52.27 26.48 -30.01
CA ARG R 46 -53.18 25.68 -29.21
C ARG R 46 -52.52 24.34 -28.89
N ILE R 47 -52.71 23.88 -27.66
CA ILE R 47 -52.09 22.66 -27.17
C ILE R 47 -53.18 21.71 -26.68
N SER R 48 -53.01 20.43 -26.97
CA SER R 48 -53.93 19.44 -26.43
C SER R 48 -53.52 19.04 -25.02
N GLY R 49 -54.39 18.30 -24.35
CA GLY R 49 -54.14 17.92 -22.97
C GLY R 49 -53.12 16.81 -22.83
N LEU R 50 -53.14 15.83 -23.74
CA LEU R 50 -52.18 14.73 -23.68
C LEU R 50 -50.76 15.19 -23.99
N ILE R 51 -50.62 16.37 -24.61
CA ILE R 51 -49.31 16.85 -25.05
C ILE R 51 -48.34 16.95 -23.89
N TYR R 52 -48.82 17.39 -22.72
CA TYR R 52 -47.91 17.61 -21.60
C TYR R 52 -47.29 16.31 -21.12
N GLU R 53 -48.10 15.26 -20.92
CA GLU R 53 -47.57 13.97 -20.51
C GLU R 53 -46.66 13.37 -21.59
N GLU R 54 -47.09 13.42 -22.85
CA GLU R 54 -46.26 12.92 -23.94
C GLU R 54 -44.89 13.62 -23.95
N THR R 55 -44.91 14.94 -23.78
CA THR R 55 -43.67 15.72 -23.82
C THR R 55 -42.76 15.37 -22.65
N ARG R 56 -43.35 15.16 -21.48
CA ARG R 56 -42.55 14.71 -20.33
C ARG R 56 -41.85 13.40 -20.65
N GLY R 57 -42.59 12.45 -21.24
CA GLY R 57 -41.96 11.19 -21.62
C GLY R 57 -40.83 11.36 -22.62
N VAL R 58 -41.05 12.22 -23.62
CA VAL R 58 -40.03 12.44 -24.65
C VAL R 58 -38.77 13.05 -24.03
N LEU R 59 -38.94 14.05 -23.18
CA LEU R 59 -37.80 14.65 -22.51
C LEU R 59 -37.08 13.63 -21.64
N LYS R 60 -37.85 12.73 -21.00
CA LYS R 60 -37.25 11.66 -20.20
C LYS R 60 -36.31 10.81 -21.05
N VAL R 61 -36.80 10.37 -22.22
CA VAL R 61 -35.98 9.51 -23.08
C VAL R 61 -34.73 10.26 -23.55
N PHE R 62 -34.91 11.52 -23.97
CA PHE R 62 -33.77 12.29 -24.47
C PHE R 62 -32.71 12.46 -23.39
N LEU R 63 -33.13 12.87 -22.18
CA LEU R 63 -32.19 13.05 -21.08
C LEU R 63 -31.54 11.73 -20.69
N GLU R 64 -32.28 10.63 -20.70
CA GLU R 64 -31.69 9.33 -20.43
C GLU R 64 -30.53 9.06 -21.40
N ASN R 65 -30.77 9.19 -22.70
CA ASN R 65 -29.72 8.93 -23.69
C ASN R 65 -28.49 9.82 -23.45
N VAL R 66 -28.72 11.14 -23.40
CA VAL R 66 -27.60 12.08 -23.30
C VAL R 66 -26.81 11.84 -22.01
N ILE R 67 -27.53 11.68 -20.89
CA ILE R 67 -26.86 11.54 -19.60
C ILE R 67 -26.15 10.19 -19.51
N ARG R 68 -26.69 9.14 -20.13
CA ARG R 68 -25.99 7.87 -20.15
C ARG R 68 -24.65 8.01 -20.84
N ASP R 69 -24.63 8.68 -22.00
CA ASP R 69 -23.35 8.86 -22.67
C ASP R 69 -22.40 9.77 -21.87
N ALA R 70 -22.94 10.79 -21.21
CA ALA R 70 -22.10 11.68 -20.42
C ALA R 70 -21.49 10.95 -19.23
N VAL R 71 -22.28 10.12 -18.55
CA VAL R 71 -21.75 9.32 -17.44
C VAL R 71 -20.74 8.31 -17.96
N THR R 72 -20.93 7.79 -19.17
CA THR R 72 -19.89 6.94 -19.75
C THR R 72 -18.58 7.69 -19.90
N TYR R 73 -18.65 8.92 -20.42
CA TYR R 73 -17.42 9.71 -20.56
C TYR R 73 -16.78 10.00 -19.21
N THR R 74 -17.60 10.32 -18.20
CA THR R 74 -17.06 10.63 -16.87
C THR R 74 -16.41 9.40 -16.25
N GLU R 75 -17.11 8.27 -16.26
CA GLU R 75 -16.63 7.06 -15.64
C GLU R 75 -15.40 6.51 -16.33
N HIS R 76 -15.28 6.71 -17.66
CA HIS R 76 -14.07 6.33 -18.35
C HIS R 76 -12.88 7.17 -17.92
N ALA R 77 -13.12 8.42 -17.50
CA ALA R 77 -12.07 9.32 -17.05
C ALA R 77 -11.61 9.03 -15.63
N LYS R 78 -12.05 7.92 -15.03
CA LYS R 78 -11.75 7.59 -13.64
C LYS R 78 -12.21 8.68 -12.68
N ARG R 79 -13.25 9.41 -13.05
CA ARG R 79 -13.80 10.47 -12.23
C ARG R 79 -15.13 10.03 -11.61
N LYS R 80 -15.60 10.86 -10.67
CA LYS R 80 -16.92 10.69 -10.08
C LYS R 80 -17.70 12.00 -10.11
N THR R 81 -17.29 12.94 -10.96
CA THR R 81 -17.98 14.20 -11.16
C THR R 81 -18.27 14.36 -12.64
N VAL R 82 -19.53 14.56 -12.99
CA VAL R 82 -19.91 14.79 -14.38
C VAL R 82 -19.59 16.24 -14.74
N THR R 83 -18.67 16.44 -15.68
CA THR R 83 -18.26 17.76 -16.10
C THR R 83 -19.04 18.21 -17.32
N ALA R 84 -18.94 19.50 -17.61
CA ALA R 84 -19.62 20.05 -18.79
C ALA R 84 -19.12 19.40 -20.07
N MET R 85 -17.81 19.16 -20.16
CA MET R 85 -17.24 18.55 -21.35
C MET R 85 -17.82 17.17 -21.62
N ASP R 86 -18.19 16.45 -20.57
CA ASP R 86 -18.84 15.15 -20.77
C ASP R 86 -20.17 15.32 -21.49
N VAL R 87 -20.97 16.29 -21.07
CA VAL R 87 -22.25 16.55 -21.75
C VAL R 87 -22.00 17.04 -23.17
N VAL R 88 -21.01 17.91 -23.36
CA VAL R 88 -20.68 18.39 -24.71
C VAL R 88 -20.32 17.23 -25.62
N TYR R 89 -19.52 16.29 -25.11
CA TYR R 89 -19.09 15.14 -25.92
C TYR R 89 -20.25 14.20 -26.20
N ALA R 90 -21.09 13.94 -25.20
CA ALA R 90 -22.26 13.09 -25.43
C ALA R 90 -23.18 13.71 -26.48
N LEU R 91 -23.36 15.02 -26.43
CA LEU R 91 -24.25 15.69 -27.38
C LEU R 91 -23.65 15.68 -28.79
N LYS R 92 -22.35 16.00 -28.90
CA LYS R 92 -21.72 15.95 -30.21
C LYS R 92 -21.75 14.55 -30.79
N ARG R 93 -21.65 13.53 -29.93
CA ARG R 93 -21.66 12.14 -30.42
C ARG R 93 -23.02 11.77 -30.98
N GLN R 94 -24.09 12.40 -30.50
CA GLN R 94 -25.44 12.13 -30.99
C GLN R 94 -25.88 13.09 -32.08
N GLY R 95 -24.94 13.81 -32.68
CA GLY R 95 -25.29 14.76 -33.72
C GLY R 95 -26.00 15.99 -33.22
N ARG R 96 -25.75 16.39 -31.98
CA ARG R 96 -26.35 17.58 -31.39
C ARG R 96 -25.27 18.44 -30.76
N THR R 97 -24.35 18.91 -31.61
CA THR R 97 -23.25 19.75 -31.16
C THR R 97 -23.77 20.99 -30.45
N LEU R 98 -23.24 21.24 -29.26
CA LEU R 98 -23.68 22.36 -28.43
C LEU R 98 -22.51 23.31 -28.21
N TYR R 99 -22.67 24.55 -28.63
CA TYR R 99 -21.68 25.59 -28.42
C TYR R 99 -21.90 26.28 -27.07
N GLY R 100 -20.82 26.88 -26.56
CA GLY R 100 -20.91 27.73 -25.39
C GLY R 100 -20.46 27.10 -24.08
N PHE R 101 -20.15 25.81 -24.07
CA PHE R 101 -19.66 25.17 -22.85
C PHE R 101 -18.32 24.46 -23.02
N GLY R 102 -17.77 24.40 -24.23
CA GLY R 102 -16.51 23.72 -24.48
C GLY R 102 -16.11 23.67 -25.94
N ALA S 13 11.87 -20.95 -32.09
CA ALA S 13 10.53 -21.17 -31.56
C ALA S 13 9.49 -21.37 -32.66
N LYS S 14 8.37 -21.96 -32.27
CA LYS S 14 7.24 -22.18 -33.17
C LYS S 14 6.32 -20.96 -33.11
N ALA S 15 6.10 -20.33 -34.26
CA ALA S 15 5.27 -19.14 -34.31
C ALA S 15 3.81 -19.46 -34.04
N LYS S 16 3.12 -18.52 -33.38
CA LYS S 16 1.70 -18.65 -33.07
C LYS S 16 0.99 -17.34 -33.38
N THR S 17 0.00 -17.39 -34.26
CA THR S 17 -0.77 -16.19 -34.58
C THR S 17 -1.61 -15.77 -33.38
N ARG S 18 -1.64 -14.45 -33.13
CA ARG S 18 -2.38 -13.93 -31.99
C ARG S 18 -3.86 -14.24 -32.06
N SER S 19 -4.37 -14.60 -33.25
CA SER S 19 -5.76 -15.01 -33.35
C SER S 19 -6.00 -16.37 -32.70
N SER S 20 -4.98 -17.23 -32.66
CA SER S 20 -5.17 -18.54 -32.05
C SER S 20 -4.94 -18.51 -30.54
N ARG S 21 -4.16 -17.55 -30.05
CA ARG S 21 -3.96 -17.39 -28.62
C ARG S 21 -5.20 -16.86 -27.91
N ALA S 22 -6.12 -16.22 -28.64
CA ALA S 22 -7.35 -15.69 -28.07
C ALA S 22 -8.58 -16.51 -28.47
N GLY S 23 -8.40 -17.55 -29.27
CA GLY S 23 -9.53 -18.34 -29.73
C GLY S 23 -10.45 -17.60 -30.67
N LEU S 24 -9.90 -16.74 -31.52
CA LEU S 24 -10.67 -15.94 -32.45
C LEU S 24 -10.40 -16.38 -33.88
N GLN S 25 -11.42 -16.25 -34.72
CA GLN S 25 -11.27 -16.54 -36.14
C GLN S 25 -10.86 -15.31 -36.94
N PHE S 26 -11.08 -14.10 -36.40
CA PHE S 26 -10.70 -12.85 -37.04
C PHE S 26 -9.22 -12.56 -36.79
N PRO S 27 -8.55 -11.91 -37.75
CA PRO S 27 -7.11 -11.67 -37.61
C PRO S 27 -6.83 -10.59 -36.57
N VAL S 28 -5.95 -10.91 -35.62
CA VAL S 28 -5.56 -9.93 -34.62
C VAL S 28 -4.41 -9.07 -35.12
N GLY S 29 -3.49 -9.66 -35.89
CA GLY S 29 -2.37 -8.89 -36.40
C GLY S 29 -2.79 -7.87 -37.45
N ARG S 30 -3.72 -8.26 -38.32
CA ARG S 30 -4.24 -7.32 -39.32
C ARG S 30 -4.97 -6.17 -38.66
N VAL S 31 -5.75 -6.44 -37.62
CA VAL S 31 -6.44 -5.39 -36.89
C VAL S 31 -5.46 -4.49 -36.17
N HIS S 32 -4.39 -5.08 -35.60
CA HIS S 32 -3.34 -4.28 -34.99
C HIS S 32 -2.70 -3.34 -36.01
N ARG S 33 -2.40 -3.85 -37.22
CA ARG S 33 -1.83 -3.01 -38.26
C ARG S 33 -2.78 -1.89 -38.66
N LEU S 34 -4.06 -2.22 -38.86
CA LEU S 34 -5.02 -1.20 -39.26
C LEU S 34 -5.18 -0.14 -38.19
N LEU S 35 -5.17 -0.55 -36.91
CA LEU S 35 -5.26 0.42 -35.82
C LEU S 35 -4.05 1.32 -35.77
N ARG S 36 -2.85 0.75 -35.94
CA ARG S 36 -1.65 1.59 -35.92
C ARG S 36 -1.59 2.47 -37.16
N LYS S 37 -1.89 1.92 -38.33
CA LYS S 37 -1.76 2.65 -39.59
C LYS S 37 -3.01 3.42 -39.97
N GLY S 38 -3.95 3.60 -39.05
CA GLY S 38 -5.19 4.32 -39.32
C GLY S 38 -5.24 5.73 -38.78
N ASN S 39 -4.13 6.26 -38.25
CA ASN S 39 -4.09 7.60 -37.68
C ASN S 39 -5.10 7.75 -36.55
N TYR S 40 -5.07 6.80 -35.62
CA TYR S 40 -5.97 6.82 -34.45
C TYR S 40 -5.27 7.33 -33.21
N ALA S 41 -4.06 6.86 -32.93
CA ALA S 41 -3.32 7.29 -31.75
C ALA S 41 -1.82 7.12 -32.00
N GLU S 42 -1.03 7.63 -31.05
CA GLU S 42 0.42 7.51 -31.16
C GLU S 42 0.86 6.05 -31.02
N ARG S 43 0.24 5.30 -30.12
CA ARG S 43 0.55 3.91 -29.91
C ARG S 43 -0.73 3.13 -29.68
N VAL S 44 -0.63 1.80 -29.78
CA VAL S 44 -1.77 0.90 -29.63
C VAL S 44 -1.35 -0.24 -28.71
N GLY S 45 -2.13 -0.46 -27.66
CA GLY S 45 -1.85 -1.56 -26.75
C GLY S 45 -2.11 -2.90 -27.39
N ALA S 46 -1.35 -3.91 -26.95
CA ALA S 46 -1.41 -5.24 -27.54
C ALA S 46 -2.66 -6.02 -27.15
N GLY S 47 -3.52 -5.46 -26.32
CA GLY S 47 -4.77 -6.12 -25.97
C GLY S 47 -5.94 -5.55 -26.73
N ALA S 48 -5.77 -4.34 -27.28
CA ALA S 48 -6.86 -3.69 -28.00
C ALA S 48 -7.24 -4.44 -29.28
N PRO S 49 -6.31 -4.86 -30.15
CA PRO S 49 -6.73 -5.61 -31.34
C PRO S 49 -7.40 -6.93 -31.02
N VAL S 50 -6.99 -7.61 -29.93
CA VAL S 50 -7.67 -8.83 -29.51
C VAL S 50 -9.14 -8.55 -29.22
N TYR S 51 -9.39 -7.56 -28.37
CA TYR S 51 -10.76 -7.17 -28.02
C TYR S 51 -11.56 -6.78 -29.25
N LEU S 52 -10.94 -6.00 -30.14
CA LEU S 52 -11.65 -5.49 -31.31
C LEU S 52 -12.00 -6.61 -32.28
N ALA S 53 -11.05 -7.53 -32.54
CA ALA S 53 -11.34 -8.67 -33.39
C ALA S 53 -12.41 -9.56 -32.79
N ALA S 54 -12.41 -9.70 -31.45
CA ALA S 54 -13.47 -10.47 -30.80
C ALA S 54 -14.83 -9.84 -31.05
N VAL S 55 -14.93 -8.51 -30.87
CA VAL S 55 -16.21 -7.84 -31.07
C VAL S 55 -16.67 -7.96 -32.52
N LEU S 56 -15.74 -7.78 -33.47
CA LEU S 56 -16.10 -7.91 -34.88
C LEU S 56 -16.54 -9.32 -35.21
N GLU S 57 -15.83 -10.33 -34.68
CA GLU S 57 -16.23 -11.71 -34.91
C GLU S 57 -17.64 -11.97 -34.37
N TYR S 58 -17.94 -11.45 -33.17
CA TYR S 58 -19.27 -11.66 -32.60
C TYR S 58 -20.34 -11.01 -33.46
N LEU S 59 -20.13 -9.77 -33.89
CA LEU S 59 -21.14 -9.10 -34.71
C LEU S 59 -21.36 -9.84 -36.02
N THR S 60 -20.27 -10.30 -36.65
CA THR S 60 -20.39 -11.09 -37.85
C THR S 60 -21.20 -12.36 -37.59
N ALA S 61 -20.95 -13.03 -36.47
CA ALA S 61 -21.67 -14.27 -36.17
C ALA S 61 -23.14 -14.01 -35.96
N GLU S 62 -23.50 -12.89 -35.32
CA GLU S 62 -24.90 -12.54 -35.11
C GLU S 62 -25.61 -12.33 -36.44
N ILE S 63 -25.07 -11.41 -37.26
CA ILE S 63 -25.67 -11.15 -38.57
C ILE S 63 -25.73 -12.42 -39.40
N LEU S 64 -24.72 -13.29 -39.27
CA LEU S 64 -24.67 -14.50 -40.09
C LEU S 64 -25.69 -15.52 -39.64
N GLU S 65 -25.90 -15.67 -38.32
CA GLU S 65 -26.93 -16.59 -37.84
C GLU S 65 -28.31 -16.15 -38.31
N LEU S 66 -28.63 -14.85 -38.13
CA LEU S 66 -29.94 -14.39 -38.56
C LEU S 66 -30.10 -14.53 -40.07
N ALA S 67 -29.06 -14.19 -40.84
CA ALA S 67 -29.15 -14.29 -42.29
C ALA S 67 -29.26 -15.74 -42.75
N GLY S 68 -28.57 -16.66 -42.08
CA GLY S 68 -28.66 -18.06 -42.44
C GLY S 68 -30.03 -18.63 -42.17
N ASN S 69 -30.65 -18.21 -41.05
CA ASN S 69 -32.04 -18.59 -40.81
C ASN S 69 -32.95 -18.05 -41.92
N ALA S 70 -32.77 -16.78 -42.29
CA ALA S 70 -33.59 -16.21 -43.35
C ALA S 70 -33.38 -16.94 -44.68
N ALA S 71 -32.14 -17.36 -44.95
CA ALA S 71 -31.84 -18.09 -46.18
C ALA S 71 -32.50 -19.46 -46.19
N ARG S 72 -32.41 -20.19 -45.08
CA ARG S 72 -33.08 -21.48 -44.96
C ARG S 72 -34.59 -21.34 -45.10
N ASP S 73 -35.15 -20.22 -44.65
CA ASP S 73 -36.59 -20.01 -44.80
C ASP S 73 -36.96 -19.71 -46.25
N ASN S 74 -36.02 -19.24 -47.08
CA ASN S 74 -36.30 -18.95 -48.47
C ASN S 74 -35.95 -20.12 -49.39
N LYS S 75 -35.71 -21.31 -48.82
CA LYS S 75 -35.41 -22.52 -49.59
C LYS S 75 -34.16 -22.36 -50.45
N LYS S 76 -33.19 -21.57 -49.97
CA LYS S 76 -31.94 -21.35 -50.68
C LYS S 76 -30.79 -21.47 -49.69
N THR S 77 -29.75 -22.22 -50.07
CA THR S 77 -28.63 -22.47 -49.17
C THR S 77 -27.61 -21.35 -49.16
N ARG S 78 -27.55 -20.54 -50.21
CA ARG S 78 -26.64 -19.39 -50.23
C ARG S 78 -27.31 -18.18 -49.62
N ILE S 79 -26.51 -17.36 -48.95
CA ILE S 79 -26.99 -16.12 -48.34
C ILE S 79 -26.86 -15.00 -49.34
N ILE S 80 -27.99 -14.44 -49.75
CA ILE S 80 -28.00 -13.32 -50.70
C ILE S 80 -28.25 -12.04 -49.92
N PRO S 81 -27.98 -10.86 -50.49
CA PRO S 81 -28.24 -9.61 -49.76
C PRO S 81 -29.66 -9.46 -49.25
N ARG S 82 -30.64 -10.08 -49.91
CA ARG S 82 -32.00 -10.05 -49.40
C ARG S 82 -32.08 -10.63 -47.99
N HIS S 83 -31.36 -11.74 -47.76
CA HIS S 83 -31.33 -12.33 -46.44
C HIS S 83 -30.65 -11.40 -45.43
N LEU S 84 -29.63 -10.65 -45.87
CA LEU S 84 -28.99 -9.68 -44.99
C LEU S 84 -29.95 -8.56 -44.60
N GLN S 85 -30.69 -8.03 -45.58
CA GLN S 85 -31.67 -6.99 -45.28
C GLN S 85 -32.75 -7.51 -44.34
N LEU S 86 -33.26 -8.71 -44.60
CA LEU S 86 -34.24 -9.32 -43.70
C LEU S 86 -33.69 -9.44 -42.29
N ALA S 87 -32.48 -10.00 -42.15
CA ALA S 87 -31.89 -10.18 -40.83
C ALA S 87 -31.69 -8.86 -40.11
N VAL S 88 -31.19 -7.85 -40.81
CA VAL S 88 -30.88 -6.56 -40.17
C VAL S 88 -32.16 -5.85 -39.76
N ARG S 89 -33.13 -5.76 -40.67
CA ARG S 89 -34.31 -4.95 -40.40
C ARG S 89 -35.29 -5.63 -39.47
N ASN S 90 -35.36 -6.97 -39.49
CA ASN S 90 -36.26 -7.65 -38.57
C ASN S 90 -35.77 -7.59 -37.13
N ASP S 91 -34.45 -7.56 -36.93
CA ASP S 91 -33.89 -7.44 -35.59
C ASP S 91 -33.86 -5.97 -35.18
N GLU S 92 -34.44 -5.68 -34.01
CA GLU S 92 -34.50 -4.31 -33.52
C GLU S 92 -33.11 -3.75 -33.26
N GLU S 93 -32.24 -4.53 -32.61
CA GLU S 93 -30.92 -4.03 -32.24
C GLU S 93 -30.04 -3.83 -33.46
N LEU S 94 -29.99 -4.81 -34.36
CA LEU S 94 -29.19 -4.65 -35.57
C LEU S 94 -29.69 -3.49 -36.42
N ASN S 95 -31.02 -3.36 -36.54
CA ASN S 95 -31.57 -2.23 -37.29
C ASN S 95 -31.21 -0.91 -36.64
N LYS S 96 -31.16 -0.85 -35.31
CA LYS S 96 -30.71 0.37 -34.67
C LYS S 96 -29.22 0.62 -34.90
N LEU S 97 -28.45 -0.46 -35.07
CA LEU S 97 -27.02 -0.30 -35.35
C LEU S 97 -26.77 0.18 -36.77
N LEU S 98 -27.59 -0.26 -37.73
CA LEU S 98 -27.41 0.13 -39.12
C LEU S 98 -28.52 1.08 -39.57
N GLY S 99 -28.76 2.14 -38.81
CA GLY S 99 -29.82 3.07 -39.11
C GLY S 99 -29.63 3.83 -40.41
N ARG S 100 -28.52 4.57 -40.51
CA ARG S 100 -28.19 5.32 -41.70
C ARG S 100 -27.38 4.51 -42.71
N VAL S 101 -27.66 3.21 -42.83
CA VAL S 101 -26.89 2.31 -43.68
C VAL S 101 -27.84 1.65 -44.67
N THR S 102 -27.45 1.64 -45.94
CA THR S 102 -28.21 1.04 -47.02
C THR S 102 -27.54 -0.24 -47.47
N ILE S 103 -28.31 -1.31 -47.58
CA ILE S 103 -27.81 -2.62 -48.00
C ILE S 103 -28.25 -2.83 -49.44
N ALA S 104 -27.30 -2.86 -50.36
CA ALA S 104 -27.62 -2.93 -51.78
C ALA S 104 -28.25 -4.28 -52.13
N GLN S 105 -29.26 -4.24 -53.01
CA GLN S 105 -30.00 -5.42 -53.43
C GLN S 105 -30.61 -6.17 -52.25
N GLY S 106 -31.18 -5.40 -51.32
CA GLY S 106 -31.80 -5.97 -50.14
C GLY S 106 -33.30 -5.77 -50.08
N GLY S 107 -33.79 -4.73 -50.74
CA GLY S 107 -35.22 -4.49 -50.74
C GLY S 107 -35.70 -3.91 -49.41
N VAL S 108 -37.01 -3.98 -49.21
CA VAL S 108 -37.66 -3.47 -48.02
C VAL S 108 -38.46 -4.59 -47.36
N LEU S 109 -38.73 -4.43 -46.07
CA LEU S 109 -39.61 -5.36 -45.39
C LEU S 109 -41.04 -5.13 -45.86
N PRO S 110 -41.80 -6.19 -46.11
CA PRO S 110 -43.19 -6.01 -46.52
C PRO S 110 -44.05 -5.44 -45.41
N ASN S 111 -44.51 -4.20 -45.57
CA ASN S 111 -45.43 -3.60 -44.61
C ASN S 111 -46.43 -2.72 -45.36
N ILE S 112 -47.71 -2.92 -45.07
CA ILE S 112 -48.80 -2.13 -45.63
C ILE S 112 -49.60 -1.56 -44.46
N GLN S 113 -49.85 -0.26 -44.48
CA GLN S 113 -50.60 0.36 -43.41
C GLN S 113 -52.01 -0.23 -43.34
N SER S 114 -52.55 -0.32 -42.12
CA SER S 114 -53.84 -0.96 -41.92
C SER S 114 -54.95 -0.25 -42.67
N VAL S 115 -54.90 1.08 -42.75
CA VAL S 115 -55.99 1.83 -43.36
C VAL S 115 -56.09 1.55 -44.86
N LEU S 116 -54.97 1.26 -45.52
CA LEU S 116 -55.00 1.06 -46.96
C LEU S 116 -55.61 -0.26 -47.38
N LEU S 117 -55.89 -1.16 -46.44
CA LEU S 117 -56.51 -2.42 -46.81
C LEU S 117 -58.03 -2.24 -46.95
N PRO S 118 -58.67 -3.05 -47.77
CA PRO S 118 -60.13 -2.97 -47.91
C PRO S 118 -60.83 -3.33 -46.61
N LYS S 119 -62.07 -2.86 -46.49
CA LYS S 119 -62.83 -3.01 -45.26
C LYS S 119 -64.06 -3.89 -45.45
N THR T 33 -1.67 -6.27 -57.46
CA THR T 33 -1.35 -6.11 -56.04
C THR T 33 -2.39 -6.81 -55.17
N ARG T 34 -2.14 -6.83 -53.86
CA ARG T 34 -2.99 -7.54 -52.92
C ARG T 34 -4.16 -6.69 -52.48
N LYS T 35 -5.38 -7.22 -52.63
CA LYS T 35 -6.60 -6.60 -52.13
C LYS T 35 -7.10 -7.46 -50.97
N GLU T 36 -6.71 -7.10 -49.75
CA GLU T 36 -7.10 -7.84 -48.56
C GLU T 36 -8.54 -7.55 -48.19
N SER T 37 -9.14 -8.49 -47.47
CA SER T 37 -10.53 -8.37 -47.03
C SER T 37 -10.77 -9.36 -45.91
N TYR T 38 -11.98 -9.33 -45.34
CA TYR T 38 -12.37 -10.23 -44.28
C TYR T 38 -13.14 -11.44 -44.81
N ALA T 39 -12.95 -11.80 -46.07
CA ALA T 39 -13.77 -12.83 -46.70
C ALA T 39 -13.54 -14.19 -46.06
N ILE T 40 -12.28 -14.57 -45.86
CA ILE T 40 -11.99 -15.90 -45.33
C ILE T 40 -12.49 -16.02 -43.89
N TYR T 41 -12.34 -14.96 -43.10
CA TYR T 41 -12.75 -15.00 -41.70
C TYR T 41 -14.28 -15.03 -41.58
N VAL T 42 -14.97 -14.25 -42.41
CA VAL T 42 -16.43 -14.33 -42.46
C VAL T 42 -16.88 -15.72 -42.85
N TYR T 43 -16.20 -16.34 -43.83
CA TYR T 43 -16.57 -17.69 -44.23
C TYR T 43 -16.36 -18.68 -43.08
N LYS T 44 -15.27 -18.52 -42.33
CA LYS T 44 -15.02 -19.38 -41.18
C LYS T 44 -16.13 -19.24 -40.15
N VAL T 45 -16.48 -18.01 -39.79
CA VAL T 45 -17.52 -17.78 -38.81
C VAL T 45 -18.85 -18.34 -39.30
N LEU T 46 -19.12 -18.23 -40.60
CA LEU T 46 -20.34 -18.77 -41.16
C LEU T 46 -20.38 -20.29 -41.02
N LYS T 47 -19.29 -20.97 -41.39
CA LYS T 47 -19.25 -22.42 -41.25
C LYS T 47 -19.35 -22.83 -39.78
N GLN T 48 -18.93 -21.96 -38.86
CA GLN T 48 -19.12 -22.25 -37.44
C GLN T 48 -20.59 -22.14 -37.05
N VAL T 49 -21.28 -21.10 -37.52
CA VAL T 49 -22.68 -20.90 -37.17
C VAL T 49 -23.58 -21.84 -37.98
N HIS T 50 -23.56 -21.68 -39.31
CA HIS T 50 -24.32 -22.54 -40.22
C HIS T 50 -23.34 -23.34 -41.05
N PRO T 51 -23.12 -24.63 -40.74
CA PRO T 51 -22.10 -25.40 -41.48
C PRO T 51 -22.47 -25.64 -42.93
N ASP T 52 -23.75 -25.73 -43.26
CA ASP T 52 -24.15 -26.07 -44.62
C ASP T 52 -24.84 -24.89 -45.32
N THR T 53 -24.19 -23.73 -45.28
CA THR T 53 -24.78 -22.51 -45.83
C THR T 53 -23.73 -21.75 -46.63
N GLY T 54 -24.11 -21.30 -47.82
CA GLY T 54 -23.23 -20.51 -48.65
C GLY T 54 -23.54 -19.01 -48.58
N ILE T 55 -22.72 -18.23 -49.27
CA ILE T 55 -22.90 -16.78 -49.32
C ILE T 55 -22.46 -16.28 -50.68
N SER T 56 -23.27 -15.42 -51.28
CA SER T 56 -22.97 -14.85 -52.59
C SER T 56 -21.92 -13.75 -52.46
N SER T 57 -21.23 -13.49 -53.58
CA SER T 57 -20.19 -12.46 -53.57
C SER T 57 -20.79 -11.09 -53.31
N LYS T 58 -22.04 -10.86 -53.69
CA LYS T 58 -22.70 -9.61 -53.33
C LYS T 58 -22.91 -9.50 -51.83
N ALA T 59 -23.48 -10.54 -51.22
CA ALA T 59 -23.62 -10.58 -49.78
C ALA T 59 -22.26 -10.58 -49.09
N MET T 60 -21.25 -11.18 -49.72
CA MET T 60 -19.91 -11.18 -49.14
C MET T 60 -19.32 -9.77 -49.13
N SER T 61 -19.50 -9.01 -50.21
CA SER T 61 -19.05 -7.63 -50.24
C SER T 61 -19.80 -6.79 -49.23
N ILE T 62 -21.10 -7.04 -49.07
CA ILE T 62 -21.86 -6.33 -48.03
C ILE T 62 -21.31 -6.65 -46.65
N MET T 63 -20.99 -7.92 -46.40
CA MET T 63 -20.46 -8.32 -45.10
C MET T 63 -19.12 -7.66 -44.82
N ASN T 64 -18.25 -7.60 -45.82
CA ASN T 64 -16.96 -6.94 -45.64
C ASN T 64 -17.13 -5.45 -45.39
N SER T 65 -18.02 -4.80 -46.15
CA SER T 65 -18.31 -3.40 -45.89
C SER T 65 -18.78 -3.20 -44.45
N PHE T 66 -19.65 -4.10 -43.96
CA PHE T 66 -20.16 -4.01 -42.60
C PHE T 66 -19.04 -4.14 -41.57
N VAL T 67 -18.18 -5.14 -41.75
CA VAL T 67 -17.05 -5.32 -40.83
C VAL T 67 -16.20 -4.07 -40.78
N ASN T 68 -15.87 -3.51 -41.95
CA ASN T 68 -15.00 -2.33 -41.97
C ASN T 68 -15.69 -1.12 -41.35
N ASP T 69 -17.00 -0.96 -41.59
CA ASP T 69 -17.73 0.17 -41.01
C ASP T 69 -17.73 0.08 -39.49
N VAL T 70 -18.03 -1.09 -38.94
CA VAL T 70 -18.03 -1.25 -37.49
C VAL T 70 -16.64 -1.03 -36.93
N PHE T 71 -15.61 -1.53 -37.62
CA PHE T 71 -14.24 -1.32 -37.18
C PHE T 71 -13.90 0.15 -37.09
N GLU T 72 -14.17 0.91 -38.16
CA GLU T 72 -13.80 2.32 -38.14
C GLU T 72 -14.62 3.10 -37.14
N ARG T 73 -15.89 2.72 -36.92
CA ARG T 73 -16.68 3.37 -35.88
C ARG T 73 -16.04 3.18 -34.50
N ILE T 74 -15.78 1.93 -34.13
CA ILE T 74 -15.22 1.66 -32.80
C ILE T 74 -13.85 2.31 -32.66
N ALA T 75 -13.05 2.28 -33.71
CA ALA T 75 -11.70 2.83 -33.63
C ALA T 75 -11.73 4.34 -33.52
N GLY T 76 -12.64 5.00 -34.23
CA GLY T 76 -12.76 6.44 -34.10
C GLY T 76 -13.25 6.86 -32.73
N GLU T 77 -14.23 6.13 -32.20
CA GLU T 77 -14.70 6.43 -30.85
C GLU T 77 -13.58 6.25 -29.83
N ALA T 78 -12.80 5.18 -29.97
CA ALA T 78 -11.67 4.98 -29.06
C ALA T 78 -10.61 6.06 -29.22
N SER T 79 -10.35 6.49 -30.45
CA SER T 79 -9.38 7.57 -30.69
C SER T 79 -9.81 8.84 -29.98
N ARG T 80 -11.07 9.23 -30.16
CA ARG T 80 -11.56 10.43 -29.50
C ARG T 80 -11.61 10.26 -27.98
N LEU T 81 -11.84 9.03 -27.50
CA LEU T 81 -11.76 8.77 -26.06
C LEU T 81 -10.35 9.04 -25.54
N ALA T 82 -9.34 8.50 -26.23
CA ALA T 82 -7.96 8.73 -25.81
C ALA T 82 -7.59 10.20 -25.87
N HIS T 83 -8.07 10.91 -26.91
CA HIS T 83 -7.72 12.32 -27.05
C HIS T 83 -8.41 13.16 -25.97
N TYR T 84 -9.66 12.85 -25.64
CA TYR T 84 -10.37 13.63 -24.63
C TYR T 84 -9.65 13.57 -23.29
N ASN T 85 -9.08 12.41 -22.95
CA ASN T 85 -8.40 12.19 -21.68
C ASN T 85 -6.90 12.41 -21.77
N LYS T 86 -6.43 13.14 -22.77
CA LYS T 86 -5.01 13.49 -22.94
C LYS T 86 -4.12 12.26 -23.01
N ARG T 87 -4.68 11.11 -23.40
CA ARG T 87 -3.92 9.88 -23.53
C ARG T 87 -3.33 9.77 -24.94
N SER T 88 -2.44 8.80 -25.12
CA SER T 88 -1.75 8.60 -26.39
C SER T 88 -1.82 7.17 -26.92
N THR T 89 -2.58 6.29 -26.27
CA THR T 89 -2.65 4.89 -26.69
C THR T 89 -4.09 4.41 -26.72
N ILE T 90 -4.35 3.49 -27.65
CA ILE T 90 -5.64 2.82 -27.75
C ILE T 90 -5.49 1.47 -27.06
N THR T 91 -5.98 1.37 -25.83
CA THR T 91 -5.95 0.12 -25.09
C THR T 91 -7.32 -0.55 -25.16
N SER T 92 -7.41 -1.74 -24.55
CA SER T 92 -8.68 -2.43 -24.47
C SER T 92 -9.72 -1.64 -23.69
N ARG T 93 -9.28 -0.73 -22.82
CA ARG T 93 -10.23 0.09 -22.06
C ARG T 93 -10.99 1.04 -22.99
N GLU T 94 -10.26 1.74 -23.87
CA GLU T 94 -10.94 2.61 -24.84
C GLU T 94 -11.81 1.81 -25.79
N ILE T 95 -11.34 0.62 -26.21
CA ILE T 95 -12.16 -0.23 -27.09
C ILE T 95 -13.46 -0.61 -26.40
N GLN T 96 -13.37 -1.01 -25.13
CA GLN T 96 -14.57 -1.43 -24.40
C GLN T 96 -15.53 -0.28 -24.19
N THR T 97 -15.01 0.90 -23.82
CA THR T 97 -15.87 2.06 -23.64
C THR T 97 -16.53 2.47 -24.95
N ALA T 98 -15.78 2.42 -26.04
CA ALA T 98 -16.35 2.72 -27.36
C ALA T 98 -17.44 1.72 -27.72
N VAL T 99 -17.23 0.44 -27.41
CA VAL T 99 -18.23 -0.58 -27.69
C VAL T 99 -19.50 -0.29 -26.92
N ARG T 100 -19.38 -0.04 -25.61
CA ARG T 100 -20.55 0.28 -24.81
C ARG T 100 -21.18 1.60 -25.21
N LEU T 101 -20.45 2.47 -25.89
CA LEU T 101 -21.04 3.71 -26.40
C LEU T 101 -21.78 3.51 -27.72
N LEU T 102 -21.32 2.57 -28.56
CA LEU T 102 -21.87 2.40 -29.90
C LEU T 102 -22.91 1.30 -29.99
N LEU T 103 -22.64 0.14 -29.42
CA LEU T 103 -23.55 -1.00 -29.58
C LEU T 103 -24.70 -0.90 -28.58
N PRO T 104 -25.93 -1.21 -29.00
CA PRO T 104 -27.09 -1.02 -28.13
C PRO T 104 -27.62 -2.30 -27.52
N GLY T 105 -27.80 -2.31 -26.20
CA GLY T 105 -28.54 -3.39 -25.56
C GLY T 105 -27.74 -4.68 -25.49
N GLU T 106 -28.43 -5.79 -25.77
CA GLU T 106 -27.82 -7.11 -25.66
C GLU T 106 -26.59 -7.26 -26.56
N LEU T 107 -26.57 -6.55 -27.69
CA LEU T 107 -25.39 -6.56 -28.54
C LEU T 107 -24.15 -6.11 -27.77
N ALA T 108 -24.28 -5.00 -27.03
CA ALA T 108 -23.15 -4.50 -26.26
C ALA T 108 -22.71 -5.50 -25.20
N LYS T 109 -23.69 -6.11 -24.51
CA LYS T 109 -23.36 -7.07 -23.47
C LYS T 109 -22.58 -8.25 -24.04
N HIS T 110 -23.12 -8.88 -25.09
CA HIS T 110 -22.45 -10.03 -25.67
C HIS T 110 -21.09 -9.65 -26.26
N ALA T 111 -21.00 -8.47 -26.87
CA ALA T 111 -19.73 -8.06 -27.47
C ALA T 111 -18.67 -7.83 -26.42
N VAL T 112 -19.03 -7.15 -25.31
CA VAL T 112 -18.09 -6.95 -24.23
C VAL T 112 -17.69 -8.28 -23.60
N SER T 113 -18.65 -9.21 -23.48
CA SER T 113 -18.31 -10.53 -22.94
C SER T 113 -17.28 -11.23 -23.82
N GLU T 114 -17.51 -11.23 -25.13
CA GLU T 114 -16.56 -11.88 -26.05
C GLU T 114 -15.20 -11.21 -25.99
N GLY T 115 -15.16 -9.87 -25.99
CA GLY T 115 -13.89 -9.18 -25.90
C GLY T 115 -13.12 -9.50 -24.64
N THR T 116 -13.80 -9.50 -23.49
CA THR T 116 -13.13 -9.81 -22.23
C THR T 116 -12.60 -11.23 -22.22
N LYS T 117 -13.40 -12.19 -22.70
CA LYS T 117 -12.93 -13.57 -22.78
C LYS T 117 -11.70 -13.68 -23.67
N ALA T 118 -11.72 -13.03 -24.84
CA ALA T 118 -10.59 -13.10 -25.75
C ALA T 118 -9.34 -12.50 -25.13
N VAL T 119 -9.49 -11.36 -24.45
CA VAL T 119 -8.34 -10.70 -23.84
C VAL T 119 -7.75 -11.59 -22.75
N THR T 120 -8.60 -12.20 -21.92
CA THR T 120 -8.07 -13.07 -20.87
C THR T 120 -7.37 -14.28 -21.45
N LYS T 121 -7.96 -14.90 -22.47
CA LYS T 121 -7.32 -16.07 -23.08
C LYS T 121 -6.02 -15.68 -23.78
N TYR T 122 -5.92 -14.44 -24.28
CA TYR T 122 -4.67 -14.00 -24.88
C TYR T 122 -3.59 -13.77 -23.83
N THR T 123 -3.97 -13.19 -22.70
CA THR T 123 -3.00 -13.03 -21.61
C THR T 123 -2.60 -14.36 -20.99
N SER T 124 -3.44 -15.39 -21.11
CA SER T 124 -3.08 -16.71 -20.63
C SER T 124 -2.08 -17.41 -21.55
N ALA T 125 -1.97 -16.98 -22.81
CA ALA T 125 -1.03 -17.59 -23.74
C ALA T 125 0.10 -16.63 -24.07
C ACE W 1 -6.26 28.01 -68.31
O ACE W 1 -5.52 27.95 -69.30
CH3 ACE W 1 -7.60 28.69 -68.36
N ALA W 2 -5.93 27.46 -67.15
CA ALA W 2 -4.66 26.78 -66.96
C ALA W 2 -4.70 25.90 -65.72
N LYS W 3 -3.85 24.86 -65.71
CA LYS W 3 -3.76 23.98 -64.56
C LYS W 3 -3.04 24.66 -63.39
N THR W 4 -1.81 25.08 -63.61
CA THR W 4 -1.01 25.76 -62.60
C THR W 4 -0.79 27.22 -63.00
N LEU W 5 -0.45 28.04 -61.99
CA LEU W 5 -0.22 29.45 -62.26
C LEU W 5 1.03 29.70 -63.07
N LYS W 6 1.96 28.76 -63.10
CA LYS W 6 3.11 28.86 -64.01
C LYS W 6 2.68 28.67 -65.46
N ASP W 7 1.53 28.05 -65.69
CA ASP W 7 0.93 27.95 -67.02
C ASP W 7 0.07 29.16 -67.35
N LEU W 8 0.03 30.15 -66.46
CA LEU W 8 -0.73 31.39 -66.63
C LEU W 8 0.21 32.58 -66.79
N GLN W 9 1.34 32.38 -67.48
CA GLN W 9 2.40 33.38 -67.50
C GLN W 9 1.92 34.69 -68.12
N GLY W 10 1.53 34.65 -69.40
CA GLY W 10 1.21 35.86 -70.12
C GLY W 10 -0.15 36.46 -69.87
N TRP W 11 -0.89 35.98 -68.87
CA TRP W 11 -2.25 36.45 -68.62
C TRP W 11 -2.37 37.02 -67.22
N GLU W 12 -3.45 37.77 -66.99
CA GLU W 12 -3.74 38.38 -65.71
C GLU W 12 -5.25 38.36 -65.50
N ILE W 13 -5.66 37.97 -64.30
CA ILE W 13 -7.08 37.82 -63.98
C ILE W 13 -7.58 39.12 -63.34
N ILE W 14 -8.59 39.74 -63.95
CA ILE W 14 -9.15 41.00 -63.48
C ILE W 14 -10.57 40.74 -63.00
N THR W 15 -10.90 41.31 -61.84
CA THR W 15 -12.19 41.17 -61.19
C THR W 15 -12.95 42.47 -61.27
N THR W 16 -14.25 42.40 -61.58
CA THR W 16 -15.11 43.56 -61.64
C THR W 16 -16.45 43.20 -61.03
N ASP W 17 -17.06 44.16 -60.33
CA ASP W 17 -18.38 43.93 -59.74
C ASP W 17 -19.43 43.74 -60.83
N GLU W 18 -19.65 44.77 -61.64
CA GLU W 18 -20.56 44.68 -62.78
C GLU W 18 -19.96 45.33 -64.01
N GLN W 19 -19.41 46.53 -63.85
CA GLN W 19 -18.80 47.23 -64.97
C GLN W 19 -17.42 47.77 -64.61
N GLY W 20 -17.32 48.41 -63.45
CA GLY W 20 -16.02 48.89 -63.00
C GLY W 20 -15.22 47.82 -62.30
N ASN W 21 -13.90 47.88 -62.47
CA ASN W 21 -13.02 46.88 -61.90
C ASN W 21 -12.81 47.12 -60.41
N ILE W 22 -12.50 46.03 -59.70
CA ILE W 22 -12.26 46.08 -58.26
C ILE W 22 -11.12 45.13 -57.94
N ILE W 23 -10.05 45.66 -57.34
CA ILE W 23 -8.90 44.85 -56.98
C ILE W 23 -9.19 44.08 -55.70
N LYS W 28 -12.64 42.49 -51.72
CA LYS W 28 -13.85 42.21 -50.96
C LYS W 28 -13.79 40.83 -50.32
N ARG W 29 -13.36 40.79 -49.05
CA ARG W 29 -13.32 39.52 -48.33
C ARG W 29 -14.73 39.06 -47.96
N LEU W 30 -15.56 39.98 -47.48
CA LEU W 30 -16.88 39.63 -46.97
C LEU W 30 -17.90 39.61 -48.09
N ARG W 31 -18.65 38.52 -48.17
CA ARG W 31 -19.73 38.41 -49.16
C ARG W 31 -20.86 39.35 -48.79
N ARG W 32 -21.30 40.16 -49.76
CA ARG W 32 -22.38 41.11 -49.54
C ARG W 32 -23.55 40.76 -50.44
N ARG W 33 -24.75 41.05 -49.96
CA ARG W 33 -25.96 40.74 -50.71
C ARG W 33 -26.06 41.62 -51.96
N GLY W 34 -26.33 40.99 -53.10
CA GLY W 34 -26.45 41.72 -54.34
C GLY W 34 -25.14 42.28 -54.85
N ALA W 35 -24.04 41.54 -54.66
CA ALA W 35 -22.72 41.95 -55.12
C ALA W 35 -22.12 40.83 -55.97
N LYS W 36 -22.72 40.62 -57.14
CA LYS W 36 -22.28 39.56 -58.04
C LYS W 36 -20.86 39.83 -58.54
N THR W 37 -20.12 38.76 -58.77
CA THR W 37 -18.74 38.84 -59.21
C THR W 37 -18.64 38.53 -60.70
N GLU W 38 -17.85 39.32 -61.41
CA GLU W 38 -17.60 39.13 -62.83
C GLU W 38 -16.09 39.11 -63.05
N HIS W 39 -15.63 38.18 -63.89
CA HIS W 39 -14.21 37.99 -64.12
C HIS W 39 -13.89 38.16 -65.59
N TYR W 40 -12.64 38.52 -65.86
CA TYR W 40 -12.13 38.37 -67.23
C TYR W 40 -10.61 38.38 -67.19
N LEU W 41 -10.00 37.72 -68.18
CA LEU W 41 -8.56 37.56 -68.23
C LEU W 41 -7.99 38.38 -69.39
N LYS W 42 -6.97 39.16 -69.09
CA LYS W 42 -6.31 40.01 -70.08
C LYS W 42 -4.89 39.52 -70.31
N ARG W 43 -4.52 39.39 -71.58
CA ARG W 43 -3.16 38.99 -71.95
C ARG W 43 -2.24 40.20 -71.86
N SER W 44 -1.18 40.09 -71.06
CA SER W 44 -0.26 41.19 -70.88
C SER W 44 0.57 41.49 -72.12
N SER W 45 0.60 40.57 -73.10
CA SER W 45 1.42 40.80 -74.29
C SER W 45 0.81 41.87 -75.19
N ASP W 46 -0.52 42.05 -75.15
CA ASP W 46 -1.13 43.06 -76.01
C ASP W 46 -2.44 43.62 -75.46
N GLY W 47 -2.81 43.31 -74.21
CA GLY W 47 -4.01 43.86 -73.64
C GLY W 47 -5.30 43.29 -74.18
N ILE W 48 -5.30 42.00 -74.55
CA ILE W 48 -6.48 41.35 -75.10
C ILE W 48 -7.33 40.84 -73.93
N LYS W 49 -8.59 41.28 -73.89
CA LYS W 49 -9.49 40.91 -72.81
C LYS W 49 -10.42 39.78 -73.26
N LEU W 50 -10.60 38.79 -72.40
CA LEU W 50 -11.49 37.67 -72.66
C LEU W 50 -12.37 37.46 -71.44
N GLY W 51 -13.68 37.65 -71.61
CA GLY W 51 -14.63 37.46 -70.54
C GLY W 51 -15.81 36.63 -71.00
N ARG W 52 -16.92 36.71 -70.27
CA ARG W 52 -18.11 35.97 -70.65
C ARG W 52 -18.71 36.54 -71.93
N GLY W 53 -19.04 35.63 -72.86
CA GLY W 53 -19.61 36.01 -74.12
C GLY W 53 -18.61 36.24 -75.24
N ASP W 54 -17.35 36.47 -74.90
CA ASP W 54 -16.32 36.65 -75.92
C ASP W 54 -16.11 35.36 -76.69
N SER W 55 -15.91 35.48 -78.00
CA SER W 55 -15.68 34.34 -78.87
C SER W 55 -14.19 34.27 -79.21
N VAL W 56 -13.62 33.08 -79.08
CA VAL W 56 -12.18 32.88 -79.25
C VAL W 56 -11.91 31.78 -80.27
N VAL W 57 -10.78 31.90 -80.95
CA VAL W 57 -10.28 30.86 -81.84
C VAL W 57 -9.19 30.10 -81.10
N MET W 58 -9.41 28.78 -80.96
CA MET W 58 -8.53 27.91 -80.20
C MET W 58 -7.93 26.89 -81.15
N HIS W 59 -6.62 26.67 -81.05
CA HIS W 59 -5.94 25.67 -81.84
C HIS W 59 -6.38 24.28 -81.39
N ASN W 60 -7.37 23.72 -82.07
CA ASN W 60 -7.72 22.31 -81.88
C ASN W 60 -6.55 21.48 -82.38
N GLU W 61 -5.68 21.08 -81.46
CA GLU W 61 -4.51 20.27 -81.82
C GLU W 61 -4.92 18.89 -82.33
N ALA W 62 -6.10 18.41 -81.94
CA ALA W 62 -6.51 17.07 -82.35
C ALA W 62 -7.16 17.08 -83.74
N ALA W 63 -8.22 17.86 -83.90
CA ALA W 63 -9.01 17.82 -85.13
C ALA W 63 -8.17 18.14 -86.36
N GLY W 64 -7.21 19.07 -86.23
CA GLY W 64 -6.37 19.42 -87.34
C GLY W 64 -6.24 20.91 -87.56
N THR W 65 -7.38 21.59 -87.63
CA THR W 65 -7.44 23.03 -87.81
C THR W 65 -7.93 23.68 -86.51
N TYR W 66 -8.31 24.95 -86.60
CA TYR W 66 -8.76 25.70 -85.44
C TYR W 66 -10.27 25.56 -85.23
N SER W 67 -10.68 25.61 -83.97
CA SER W 67 -12.08 25.54 -83.59
C SER W 67 -12.45 26.79 -82.79
N VAL W 68 -13.66 27.28 -83.00
CA VAL W 68 -14.11 28.50 -82.34
C VAL W 68 -14.98 28.13 -81.15
N TYR W 69 -14.87 28.89 -80.07
CA TYR W 69 -15.70 28.70 -78.89
C TYR W 69 -16.22 30.05 -78.43
N MET W 70 -17.25 30.02 -77.59
CA MET W 70 -17.82 31.22 -76.98
C MET W 70 -17.76 31.07 -75.46
N ILE W 71 -16.94 31.91 -74.81
CA ILE W 71 -16.76 31.81 -73.37
C ILE W 71 -18.10 31.98 -72.68
N GLN W 72 -18.40 31.07 -71.74
CA GLN W 72 -19.67 31.07 -71.01
C GLN W 72 -19.48 31.25 -69.51
N GLU W 73 -18.44 30.65 -68.92
CA GLU W 73 -18.22 30.76 -67.49
C GLU W 73 -16.72 30.75 -67.23
N LEU W 74 -16.33 31.34 -66.10
CA LEU W 74 -14.93 31.41 -65.66
C LEU W 74 -14.84 30.83 -64.25
N ARG W 75 -14.75 29.50 -64.15
CA ARG W 75 -14.57 28.85 -62.87
C ARG W 75 -13.20 29.20 -62.30
N LEU W 76 -13.18 29.65 -61.05
CA LEU W 76 -11.96 30.10 -60.40
C LEU W 76 -11.57 29.13 -59.28
N ASN W 77 -10.30 28.74 -59.27
CA ASN W 77 -9.72 27.92 -58.20
C ASN W 77 -10.48 26.61 -58.03
N THR W 78 -10.53 25.84 -59.12
CA THR W 78 -10.99 24.46 -59.02
C THR W 78 -9.89 23.62 -58.37
N ILE W 79 -10.25 22.39 -58.00
CA ILE W 79 -9.35 21.58 -57.18
C ILE W 79 -8.26 20.93 -58.02
N ASN W 80 -8.16 21.32 -59.29
CA ASN W 80 -7.07 20.85 -60.14
C ASN W 80 -6.54 21.97 -61.02
N ASN W 81 -7.44 22.77 -61.58
CA ASN W 81 -7.05 23.91 -62.39
C ASN W 81 -7.19 25.19 -61.59
N VAL W 82 -6.19 26.07 -61.70
CA VAL W 82 -6.28 27.37 -61.05
C VAL W 82 -7.37 28.22 -61.71
N VAL W 83 -7.55 28.07 -63.02
CA VAL W 83 -8.63 28.73 -63.75
C VAL W 83 -9.16 27.77 -64.80
N GLU W 84 -10.46 27.51 -64.77
CA GLU W 84 -11.12 26.75 -65.83
C GLU W 84 -11.89 27.71 -66.72
N LEU W 85 -11.76 27.52 -68.03
CA LEU W 85 -12.35 28.39 -69.03
C LEU W 85 -13.41 27.58 -69.77
N TRP W 86 -14.65 27.66 -69.31
CA TRP W 86 -15.74 26.93 -69.95
C TRP W 86 -16.31 27.77 -71.09
N ALA W 87 -16.52 27.12 -72.24
CA ALA W 87 -17.01 27.82 -73.41
C ALA W 87 -17.87 26.89 -74.24
N LEU W 88 -18.90 27.45 -74.86
CA LEU W 88 -19.77 26.72 -75.76
C LEU W 88 -19.08 26.43 -77.08
N THR W 89 -19.22 25.18 -77.53
CA THR W 89 -18.64 24.76 -78.80
C THR W 89 -19.37 25.38 -79.98
N TYR W 90 -18.66 25.44 -81.10
CA TYR W 90 -19.22 25.91 -82.35
C TYR W 90 -19.20 24.79 -83.38
N LEU W 91 -19.99 24.97 -84.43
CA LEU W 91 -20.00 24.08 -85.58
C LEU W 91 -19.53 24.84 -86.81
N ARG W 92 -18.56 24.28 -87.51
CA ARG W 92 -18.06 24.88 -88.74
C ARG W 92 -18.77 24.25 -89.93
N TRP W 93 -18.48 24.76 -91.13
CA TRP W 93 -19.22 24.36 -92.33
C TRP W 93 -19.04 22.88 -92.65
N PHE W 94 -17.98 22.23 -92.15
CA PHE W 94 -17.70 20.84 -92.45
C PHE W 94 -18.17 19.89 -91.35
N GLU W 95 -18.81 20.40 -90.31
CA GLU W 95 -19.34 19.57 -89.23
C GLU W 95 -20.85 19.51 -89.24
N VAL W 96 -21.47 19.73 -90.39
CA VAL W 96 -22.93 19.74 -90.51
C VAL W 96 -23.37 18.47 -91.24
N ASN W 97 -24.64 18.11 -91.01
CA ASN W 97 -25.24 16.97 -91.70
C ASN W 97 -26.06 17.50 -92.87
N PRO W 98 -25.62 17.28 -94.11
CA PRO W 98 -26.32 17.89 -95.25
C PRO W 98 -27.74 17.40 -95.45
N LEU W 99 -28.09 16.21 -94.94
CA LEU W 99 -29.43 15.67 -95.12
C LEU W 99 -30.47 16.53 -94.41
N ALA W 100 -30.43 16.52 -93.07
CA ALA W 100 -31.35 17.33 -92.28
C ALA W 100 -31.17 18.82 -92.54
N HIS W 101 -30.04 19.24 -93.10
CA HIS W 101 -29.86 20.64 -93.47
C HIS W 101 -30.65 20.98 -94.72
N TYR W 102 -30.49 20.20 -95.78
CA TYR W 102 -31.21 20.48 -97.02
C TYR W 102 -32.71 20.26 -96.84
N ARG W 103 -33.10 19.43 -95.88
CA ARG W 103 -34.53 19.25 -95.61
C ARG W 103 -35.20 20.56 -95.21
N GLN W 104 -34.59 21.30 -94.27
CA GLN W 104 -35.25 22.49 -93.75
C GLN W 104 -35.19 23.67 -94.71
N PHE W 105 -34.33 23.63 -95.73
CA PHE W 105 -34.14 24.76 -96.64
C PHE W 105 -34.65 24.47 -98.05
N ASN W 106 -35.60 23.56 -98.20
CA ASN W 106 -36.12 23.20 -99.51
C ASN W 106 -37.42 22.44 -99.31
N PRO W 107 -38.40 22.63 -100.20
CA PRO W 107 -39.68 21.90 -100.15
C PRO W 107 -39.52 20.46 -100.63
N LEU W 116 -26.13 10.54 -101.51
CA LEU W 116 -25.50 11.26 -100.41
C LEU W 116 -24.47 12.24 -100.94
N ASN W 117 -23.75 11.83 -102.00
CA ASN W 117 -22.72 12.68 -102.57
C ASN W 117 -23.30 13.91 -103.26
N TYR W 118 -24.55 13.84 -103.74
CA TYR W 118 -25.17 15.00 -104.36
C TYR W 118 -25.34 16.14 -103.37
N TYR W 119 -25.96 15.85 -102.23
CA TYR W 119 -26.12 16.87 -101.19
C TYR W 119 -24.77 17.31 -100.65
N ASN W 120 -23.80 16.39 -100.55
CA ASN W 120 -22.47 16.75 -100.08
C ASN W 120 -21.82 17.77 -101.00
N LYS W 121 -21.85 17.52 -102.31
CA LYS W 121 -21.28 18.47 -103.26
C LYS W 121 -22.03 19.79 -103.24
N LEU W 122 -23.36 19.74 -103.22
CA LEU W 122 -24.13 20.98 -103.19
C LEU W 122 -23.77 21.83 -101.97
N PHE W 123 -23.66 21.20 -100.80
CA PHE W 123 -23.28 21.93 -99.60
C PHE W 123 -21.86 22.46 -99.69
N SER W 124 -20.90 21.60 -100.05
CA SER W 124 -19.52 22.05 -100.14
C SER W 124 -19.32 23.15 -101.17
N GLU W 125 -20.21 23.26 -102.16
CA GLU W 125 -20.08 24.33 -103.13
C GLU W 125 -20.81 25.60 -102.71
N THR W 126 -22.02 25.49 -102.17
CA THR W 126 -22.83 26.67 -101.91
C THR W 126 -22.67 27.25 -100.51
N ALA W 127 -22.02 26.55 -99.59
CA ALA W 127 -21.98 27.01 -98.20
C ALA W 127 -21.00 28.17 -98.03
N ASN W 128 -20.99 28.73 -96.82
CA ASN W 128 -20.09 29.81 -96.45
C ASN W 128 -18.92 29.23 -95.67
N LYS W 129 -17.72 29.73 -95.97
CA LYS W 129 -16.52 29.23 -95.31
C LYS W 129 -16.45 29.67 -93.85
N ASN W 130 -17.06 30.80 -93.51
CA ASN W 130 -17.03 31.34 -92.15
C ASN W 130 -18.44 31.40 -91.56
N GLU W 131 -19.21 30.34 -91.71
CA GLU W 131 -20.57 30.26 -91.18
C GLU W 131 -20.57 29.29 -90.00
N LEU W 132 -20.69 29.84 -88.79
CA LEU W 132 -20.69 29.05 -87.58
C LEU W 132 -22.11 28.83 -87.06
N TYR W 133 -22.27 27.79 -86.24
CA TYR W 133 -23.55 27.44 -85.66
C TYR W 133 -23.33 27.06 -84.21
N LEU W 134 -24.01 27.77 -83.29
CA LEU W 134 -23.85 27.50 -81.87
C LEU W 134 -24.57 26.21 -81.49
N THR W 135 -23.97 25.46 -80.57
CA THR W 135 -24.53 24.22 -80.07
C THR W 135 -24.59 24.26 -78.55
N ALA W 136 -25.43 23.39 -77.98
CA ALA W 136 -25.59 23.34 -76.53
C ALA W 136 -24.40 22.68 -75.84
N GLU W 137 -23.55 21.99 -76.58
CA GLU W 137 -22.37 21.36 -75.99
C GLU W 137 -21.34 22.41 -75.60
N LEU W 138 -20.72 22.23 -74.44
CA LEU W 138 -19.67 23.10 -73.98
C LEU W 138 -18.46 22.28 -73.54
N ALA W 139 -17.33 22.96 -73.42
CA ALA W 139 -16.08 22.30 -73.08
C ALA W 139 -15.15 23.31 -72.41
N GLU W 140 -14.22 22.80 -71.62
CA GLU W 140 -13.24 23.62 -70.93
C GLU W 140 -11.97 23.69 -71.75
N LEU W 141 -11.40 24.88 -71.88
CA LEU W 141 -10.29 25.17 -72.76
C LEU W 141 -9.02 25.45 -71.96
N GLN W 142 -7.89 25.40 -72.65
CA GLN W 142 -6.59 25.71 -72.09
C GLN W 142 -5.98 26.88 -72.87
N LEU W 143 -5.31 27.78 -72.15
CA LEU W 143 -4.84 29.01 -72.79
C LEU W 143 -3.66 28.77 -73.71
N PHE W 144 -2.96 27.64 -73.59
CA PHE W 144 -1.83 27.46 -74.50
C PHE W 144 -2.26 27.10 -75.91
N ASN W 145 -3.55 27.11 -76.22
CA ASN W 145 -4.05 26.90 -77.57
C ASN W 145 -4.70 28.14 -78.17
N PHE W 146 -4.77 29.24 -77.42
CA PHE W 146 -5.45 30.45 -77.86
C PHE W 146 -4.70 31.11 -79.01
N ILE W 147 -5.45 31.66 -79.98
CA ILE W 147 -4.80 32.44 -81.03
C ILE W 147 -5.18 33.91 -80.87
N ARG W 148 -6.43 34.24 -81.15
CA ARG W 148 -6.91 35.61 -81.07
C ARG W 148 -8.38 35.59 -80.67
N VAL W 149 -8.95 36.77 -80.48
CA VAL W 149 -10.38 36.87 -80.29
C VAL W 149 -11.09 36.81 -81.64
N ALA W 150 -12.38 36.50 -81.62
CA ALA W 150 -13.14 36.31 -82.84
C ALA W 150 -14.02 37.53 -83.10
N ASN W 151 -15.07 37.33 -83.89
CA ASN W 151 -16.00 38.38 -84.32
C ASN W 151 -17.15 37.68 -85.02
N VAL W 152 -18.36 37.79 -84.46
CA VAL W 152 -19.54 37.08 -84.96
C VAL W 152 -20.54 38.11 -85.47
N MET W 153 -21.02 37.90 -86.69
CA MET W 153 -22.02 38.78 -87.30
C MET W 153 -23.34 38.03 -87.49
N ASP W 154 -24.36 38.79 -87.86
CA ASP W 154 -25.71 38.27 -88.04
C ASP W 154 -26.01 38.02 -89.51
N LYS W 157 -26.38 41.93 -91.23
CA LYS W 157 -25.28 42.90 -91.24
C LYS W 157 -24.08 42.34 -91.99
N TRP W 158 -24.01 41.01 -92.09
CA TRP W 158 -22.89 40.38 -92.79
C TRP W 158 -22.95 40.66 -94.28
N GLU W 159 -24.15 40.70 -94.86
CA GLU W 159 -24.27 41.00 -96.28
C GLU W 159 -23.89 42.46 -96.57
N VAL W 160 -24.20 43.37 -95.64
CA VAL W 160 -23.82 44.77 -95.82
C VAL W 160 -22.31 44.92 -95.70
N LEU W 161 -21.68 44.14 -94.83
CA LEU W 161 -20.23 44.20 -94.68
C LEU W 161 -19.53 43.65 -95.92
N LYS W 162 -20.11 42.64 -96.56
CA LYS W 162 -19.53 42.04 -97.75
C LYS W 162 -19.47 43.04 -98.91
N VAL W 165 -13.67 41.96 -95.60
CA VAL W 165 -13.76 40.70 -94.88
C VAL W 165 -12.37 40.20 -94.50
N ASP W 166 -12.24 39.69 -93.27
CA ASP W 166 -10.98 39.14 -92.80
C ASP W 166 -11.13 37.64 -92.58
N PRO W 167 -10.20 36.84 -93.12
CA PRO W 167 -10.39 35.37 -93.08
C PRO W 167 -10.07 34.75 -91.73
N GLU W 168 -9.27 35.40 -90.90
CA GLU W 168 -8.82 34.82 -89.64
C GLU W 168 -9.56 35.33 -88.41
N ARG W 169 -10.50 36.28 -88.57
CA ARG W 169 -11.21 36.79 -87.39
C ARG W 169 -12.57 37.33 -87.70
N ASP W 170 -13.25 36.95 -88.78
CA ASP W 170 -14.60 37.38 -89.08
C ASP W 170 -15.44 36.16 -89.42
N PHE W 171 -16.57 36.01 -88.73
CA PHE W 171 -17.47 34.90 -88.97
C PHE W 171 -18.91 35.38 -88.79
N THR W 172 -19.86 34.53 -89.14
CA THR W 172 -21.28 34.87 -89.06
C THR W 172 -22.07 33.67 -88.55
N VAL W 173 -23.09 33.95 -87.74
CA VAL W 173 -23.96 32.90 -87.21
C VAL W 173 -25.41 33.26 -87.51
N ARG W 174 -26.06 32.43 -88.32
CA ARG W 174 -27.47 32.59 -88.64
C ARG W 174 -28.38 31.62 -87.92
N TYR W 175 -27.86 30.44 -87.53
CA TYR W 175 -28.70 29.42 -86.92
C TYR W 175 -28.01 28.81 -85.70
N ILE W 176 -28.80 28.10 -84.90
CA ILE W 176 -28.33 27.34 -83.75
C ILE W 176 -28.90 25.94 -83.86
N CYS W 177 -28.07 24.92 -83.62
CA CYS W 177 -28.45 23.54 -83.87
C CYS W 177 -27.82 22.63 -82.82
N GLU W 178 -28.15 21.35 -82.89
CA GLU W 178 -27.50 20.36 -82.04
C GLU W 178 -26.18 19.93 -82.66
N PRO W 179 -25.27 19.34 -81.86
CA PRO W 179 -23.96 18.95 -82.41
C PRO W 179 -24.04 17.91 -83.52
N THR W 180 -25.13 17.16 -83.63
CA THR W 180 -25.24 16.16 -84.68
C THR W 180 -25.50 16.75 -86.06
N GLY W 181 -25.77 18.05 -86.14
CA GLY W 181 -26.12 18.65 -87.41
C GLY W 181 -27.57 18.43 -87.79
N GLU W 182 -28.48 18.56 -86.83
CA GLU W 182 -29.91 18.43 -87.09
C GLU W 182 -30.66 19.56 -86.38
N LYS W 183 -31.96 19.67 -86.70
CA LYS W 183 -32.88 20.57 -86.01
C LYS W 183 -32.39 22.01 -85.99
N PHE W 184 -31.85 22.48 -87.12
CA PHE W 184 -31.36 23.85 -87.20
C PHE W 184 -32.50 24.83 -86.97
N VAL W 185 -32.20 25.91 -86.26
CA VAL W 185 -33.18 26.93 -85.92
C VAL W 185 -32.53 28.30 -86.06
N ASP W 186 -33.19 29.19 -86.78
CA ASP W 186 -32.65 30.52 -87.04
C ASP W 186 -33.01 31.47 -85.88
N ILE W 187 -31.99 32.02 -85.24
CA ILE W 187 -32.19 32.95 -84.14
C ILE W 187 -31.08 33.98 -84.17
N ASN W 188 -31.41 35.20 -83.74
CA ASN W 188 -30.43 36.27 -83.72
C ASN W 188 -29.32 35.95 -82.72
N ILE W 189 -28.10 36.40 -83.03
CA ILE W 189 -26.92 36.02 -82.26
C ILE W 189 -26.63 37.04 -81.16
N GLU W 190 -26.88 38.32 -81.41
CA GLU W 190 -26.46 39.36 -80.47
C GLU W 190 -27.24 39.29 -79.16
N ASP W 191 -28.52 38.94 -79.24
CA ASP W 191 -29.31 38.65 -78.05
C ASP W 191 -28.61 37.58 -77.19
N VAL W 192 -28.22 36.47 -77.82
CA VAL W 192 -27.57 35.38 -77.09
C VAL W 192 -26.24 35.84 -76.52
N LYS W 193 -25.56 36.74 -77.25
CA LYS W 193 -24.30 37.27 -76.76
C LYS W 193 -24.50 38.06 -75.48
N ALA W 194 -25.57 38.86 -75.42
CA ALA W 194 -25.84 39.62 -74.20
C ALA W 194 -26.39 38.72 -73.10
N TYR W 195 -27.08 37.65 -73.48
CA TYR W 195 -27.75 36.75 -72.55
C TYR W 195 -26.75 35.84 -71.84
N ILE W 196 -25.71 35.42 -72.55
CA ILE W 196 -24.63 34.67 -71.92
C ILE W 196 -23.92 35.55 -70.91
N LYS W 197 -23.74 36.84 -71.23
CA LYS W 197 -23.13 37.77 -70.30
C LYS W 197 -24.07 38.19 -69.18
N LYS W 198 -25.35 37.81 -69.26
CA LYS W 198 -26.32 38.26 -68.29
C LYS W 198 -26.68 37.17 -67.28
N VAL W 199 -27.40 36.14 -67.72
CA VAL W 199 -27.93 35.15 -66.80
C VAL W 199 -26.86 34.13 -66.43
N GLU W 200 -27.13 33.38 -65.36
CA GLU W 200 -26.19 32.38 -64.87
C GLU W 200 -25.98 31.29 -65.91
N PRO W 201 -24.83 30.61 -65.88
CA PRO W 201 -24.61 29.50 -66.82
C PRO W 201 -25.59 28.36 -66.63
N ARG W 202 -25.94 28.05 -65.38
CA ARG W 202 -26.88 26.97 -65.10
C ARG W 202 -28.19 27.15 -65.83
N GLU W 203 -28.60 28.39 -66.08
CA GLU W 203 -29.87 28.68 -66.75
C GLU W 203 -29.69 28.83 -68.25
N ALA W 204 -28.65 29.54 -68.68
CA ALA W 204 -28.40 29.75 -70.10
C ALA W 204 -28.14 28.44 -70.84
N GLN W 205 -27.41 27.51 -70.22
CA GLN W 205 -27.11 26.24 -70.88
C GLN W 205 -28.39 25.48 -71.20
N GLU W 206 -29.28 25.34 -70.21
CA GLU W 206 -30.52 24.62 -70.45
C GLU W 206 -31.45 25.40 -71.37
N TYR W 207 -31.43 26.74 -71.31
CA TYR W 207 -32.22 27.52 -72.25
C TYR W 207 -31.79 27.23 -73.69
N LEU W 208 -30.47 27.24 -73.94
CA LEU W 208 -29.99 26.89 -75.27
C LEU W 208 -30.23 25.43 -75.60
N LYS W 209 -30.34 24.57 -74.59
CA LYS W 209 -30.62 23.16 -74.84
C LYS W 209 -32.05 22.96 -75.34
N ASP W 210 -33.02 23.62 -74.71
CA ASP W 210 -34.42 23.42 -75.11
C ASP W 210 -34.79 24.17 -76.39
N LEU W 211 -33.92 25.04 -76.89
CA LEU W 211 -34.20 25.71 -78.16
C LEU W 211 -34.10 24.76 -79.36
N THR W 212 -33.70 23.53 -79.14
CA THR W 212 -33.48 22.60 -80.23
C THR W 212 -34.10 21.23 -79.93
C ACE X 1 -16.95 -5.86 -6.55
O ACE X 1 -16.55 -4.91 -5.88
CH3 ACE X 1 -18.37 -6.34 -6.47
N ALA X 2 -16.18 -6.53 -7.40
CA ALA X 2 -14.78 -6.19 -7.63
C ALA X 2 -14.63 -5.19 -8.76
N LYS X 3 -13.55 -4.42 -8.75
CA LYS X 3 -13.34 -3.38 -9.74
C LYS X 3 -12.54 -3.87 -10.95
N THR X 4 -11.34 -4.39 -10.71
CA THR X 4 -10.46 -4.75 -11.81
C THR X 4 -10.17 -6.25 -11.86
N LEU X 5 -9.05 -6.61 -12.48
CA LEU X 5 -8.69 -8.00 -12.72
C LEU X 5 -8.41 -8.75 -11.42
N LYS X 6 -7.21 -8.58 -10.86
CA LYS X 6 -6.84 -9.24 -9.61
C LYS X 6 -7.54 -8.58 -8.42
N ASP X 7 -8.87 -8.68 -8.42
CA ASP X 7 -9.68 -8.08 -7.37
C ASP X 7 -10.76 -9.05 -6.91
N GLN X 9 -10.70 -13.62 -6.46
CA GLN X 9 -10.17 -14.88 -6.97
C GLN X 9 -10.98 -16.06 -6.45
N GLY X 10 -11.38 -15.98 -5.17
CA GLY X 10 -12.19 -17.04 -4.60
C GLY X 10 -13.60 -17.09 -5.13
N TRP X 11 -14.11 -15.94 -5.58
CA TRP X 11 -15.46 -15.89 -6.12
C TRP X 11 -15.50 -16.36 -7.57
N GLU X 12 -16.66 -16.84 -7.96
CA GLU X 12 -16.89 -17.29 -9.33
C GLU X 12 -18.22 -16.76 -9.81
N ILE X 13 -18.34 -16.61 -11.13
CA ILE X 13 -19.53 -16.03 -11.76
C ILE X 13 -20.25 -17.17 -12.47
N ILE X 14 -21.23 -17.75 -11.79
CA ILE X 14 -22.07 -18.77 -12.40
C ILE X 14 -23.18 -18.10 -13.24
N THR X 15 -23.64 -18.80 -14.25
CA THR X 15 -24.56 -18.23 -15.22
C THR X 15 -25.72 -19.18 -15.48
N THR X 16 -26.82 -18.60 -15.96
CA THR X 16 -27.99 -19.38 -16.34
C THR X 16 -28.79 -18.54 -17.33
N ASP X 17 -29.85 -19.14 -17.88
CA ASP X 17 -30.76 -18.43 -18.79
C ASP X 17 -32.14 -18.35 -18.21
N GLU X 18 -32.86 -19.48 -18.06
CA GLU X 18 -34.14 -19.51 -17.37
C GLU X 18 -33.96 -20.10 -15.98
N GLN X 19 -33.74 -21.42 -15.91
CA GLN X 19 -33.48 -22.09 -14.64
C GLN X 19 -32.38 -23.14 -14.74
N GLY X 20 -31.64 -23.17 -15.84
CA GLY X 20 -30.58 -24.16 -16.03
C GLY X 20 -29.24 -23.50 -16.29
N ASN X 21 -28.18 -24.13 -15.79
CA ASN X 21 -26.83 -23.59 -15.88
C ASN X 21 -26.16 -24.01 -17.19
N ILE X 22 -24.95 -23.52 -17.41
CA ILE X 22 -24.15 -23.87 -18.58
C ILE X 22 -22.75 -24.30 -18.14
N ARG X 29 -23.12 -18.01 -26.19
CA ARG X 29 -22.41 -16.96 -26.91
C ARG X 29 -23.38 -15.99 -27.58
N LEU X 30 -24.20 -16.51 -28.48
CA LEU X 30 -25.13 -15.70 -29.25
C LEU X 30 -26.42 -15.44 -28.47
N ARG X 31 -27.15 -14.42 -28.91
CA ARG X 31 -28.40 -14.03 -28.25
C ARG X 31 -29.49 -15.07 -28.47
N THR X 37 -30.95 -14.34 -20.18
CA THR X 37 -29.80 -14.87 -19.45
C THR X 37 -29.46 -14.00 -18.24
N GLU X 38 -29.26 -14.66 -17.10
CA GLU X 38 -28.91 -13.99 -15.85
C GLU X 38 -27.66 -14.63 -15.27
N HIS X 39 -27.06 -13.94 -14.31
CA HIS X 39 -25.81 -14.36 -13.69
C HIS X 39 -25.93 -14.26 -12.18
N TYR X 40 -25.08 -15.00 -11.48
CA TYR X 40 -24.98 -14.90 -10.03
C TYR X 40 -23.55 -15.18 -9.62
N LEU X 41 -23.23 -14.84 -8.37
CA LEU X 41 -21.89 -15.00 -7.83
C LEU X 41 -21.91 -16.08 -6.75
N LYS X 42 -20.91 -16.96 -6.79
CA LYS X 42 -20.81 -18.06 -5.84
C LYS X 42 -19.38 -18.19 -5.32
N SER X 45 -15.39 -21.26 -1.87
CA SER X 45 -14.94 -21.78 -0.58
C SER X 45 -16.12 -22.00 0.36
N ASP X 46 -17.05 -21.04 0.37
CA ASP X 46 -18.23 -21.13 1.23
C ASP X 46 -19.41 -21.83 0.58
N GLY X 47 -19.46 -21.87 -0.75
CA GLY X 47 -20.54 -22.54 -1.45
C GLY X 47 -21.90 -21.94 -1.21
N ILE X 48 -22.07 -20.66 -1.54
CA ILE X 48 -23.33 -19.96 -1.36
C ILE X 48 -23.71 -19.30 -2.69
N LYS X 49 -24.98 -18.91 -2.79
CA LYS X 49 -25.53 -18.28 -3.99
C LYS X 49 -25.93 -16.84 -3.68
N LEU X 50 -25.43 -15.91 -4.48
CA LEU X 50 -25.83 -14.51 -4.39
C LEU X 50 -26.58 -14.11 -5.66
N GLY X 51 -27.76 -14.69 -5.82
CA GLY X 51 -28.63 -14.33 -6.93
C GLY X 51 -29.44 -13.10 -6.61
N ARG X 52 -30.48 -12.88 -7.42
CA ARG X 52 -31.37 -11.74 -7.22
C ARG X 52 -32.38 -12.06 -6.11
N GLY X 53 -32.71 -11.05 -5.32
CA GLY X 53 -33.67 -11.19 -4.25
C GLY X 53 -33.07 -11.56 -2.91
N ASP X 54 -31.95 -12.29 -2.90
CA ASP X 54 -31.35 -12.73 -1.65
C ASP X 54 -30.67 -11.56 -0.97
N SER X 55 -31.10 -11.25 0.25
CA SER X 55 -30.52 -10.15 0.99
C SER X 55 -29.17 -10.54 1.56
N VAL X 56 -28.30 -9.54 1.74
CA VAL X 56 -26.93 -9.77 2.19
C VAL X 56 -26.64 -8.85 3.35
N VAL X 57 -25.71 -9.28 4.20
CA VAL X 57 -25.30 -8.55 5.39
C VAL X 57 -23.98 -7.86 5.06
N MET X 58 -23.95 -6.54 5.24
CA MET X 58 -22.82 -5.72 4.85
C MET X 58 -22.38 -4.88 6.04
N HIS X 59 -21.08 -4.84 6.28
CA HIS X 59 -20.51 -4.01 7.35
C HIS X 59 -20.40 -2.58 6.85
N ASN X 60 -21.41 -1.78 7.17
CA ASN X 60 -21.45 -0.38 6.74
C ASN X 60 -20.27 0.39 7.31
N GLU X 61 -19.31 0.75 6.45
CA GLU X 61 -18.12 1.45 6.92
C GLU X 61 -18.46 2.81 7.51
N ALA X 62 -19.47 3.48 6.96
CA ALA X 62 -19.88 4.78 7.48
C ALA X 62 -20.76 4.61 8.72
N VAL X 68 -28.26 -3.93 5.90
CA VAL X 68 -28.87 -5.06 5.21
C VAL X 68 -29.32 -4.66 3.82
N TYR X 69 -28.66 -5.20 2.80
CA TYR X 69 -28.94 -4.91 1.41
C TYR X 69 -29.59 -6.12 0.74
N MET X 70 -30.45 -5.85 -0.23
CA MET X 70 -31.14 -6.90 -0.99
C MET X 70 -30.64 -6.86 -2.44
N ILE X 71 -29.91 -7.90 -2.83
CA ILE X 71 -29.28 -7.93 -4.15
C ILE X 71 -30.33 -7.75 -5.23
N GLN X 72 -30.14 -6.74 -6.08
CA GLN X 72 -31.09 -6.37 -7.11
C GLN X 72 -30.60 -6.68 -8.51
N GLU X 73 -29.40 -6.22 -8.87
CA GLU X 73 -28.84 -6.41 -10.20
C GLU X 73 -27.35 -6.66 -10.11
N LEU X 74 -26.85 -7.42 -11.08
CA LEU X 74 -25.42 -7.75 -11.18
C LEU X 74 -24.91 -7.20 -12.51
N ARG X 75 -24.30 -6.01 -12.46
CA ARG X 75 -23.71 -5.41 -13.64
C ARG X 75 -22.35 -6.05 -13.93
N LEU X 76 -22.17 -6.52 -15.15
CA LEU X 76 -20.94 -7.22 -15.56
C LEU X 76 -20.15 -6.35 -16.51
N ASN X 77 -18.87 -6.13 -16.19
CA ASN X 77 -17.93 -5.44 -17.07
C ASN X 77 -18.36 -4.01 -17.38
N THR X 78 -18.19 -3.09 -16.44
CA THR X 78 -18.40 -1.68 -16.69
C THR X 78 -17.09 -1.05 -17.15
N ILE X 79 -17.10 0.26 -17.34
CA ILE X 79 -15.94 0.98 -17.85
C ILE X 79 -15.00 1.34 -16.71
N ASN X 80 -15.28 0.82 -15.52
CA ASN X 80 -14.39 0.97 -14.37
C ASN X 80 -14.37 -0.29 -13.54
N ASN X 81 -15.54 -0.72 -13.06
CA ASN X 81 -15.64 -1.94 -12.26
C ASN X 81 -15.94 -3.13 -13.15
N VAL X 82 -15.32 -4.26 -12.84
CA VAL X 82 -15.59 -5.48 -13.59
C VAL X 82 -16.90 -6.12 -13.13
N VAL X 83 -17.28 -5.93 -11.87
CA VAL X 83 -18.53 -6.43 -11.33
C VAL X 83 -19.10 -5.38 -10.40
N GLU X 84 -20.34 -4.96 -10.64
CA GLU X 84 -21.06 -4.03 -9.78
C GLU X 84 -22.26 -4.75 -9.20
N LEU X 85 -22.32 -4.82 -7.87
CA LEU X 85 -23.42 -5.49 -7.17
C LEU X 85 -24.38 -4.42 -6.70
N TRP X 86 -25.43 -4.16 -7.49
CA TRP X 86 -26.45 -3.19 -7.15
C TRP X 86 -27.53 -3.85 -6.30
N ALA X 87 -27.83 -3.26 -5.15
CA ALA X 87 -28.77 -3.82 -4.20
C ALA X 87 -29.70 -2.73 -3.71
N LEU X 88 -30.77 -3.15 -3.05
CA LEU X 88 -31.70 -2.24 -2.40
C LEU X 88 -31.21 -1.89 -0.99
N THR X 89 -31.82 -0.88 -0.40
CA THR X 89 -31.41 -0.36 0.90
C THR X 89 -32.53 -0.54 1.91
N TYR X 90 -32.15 -0.91 3.14
CA TYR X 90 -33.13 -1.13 4.21
C TYR X 90 -32.92 -0.12 5.34
N GLU X 137 -34.94 2.72 -2.59
CA GLU X 137 -33.60 3.26 -2.84
C GLU X 137 -32.61 2.13 -3.10
N LEU X 138 -31.64 2.38 -3.98
CA LEU X 138 -30.63 1.40 -4.33
C LEU X 138 -29.24 2.00 -4.21
N ALA X 139 -28.25 1.11 -4.18
CA ALA X 139 -26.85 1.49 -4.16
C ALA X 139 -26.03 0.33 -4.71
N GLU X 140 -24.71 0.48 -4.69
CA GLU X 140 -23.81 -0.57 -5.13
C GLU X 140 -22.81 -0.89 -4.03
N LEU X 141 -22.54 -2.18 -3.85
CA LEU X 141 -21.75 -2.67 -2.73
C LEU X 141 -20.39 -3.17 -3.19
N GLN X 142 -19.53 -3.44 -2.21
CA GLN X 142 -18.19 -3.95 -2.43
C GLN X 142 -18.04 -5.28 -1.69
N LEU X 143 -17.51 -6.29 -2.39
CA LEU X 143 -17.50 -7.64 -1.83
C LEU X 143 -16.58 -7.77 -0.62
N PHE X 144 -15.54 -6.93 -0.52
CA PHE X 144 -14.60 -7.04 0.60
C PHE X 144 -15.17 -6.51 1.91
N ASN X 145 -16.46 -6.20 1.97
CA ASN X 145 -17.15 -5.85 3.21
C ASN X 145 -18.31 -6.78 3.49
N PHE X 146 -18.33 -7.96 2.88
CA PHE X 146 -19.41 -8.91 3.08
C PHE X 146 -19.23 -9.69 4.38
N ILE X 147 -20.35 -10.17 4.92
CA ILE X 147 -20.35 -10.94 6.17
C ILE X 147 -21.23 -12.17 5.99
N ARG X 169 -29.17 -12.89 11.48
CA ARG X 169 -29.41 -13.72 10.31
C ARG X 169 -30.89 -13.75 9.94
N ASP X 170 -31.75 -13.77 10.97
CA ASP X 170 -33.18 -13.83 10.78
C ASP X 170 -33.78 -12.43 10.89
N PHE X 171 -34.54 -12.05 9.87
CA PHE X 171 -35.21 -10.75 9.84
C PHE X 171 -36.57 -10.92 9.16
N THR X 172 -37.35 -9.85 9.18
CA THR X 172 -38.68 -9.87 8.58
C THR X 172 -39.10 -8.45 8.26
N VAL X 173 -39.93 -8.32 7.21
CA VAL X 173 -40.41 -7.01 6.77
C VAL X 173 -41.91 -7.08 6.48
N ILE X 189 -43.51 -9.82 1.39
CA ILE X 189 -42.06 -9.83 1.38
C ILE X 189 -41.53 -10.85 0.37
N GLU X 190 -41.94 -12.12 0.55
CA GLU X 190 -41.47 -13.18 -0.35
C GLU X 190 -41.91 -12.92 -1.79
N ASP X 191 -43.14 -12.45 -1.98
CA ASP X 191 -43.62 -12.17 -3.33
C ASP X 191 -42.84 -11.05 -3.98
N VAL X 192 -42.41 -10.06 -3.20
CA VAL X 192 -41.58 -8.97 -3.73
C VAL X 192 -40.24 -9.51 -4.19
N LYS X 193 -39.65 -10.43 -3.43
CA LYS X 193 -38.41 -11.08 -3.84
C LYS X 193 -38.60 -11.88 -5.13
N ALA X 194 -39.72 -12.59 -5.23
CA ALA X 194 -39.99 -13.36 -6.44
C ALA X 194 -40.12 -12.43 -7.65
N TYR X 195 -40.82 -11.31 -7.48
CA TYR X 195 -40.94 -10.33 -8.56
C TYR X 195 -39.59 -9.75 -8.94
N ILE X 196 -38.73 -9.50 -7.93
CA ILE X 196 -37.39 -8.98 -8.21
C ILE X 196 -36.59 -10.00 -9.03
N LYS X 197 -36.71 -11.28 -8.68
CA LYS X 197 -36.00 -12.32 -9.42
C LYS X 197 -36.63 -12.61 -10.79
N LYS X 198 -37.87 -12.19 -11.01
CA LYS X 198 -38.58 -12.50 -12.26
C LYS X 198 -38.33 -11.45 -13.36
N VAL X 199 -38.53 -10.18 -13.05
CA VAL X 199 -38.52 -9.13 -14.06
C VAL X 199 -37.21 -8.33 -13.96
N GLU X 200 -37.01 -7.42 -14.93
CA GLU X 200 -35.80 -6.64 -15.02
C GLU X 200 -35.71 -5.64 -13.86
N PRO X 201 -34.49 -5.16 -13.53
CA PRO X 201 -34.31 -4.33 -12.33
C PRO X 201 -34.99 -2.98 -12.36
N ARG X 202 -34.86 -2.22 -13.46
CA ARG X 202 -35.33 -0.84 -13.48
C ARG X 202 -36.85 -0.76 -13.33
N GLU X 203 -37.58 -1.71 -13.93
CA GLU X 203 -39.04 -1.71 -13.80
C GLU X 203 -39.46 -1.91 -12.36
N ALA X 204 -38.85 -2.90 -11.68
CA ALA X 204 -39.16 -3.12 -10.27
C ALA X 204 -38.75 -1.93 -9.42
N GLN X 205 -37.64 -1.29 -9.76
CA GLN X 205 -37.22 -0.09 -9.04
C GLN X 205 -38.26 1.01 -9.13
N GLU X 206 -38.70 1.33 -10.36
CA GLU X 206 -39.72 2.36 -10.53
C GLU X 206 -41.05 1.95 -9.92
N TYR X 207 -41.33 0.64 -9.85
CA TYR X 207 -42.56 0.19 -9.21
C TYR X 207 -42.51 0.40 -7.69
N LEU X 208 -41.38 0.05 -7.08
CA LEU X 208 -41.22 0.23 -5.64
C LEU X 208 -40.94 1.69 -5.26
N LYS X 209 -40.67 2.57 -6.22
CA LYS X 209 -40.27 3.93 -5.87
C LYS X 209 -41.45 4.87 -5.61
N ASP X 210 -42.66 4.52 -6.07
CA ASP X 210 -43.80 5.43 -6.04
C ASP X 210 -44.58 5.37 -4.73
N LEU X 211 -43.94 4.99 -3.62
CA LEU X 211 -44.60 4.92 -2.33
C LEU X 211 -44.99 6.31 -1.81
#